data_5GK1
#
_entry.id   5GK1
#
_cell.length_a   63.290
_cell.length_b   127.640
_cell.length_c   107.890
_cell.angle_alpha   90.00
_cell.angle_beta   91.55
_cell.angle_gamma   90.00
#
_symmetry.space_group_name_H-M   'P 1 21 1'
#
loop_
_entity.id
_entity.type
_entity.pdbx_description
1 polymer 'Ketosynthase StlD'
2 non-polymer '3-OXO-5-METHYLHEXANOIC ACID'
3 water water
#
_entity_poly.entity_id   1
_entity_poly.type   'polypeptide(L)'
_entity_poly.pdbx_seq_one_letter_code
;MGSSHHHHHHSSGLVPRGSHMSNNVYITKVSAFMPGNPIDNNTMESVLGFVGGRPSRSRHIVLRNNGIKYRHYALDPETG
EATYTSAQLAAEAVKGLVDEHFSLDDMQSLAASSGTSDQIIPGHGVMVHGELKNKPCEVISTSGACAAGMTAMKYAYLSV
LSGATSNAVSTTSEVPSTVLHARNFQSENEARVAELERRPEIAFEKDFLRWMLSDGAGAALLENKPRPDGVSLRIDWIDI
YSFANEQETCMYSGGEKLADGSLKGWAQMSQADWLAYSVFCIKQDVRYLNERVVKFTLTEPLRRIVADRNLSSESIDWFL
PHYSSEYFRMKFSEGLDDINFSIEQERWFTNLTVKGNTGSASIYIMLDELMKSGKLKKDQRLLCFIPESARFTGAFMHLT
VV
;
_entity_poly.pdbx_strand_id   A,B,C,D
#
loop_
_chem_comp.id
_chem_comp.type
_chem_comp.name
_chem_comp.formula
2K3 non-polymer '3-OXO-5-METHYLHEXANOIC ACID' 'C7 H12 O3'
#
# COMPACT_ATOMS: atom_id res chain seq x y z
N ASN A 24 0.00 30.71 38.49
CA ASN A 24 0.36 30.56 37.07
C ASN A 24 1.79 30.02 36.80
N VAL A 25 2.00 29.48 35.59
CA VAL A 25 3.28 28.92 35.15
C VAL A 25 3.65 29.52 33.80
N TYR A 26 4.93 29.88 33.66
CA TYR A 26 5.43 30.52 32.46
C TYR A 26 6.65 29.77 31.96
N ILE A 27 6.66 29.46 30.67
CA ILE A 27 7.89 29.00 30.02
C ILE A 27 8.76 30.22 29.77
N THR A 28 9.86 30.35 30.51
CA THR A 28 10.67 31.54 30.40
C THR A 28 11.93 31.32 29.57
N LYS A 29 12.30 30.07 29.31
CA LYS A 29 13.45 29.79 28.48
C LYS A 29 13.23 28.42 27.83
N VAL A 30 13.53 28.34 26.54
CA VAL A 30 13.55 27.09 25.80
C VAL A 30 14.93 26.94 25.18
N SER A 31 15.40 25.68 25.08
CA SER A 31 16.70 25.35 24.53
C SER A 31 16.58 24.16 23.59
N ALA A 32 17.35 24.17 22.51
CA ALA A 32 17.39 23.04 21.59
C ALA A 32 18.84 22.67 21.32
N PHE A 33 19.13 21.38 21.21
CA PHE A 33 20.46 20.93 20.86
C PHE A 33 20.40 19.89 19.75
N MET A 34 20.94 20.24 18.58
CA MET A 34 21.02 19.31 17.47
C MET A 34 22.43 18.77 17.36
N PRO A 35 22.66 17.46 17.44
CA PRO A 35 24.03 16.93 17.42
C PRO A 35 24.67 17.05 16.05
N GLY A 36 25.89 17.57 16.02
CA GLY A 36 26.63 17.64 14.77
C GLY A 36 25.97 18.53 13.71
N ASN A 37 26.38 18.28 12.44
CA ASN A 37 25.99 18.99 11.23
C ASN A 37 24.75 18.36 10.59
N PRO A 38 23.90 19.19 9.98
CA PRO A 38 22.76 18.67 9.23
C PRO A 38 23.22 17.65 8.19
N ILE A 39 22.47 16.57 8.06
CA ILE A 39 22.85 15.46 7.17
C ILE A 39 21.77 15.30 6.12
N ASP A 40 22.17 15.35 4.84
CA ASP A 40 21.20 15.42 3.75
C ASP A 40 20.78 14.02 3.31
N ASN A 41 19.82 13.99 2.37
CA ASN A 41 19.22 12.73 1.94
C ASN A 41 20.22 11.80 1.29
N ASN A 42 21.22 12.36 0.61
CA ASN A 42 22.19 11.50 -0.07
C ASN A 42 23.21 10.92 0.88
N THR A 43 23.47 11.58 2.00
CA THR A 43 24.51 11.19 2.93
C THR A 43 24.00 10.32 4.07
N MET A 44 22.67 10.28 4.28
CA MET A 44 22.16 9.70 5.50
C MET A 44 22.44 8.20 5.59
N GLU A 45 22.30 7.48 4.48
CA GLU A 45 22.48 6.04 4.56
C GLU A 45 23.94 5.67 4.84
N SER A 46 24.89 6.50 4.40
CA SER A 46 26.28 6.22 4.71
C SER A 46 26.56 6.38 6.20
N VAL A 47 25.75 7.19 6.89
CA VAL A 47 25.91 7.34 8.33
C VAL A 47 25.23 6.19 9.08
N LEU A 48 24.06 5.74 8.60
CA LEU A 48 23.31 4.67 9.26
C LEU A 48 23.71 3.28 8.79
N GLY A 49 24.48 3.17 7.71
CA GLY A 49 25.03 1.89 7.28
C GLY A 49 24.09 1.04 6.44
N PHE A 50 24.69 0.10 5.71
CA PHE A 50 23.96 -0.90 4.94
C PHE A 50 23.73 -2.14 5.78
N VAL A 51 22.54 -2.71 5.67
CA VAL A 51 22.27 -4.04 6.21
C VAL A 51 22.60 -5.07 5.15
N GLY A 52 23.46 -6.03 5.47
CA GLY A 52 23.82 -7.07 4.54
C GLY A 52 24.56 -6.56 3.32
N GLY A 53 25.30 -5.47 3.46
CA GLY A 53 26.04 -4.94 2.35
C GLY A 53 25.21 -4.37 1.21
N ARG A 54 23.94 -4.05 1.44
CA ARG A 54 23.09 -3.51 0.38
C ARG A 54 22.40 -2.24 0.83
N PRO A 55 22.27 -1.23 -0.03
CA PRO A 55 21.45 -0.07 0.32
C PRO A 55 19.99 -0.48 0.47
N SER A 56 19.26 0.27 1.30
CA SER A 56 17.84 -0.05 1.51
C SER A 56 17.03 0.23 0.24
N ARG A 57 16.08 -0.65 -0.05
CA ARG A 57 15.21 -0.46 -1.21
C ARG A 57 14.03 0.45 -0.92
N SER A 58 13.72 0.70 0.36
CA SER A 58 12.60 1.55 0.75
C SER A 58 13.02 3.00 1.03
N ARG A 59 14.32 3.26 1.18
CA ARG A 59 14.78 4.57 1.60
C ARG A 59 14.20 5.67 0.72
N HIS A 60 14.26 5.48 -0.61
CA HIS A 60 13.89 6.55 -1.53
C HIS A 60 12.44 6.96 -1.35
N ILE A 61 11.53 5.98 -1.34
CA ILE A 61 10.11 6.33 -1.27
C ILE A 61 9.76 6.89 0.10
N VAL A 62 10.26 6.26 1.17
CA VAL A 62 10.02 6.75 2.54
C VAL A 62 10.40 8.21 2.64
N LEU A 63 11.58 8.56 2.12
CA LEU A 63 12.04 9.94 2.09
C LEU A 63 11.18 10.79 1.19
N ARG A 64 10.67 10.22 0.10
CA ARG A 64 9.82 11.03 -0.77
C ARG A 64 8.54 11.43 -0.07
N ASN A 65 7.95 10.50 0.70
CA ASN A 65 6.71 10.76 1.40
C ASN A 65 6.90 11.63 2.64
N ASN A 66 8.02 11.48 3.37
CA ASN A 66 8.14 12.25 4.58
C ASN A 66 8.70 13.64 4.33
N GLY A 67 9.34 13.85 3.18
CA GLY A 67 9.70 15.19 2.74
C GLY A 67 10.72 15.85 3.62
N ILE A 68 11.36 15.10 4.50
CA ILE A 68 12.40 15.64 5.35
C ILE A 68 13.68 15.77 4.53
N LYS A 69 14.33 16.94 4.59
CA LYS A 69 15.52 17.18 3.76
C LYS A 69 16.83 17.20 4.54
N TYR A 70 16.80 17.49 5.84
CA TYR A 70 17.98 17.38 6.69
C TYR A 70 17.58 16.78 8.03
N ARG A 71 18.57 16.22 8.72
CA ARG A 71 18.38 15.70 10.08
C ARG A 71 19.76 15.56 10.72
N HIS A 72 19.77 15.29 12.00
CA HIS A 72 21.01 15.18 12.75
C HIS A 72 21.12 13.79 13.38
N TYR A 73 22.36 13.30 13.53
CA TYR A 73 22.62 12.07 14.25
C TYR A 73 23.75 12.31 15.24
N ALA A 74 23.64 11.67 16.41
CA ALA A 74 24.71 11.68 17.39
C ALA A 74 25.75 10.63 16.99
N LEU A 75 26.22 10.73 15.75
CA LEU A 75 27.20 9.81 15.21
C LEU A 75 28.28 10.64 14.54
N ASP A 76 29.53 10.22 14.71
CA ASP A 76 30.62 10.93 14.05
C ASP A 76 30.63 10.59 12.56
N PRO A 77 30.61 11.58 11.67
CA PRO A 77 30.50 11.26 10.24
C PRO A 77 31.76 10.60 9.71
N GLU A 78 32.90 10.90 10.32
CA GLU A 78 34.19 10.30 9.96
C GLU A 78 34.31 8.90 10.56
N THR A 79 34.29 8.79 11.89
CA THR A 79 34.59 7.54 12.58
C THR A 79 33.36 6.68 12.85
N GLY A 80 32.16 7.26 12.91
CA GLY A 80 30.97 6.48 13.18
C GLY A 80 30.73 6.19 14.65
N GLU A 81 31.58 6.72 15.53
CA GLU A 81 31.42 6.59 16.97
C GLU A 81 30.33 7.52 17.46
N ALA A 82 29.69 7.13 18.56
CA ALA A 82 28.66 7.95 19.17
C ALA A 82 29.27 9.24 19.70
N THR A 83 28.68 10.38 19.33
CA THR A 83 29.17 11.67 19.82
C THR A 83 28.51 12.11 21.11
N TYR A 84 27.30 11.64 21.39
CA TYR A 84 26.58 11.97 22.61
C TYR A 84 25.74 10.76 23.03
N THR A 85 25.75 10.40 24.31
CA THR A 85 24.73 9.49 24.82
C THR A 85 23.40 10.24 24.89
N SER A 86 22.30 9.52 25.15
CA SER A 86 21.04 10.24 25.32
C SER A 86 21.14 11.20 26.49
N ALA A 87 21.77 10.76 27.59
CA ALA A 87 21.92 11.59 28.77
C ALA A 87 22.75 12.85 28.47
N GLN A 88 23.84 12.68 27.71
CA GLN A 88 24.67 13.83 27.32
C GLN A 88 23.91 14.81 26.43
N LEU A 89 23.11 14.30 25.50
CA LEU A 89 22.36 15.17 24.59
C LEU A 89 21.34 16.00 25.36
N ALA A 90 20.62 15.39 26.30
CA ALA A 90 19.70 16.16 27.14
C ALA A 90 20.46 17.15 28.02
N ALA A 91 21.61 16.73 28.57
CA ALA A 91 22.39 17.64 29.40
C ALA A 91 22.82 18.88 28.62
N GLU A 92 23.24 18.69 27.35
CA GLU A 92 23.56 19.83 26.49
C GLU A 92 22.35 20.76 26.36
N ALA A 93 21.17 20.19 26.14
CA ALA A 93 19.96 21.00 26.03
C ALA A 93 19.72 21.78 27.32
N VAL A 94 19.80 21.11 28.48
CA VAL A 94 19.55 21.78 29.76
C VAL A 94 20.54 22.92 29.99
N LYS A 95 21.82 22.70 29.64
CA LYS A 95 22.82 23.76 29.78
C LYS A 95 22.51 24.97 28.91
N GLY A 96 21.75 24.81 27.84
CA GLY A 96 21.34 25.96 27.06
C GLY A 96 20.33 26.87 27.74
N LEU A 97 19.72 26.42 28.83
CA LEU A 97 18.78 27.24 29.57
C LEU A 97 19.49 28.26 30.44
N VAL A 98 20.81 28.14 30.59
CA VAL A 98 21.58 28.90 31.58
C VAL A 98 21.87 30.30 31.04
N ASP A 99 21.54 31.31 31.84
CA ASP A 99 21.93 32.69 31.57
C ASP A 99 22.06 33.41 32.90
N GLU A 100 22.11 34.75 32.85
CA GLU A 100 22.24 35.52 34.10
C GLU A 100 21.01 35.43 34.98
N HIS A 101 19.89 34.89 34.47
CA HIS A 101 18.69 34.73 35.29
C HIS A 101 18.52 33.31 35.83
N PHE A 102 19.32 32.35 35.34
CA PHE A 102 19.18 30.95 35.74
C PHE A 102 20.52 30.23 35.62
N SER A 103 20.99 29.65 36.71
CA SER A 103 22.06 28.68 36.69
C SER A 103 21.51 27.32 37.08
N LEU A 104 22.25 26.26 36.71
CA LEU A 104 21.76 24.90 36.94
C LEU A 104 21.42 24.65 38.40
N ASP A 105 22.15 25.26 39.33
CA ASP A 105 21.89 24.93 40.72
C ASP A 105 20.60 25.57 41.25
N ASP A 106 19.95 26.42 40.46
CA ASP A 106 18.67 27.01 40.85
C ASP A 106 17.48 26.13 40.53
N MET A 107 17.66 25.06 39.76
CA MET A 107 16.52 24.25 39.35
C MET A 107 16.04 23.45 40.54
N GLN A 108 14.74 23.58 40.84
CA GLN A 108 14.15 22.91 41.99
C GLN A 108 13.64 21.53 41.65
N SER A 109 13.47 21.22 40.36
CA SER A 109 13.00 19.92 39.92
C SER A 109 13.40 19.75 38.46
N LEU A 110 13.84 18.53 38.11
CA LEU A 110 14.19 18.17 36.75
C LEU A 110 13.32 16.98 36.34
N ALA A 111 12.58 17.13 35.25
CA ALA A 111 11.78 16.06 34.68
C ALA A 111 12.32 15.78 33.29
N ALA A 112 12.85 14.58 33.09
CA ALA A 112 13.53 14.22 31.86
C ALA A 112 12.88 13.00 31.22
N SER A 113 12.93 12.93 29.89
CA SER A 113 12.41 11.77 29.17
C SER A 113 13.31 11.45 27.98
N SER A 114 13.27 10.19 27.57
CA SER A 114 13.87 9.80 26.30
C SER A 114 13.20 8.53 25.84
N GLY A 115 12.67 8.54 24.61
CA GLY A 115 12.26 7.27 23.99
C GLY A 115 13.41 6.33 23.67
N THR A 116 14.63 6.83 23.73
CA THR A 116 15.85 6.08 23.46
C THR A 116 16.85 6.26 24.59
N SER A 117 16.43 5.99 25.82
CA SER A 117 17.33 6.00 26.96
C SER A 117 18.51 5.07 26.71
N ASP A 118 19.65 5.42 27.32
CA ASP A 118 20.86 4.64 27.10
C ASP A 118 20.76 3.25 27.73
N GLN A 119 19.93 3.10 28.76
CA GLN A 119 19.83 1.89 29.55
C GLN A 119 18.38 1.69 29.96
N ILE A 120 18.09 0.52 30.51
CA ILE A 120 16.75 0.29 31.08
C ILE A 120 16.67 0.78 32.52
N ILE A 121 17.67 0.45 33.33
CA ILE A 121 17.81 0.99 34.68
C ILE A 121 19.23 1.52 34.75
N PRO A 122 19.45 2.72 35.33
CA PRO A 122 18.50 3.65 35.95
C PRO A 122 17.61 4.38 34.96
N GLY A 123 16.66 5.16 35.46
CA GLY A 123 15.91 6.04 34.60
C GLY A 123 16.78 7.10 33.96
N HIS A 124 16.33 7.59 32.81
CA HIS A 124 17.07 8.57 32.03
C HIS A 124 17.43 9.79 32.86
N GLY A 125 16.47 10.30 33.64
CA GLY A 125 16.64 11.57 34.33
C GLY A 125 17.82 11.62 35.26
N VAL A 126 18.00 10.59 36.10
CA VAL A 126 19.14 10.61 37.02
C VAL A 126 20.46 10.45 36.28
N MET A 127 20.44 9.88 35.06
CA MET A 127 21.63 9.87 34.22
C MET A 127 21.89 11.26 33.63
N VAL A 128 20.84 12.01 33.32
CA VAL A 128 21.01 13.41 32.93
C VAL A 128 21.60 14.21 34.10
N HIS A 129 21.10 13.97 35.32
CA HIS A 129 21.62 14.65 36.51
C HIS A 129 23.10 14.34 36.73
N GLY A 130 23.49 13.08 36.54
CA GLY A 130 24.89 12.70 36.68
C GLY A 130 25.80 13.36 35.66
N GLU A 131 25.26 13.67 34.47
CA GLU A 131 26.04 14.40 33.47
C GLU A 131 26.15 15.88 33.80
N LEU A 132 25.06 16.48 34.27
CA LEU A 132 25.07 17.91 34.56
C LEU A 132 25.86 18.23 35.83
N LYS A 133 25.76 17.36 36.83
CA LYS A 133 26.46 17.46 38.10
C LYS A 133 26.05 18.69 38.89
N ASN A 134 24.88 19.27 38.60
CA ASN A 134 24.30 20.26 39.48
C ASN A 134 23.95 19.64 40.83
N LYS A 135 23.69 20.50 41.81
CA LYS A 135 23.59 20.04 43.20
C LYS A 135 22.34 19.20 43.42
N PRO A 136 22.35 18.32 44.42
CA PRO A 136 21.23 17.40 44.62
C PRO A 136 19.87 18.08 44.59
N CYS A 137 18.98 17.57 43.75
CA CYS A 137 17.65 18.12 43.58
C CYS A 137 16.70 16.97 43.23
N GLU A 138 15.41 17.33 43.10
CA GLU A 138 14.43 16.36 42.64
C GLU A 138 14.64 16.06 41.15
N VAL A 139 14.68 14.77 40.82
CA VAL A 139 14.81 14.32 39.44
C VAL A 139 13.77 13.25 39.20
N ILE A 140 12.95 13.44 38.15
CA ILE A 140 11.99 12.42 37.75
C ILE A 140 12.19 12.12 36.27
N SER A 141 11.81 10.90 35.87
CA SER A 141 11.90 10.44 34.48
C SER A 141 10.51 10.00 34.02
N THR A 142 10.10 10.46 32.85
CA THR A 142 8.91 9.92 32.22
C THR A 142 9.32 9.09 31.00
N SER A 143 8.49 8.12 30.64
CA SER A 143 8.82 7.19 29.57
C SER A 143 7.68 7.09 28.56
N GLY A 144 8.04 6.58 27.39
CA GLY A 144 7.14 6.52 26.25
C GLY A 144 7.87 6.95 25.00
N ALA A 145 7.17 7.49 24.02
CA ALA A 145 7.82 7.98 22.82
C ALA A 145 7.59 9.50 22.69
N CYS A 146 6.95 9.92 21.61
CA CYS A 146 6.81 11.36 21.33
C CYS A 146 6.15 12.14 22.45
N ALA A 147 5.14 11.59 23.11
CA ALA A 147 4.42 12.36 24.12
C ALA A 147 5.14 12.38 25.48
N ALA A 148 6.20 11.57 25.65
CA ALA A 148 6.93 11.57 26.92
C ALA A 148 7.57 12.92 27.17
N GLY A 149 7.95 13.64 26.12
CA GLY A 149 8.46 14.99 26.32
C GLY A 149 7.43 15.90 26.95
N MET A 150 6.15 15.70 26.60
CA MET A 150 5.06 16.51 27.13
C MET A 150 4.55 16.01 28.47
N THR A 151 4.69 14.70 28.77
CA THR A 151 4.37 14.29 30.13
C THR A 151 5.44 14.76 31.10
N ALA A 152 6.69 14.83 30.65
CA ALA A 152 7.74 15.41 31.49
C ALA A 152 7.50 16.91 31.67
N MET A 153 7.13 17.61 30.59
CA MET A 153 6.80 19.03 30.75
C MET A 153 5.57 19.24 31.62
N LYS A 154 4.58 18.36 31.55
CA LYS A 154 3.41 18.56 32.40
C LYS A 154 3.75 18.31 33.86
N TYR A 155 4.66 17.37 34.15
CA TYR A 155 5.12 17.25 35.53
C TYR A 155 5.72 18.56 36.02
N ALA A 156 6.62 19.16 35.23
CA ALA A 156 7.24 20.42 35.62
C ALA A 156 6.20 21.50 35.80
N TYR A 157 5.21 21.55 34.91
CA TYR A 157 4.12 22.52 34.99
C TYR A 157 3.27 22.32 36.24
N LEU A 158 2.92 21.07 36.55
CA LEU A 158 2.16 20.84 37.78
C LEU A 158 2.97 21.17 39.02
N SER A 159 4.27 20.96 38.98
CA SER A 159 5.08 21.30 40.14
C SER A 159 5.00 22.79 40.43
N VAL A 160 5.11 23.64 39.39
CA VAL A 160 5.07 25.08 39.59
C VAL A 160 3.66 25.56 39.84
N LEU A 161 2.68 25.03 39.08
CA LEU A 161 1.29 25.43 39.27
C LEU A 161 0.78 25.09 40.66
N SER A 162 1.18 23.93 41.18
CA SER A 162 0.68 23.55 42.49
C SER A 162 1.36 24.34 43.60
N GLY A 163 2.42 25.06 43.29
CA GLY A 163 3.18 25.76 44.29
C GLY A 163 4.27 24.95 44.93
N ALA A 164 4.40 23.67 44.57
CA ALA A 164 5.39 22.81 45.21
C ALA A 164 6.80 23.29 44.94
N THR A 165 7.04 23.86 43.76
CA THR A 165 8.26 24.58 43.44
C THR A 165 7.89 25.91 42.80
N SER A 166 8.84 26.82 42.78
CA SER A 166 8.64 28.07 42.08
C SER A 166 9.24 28.04 40.68
N ASN A 167 10.10 27.06 40.41
CA ASN A 167 10.54 26.77 39.06
C ASN A 167 10.59 25.26 38.87
N ALA A 168 10.83 24.85 37.64
CA ALA A 168 11.06 23.44 37.30
C ALA A 168 11.57 23.37 35.86
N VAL A 169 12.35 22.33 35.58
CA VAL A 169 12.96 22.16 34.26
C VAL A 169 12.46 20.85 33.68
N SER A 170 12.03 20.89 32.42
CA SER A 170 11.72 19.68 31.68
C SER A 170 12.68 19.58 30.50
N THR A 171 13.05 18.35 30.15
CA THR A 171 13.98 18.12 29.06
C THR A 171 13.69 16.76 28.44
N THR A 172 14.01 16.62 27.17
CA THR A 172 13.84 15.35 26.47
C THR A 172 14.94 15.23 25.44
N SER A 173 15.34 14.00 25.15
CA SER A 173 16.43 13.74 24.22
C SER A 173 16.09 12.49 23.43
N GLU A 174 16.49 12.48 22.16
CA GLU A 174 16.27 11.32 21.31
C GLU A 174 17.55 11.05 20.54
N VAL A 175 18.10 9.86 20.71
CA VAL A 175 19.19 9.41 19.85
C VAL A 175 18.78 8.10 19.19
N PRO A 176 17.73 8.05 18.36
CA PRO A 176 17.43 6.79 17.64
C PRO A 176 18.58 6.28 16.78
N SER A 177 19.53 7.14 16.39
CA SER A 177 20.70 6.66 15.66
C SER A 177 21.32 5.43 16.32
N THR A 178 21.29 5.37 17.66
CA THR A 178 21.84 4.21 18.37
C THR A 178 21.22 2.89 17.89
N VAL A 179 19.91 2.90 17.60
CA VAL A 179 19.19 1.67 17.30
C VAL A 179 18.78 1.55 15.83
N LEU A 180 18.88 2.63 15.05
CA LEU A 180 18.62 2.58 13.60
C LEU A 180 19.85 2.24 12.79
N HIS A 181 21.03 2.30 13.39
CA HIS A 181 22.23 1.93 12.66
C HIS A 181 22.15 0.47 12.23
N ALA A 182 22.68 0.18 11.03
CA ALA A 182 22.62 -1.15 10.45
C ALA A 182 23.09 -2.25 11.40
N ARG A 183 23.99 -1.92 12.33
CA ARG A 183 24.51 -2.93 13.25
C ARG A 183 23.42 -3.55 14.10
N ASN A 184 22.29 -2.86 14.25
CA ASN A 184 21.16 -3.37 14.99
C ASN A 184 20.40 -4.44 14.24
N PHE A 185 20.76 -4.71 12.99
CA PHE A 185 20.09 -5.74 12.21
C PHE A 185 21.09 -6.77 11.70
N GLN A 186 22.30 -6.76 12.27
CA GLN A 186 23.39 -7.63 11.83
C GLN A 186 23.01 -9.09 11.98
N SER A 187 22.55 -9.49 13.16
CA SER A 187 22.27 -10.90 13.42
C SER A 187 21.05 -11.39 12.67
N GLU A 188 20.04 -10.52 12.46
CA GLU A 188 18.88 -10.94 11.72
C GLU A 188 19.23 -11.22 10.26
N ASN A 189 20.07 -10.37 9.67
CA ASN A 189 20.54 -10.63 8.31
C ASN A 189 21.27 -11.96 8.25
N GLU A 190 22.09 -12.27 9.25
CA GLU A 190 22.78 -13.57 9.27
C GLU A 190 21.78 -14.71 9.36
N ALA A 191 20.74 -14.54 10.18
CA ALA A 191 19.77 -15.62 10.36
C ALA A 191 18.94 -15.84 9.10
N ARG A 192 18.59 -14.76 8.39
CA ARG A 192 17.84 -14.89 7.15
C ARG A 192 18.70 -15.51 6.06
N VAL A 193 19.97 -15.13 6.00
CA VAL A 193 20.91 -15.78 5.09
C VAL A 193 21.04 -17.27 5.40
N ALA A 194 21.29 -17.60 6.67
CA ALA A 194 21.42 -18.99 7.08
C ALA A 194 20.13 -19.77 6.90
N GLU A 195 18.97 -19.11 6.94
CA GLU A 195 17.71 -19.80 6.72
C GLU A 195 17.40 -19.97 5.24
N LEU A 196 18.26 -19.46 4.35
CA LEU A 196 18.07 -19.60 2.90
C LEU A 196 16.82 -18.87 2.44
N GLU A 197 16.55 -17.72 3.04
CA GLU A 197 15.42 -16.91 2.60
C GLU A 197 15.66 -16.42 1.17
N ARG A 198 14.59 -16.42 0.37
CA ARG A 198 14.63 -15.79 -0.94
C ARG A 198 15.18 -14.37 -0.84
N ARG A 199 14.60 -13.57 0.05
CA ARG A 199 15.00 -12.19 0.23
C ARG A 199 15.65 -12.05 1.60
N PRO A 200 16.96 -11.77 1.67
CA PRO A 200 17.61 -11.58 2.98
C PRO A 200 17.33 -10.23 3.63
N GLU A 201 16.77 -9.27 2.90
CA GLU A 201 16.48 -7.95 3.44
C GLU A 201 15.54 -8.01 4.65
N ILE A 202 15.66 -7.00 5.54
CA ILE A 202 14.75 -6.91 6.69
C ILE A 202 13.39 -6.40 6.22
N ALA A 203 12.36 -6.73 6.99
CA ALA A 203 11.00 -6.31 6.66
C ALA A 203 10.85 -4.78 6.68
N PHE A 204 9.89 -4.29 5.91
CA PHE A 204 9.63 -2.85 5.87
C PHE A 204 9.30 -2.33 7.27
N GLU A 205 8.62 -3.13 8.09
CA GLU A 205 8.28 -2.69 9.43
C GLU A 205 9.52 -2.36 10.28
N LYS A 206 10.68 -2.92 9.94
CA LYS A 206 11.93 -2.67 10.66
C LYS A 206 12.82 -1.64 9.98
N ASP A 207 12.72 -1.51 8.66
CA ASP A 207 13.52 -0.55 7.92
C ASP A 207 12.87 0.82 7.88
N PHE A 208 11.54 0.86 7.99
CA PHE A 208 10.76 2.09 7.82
C PHE A 208 11.31 3.25 8.65
N LEU A 209 11.42 3.05 9.96
CA LEU A 209 11.76 4.16 10.84
C LEU A 209 13.20 4.61 10.70
N ARG A 210 14.04 3.85 9.99
CA ARG A 210 15.43 4.23 9.81
C ARG A 210 15.53 5.52 9.00
N TRP A 211 14.56 5.79 8.13
CA TRP A 211 14.54 7.01 7.34
C TRP A 211 13.59 8.06 7.91
N MET A 212 12.90 7.75 9.02
CA MET A 212 11.95 8.66 9.64
C MET A 212 12.53 9.38 10.86
N LEU A 213 13.12 8.65 11.79
CA LEU A 213 13.53 9.21 13.08
C LEU A 213 14.99 9.67 13.07
N SER A 214 15.27 10.73 13.83
CA SER A 214 16.63 11.25 13.93
C SER A 214 16.81 11.89 15.30
N ASP A 215 17.98 12.50 15.51
CA ASP A 215 18.43 12.86 16.86
C ASP A 215 18.27 14.35 17.17
N GLY A 216 18.04 14.64 18.45
CA GLY A 216 17.90 16.00 18.93
C GLY A 216 17.45 16.01 20.36
N ALA A 217 17.62 17.15 21.05
CA ALA A 217 17.22 17.28 22.44
C ALA A 217 16.67 18.68 22.67
N GLY A 218 15.84 18.81 23.69
CA GLY A 218 15.27 20.10 24.06
C GLY A 218 15.13 20.18 25.56
N ALA A 219 14.99 21.41 26.04
CA ALA A 219 14.75 21.67 27.46
C ALA A 219 13.99 22.97 27.58
N ALA A 220 13.30 23.12 28.71
CA ALA A 220 12.49 24.31 28.93
C ALA A 220 12.55 24.64 30.41
N LEU A 221 12.63 25.93 30.72
CA LEU A 221 12.58 26.38 32.10
C LEU A 221 11.22 26.98 32.37
N LEU A 222 10.59 26.54 33.44
CA LEU A 222 9.26 26.97 33.82
C LEU A 222 9.36 27.66 35.18
N GLU A 223 8.72 28.81 35.31
CA GLU A 223 8.79 29.60 36.53
C GLU A 223 7.40 30.14 36.81
N ASN A 224 7.19 30.57 38.04
CA ASN A 224 5.89 31.08 38.44
C ASN A 224 5.74 32.58 38.20
N LYS A 225 6.71 33.20 37.55
CA LYS A 225 6.67 34.60 37.13
C LYS A 225 7.28 34.69 35.74
N PRO A 226 6.79 35.58 34.90
CA PRO A 226 7.39 35.74 33.57
C PRO A 226 8.79 36.35 33.70
N ARG A 227 9.49 36.34 32.59
CA ARG A 227 10.83 36.93 32.52
C ARG A 227 10.73 38.45 32.43
N PRO A 228 11.52 39.19 33.22
CA PRO A 228 11.51 40.66 33.08
C PRO A 228 11.93 41.13 31.71
N ASP A 229 12.91 40.48 31.12
CA ASP A 229 13.44 40.73 29.76
C ASP A 229 12.82 39.82 28.68
N GLY A 230 11.88 40.39 27.96
CA GLY A 230 11.43 39.71 26.78
C GLY A 230 10.29 38.79 27.13
N VAL A 231 9.98 37.98 26.18
CA VAL A 231 8.72 37.28 26.14
C VAL A 231 8.81 35.98 26.95
N SER A 232 7.69 35.65 27.57
CA SER A 232 7.46 34.37 28.20
C SER A 232 6.20 33.77 27.62
N LEU A 233 6.05 32.47 27.82
CA LEU A 233 4.89 31.72 27.33
C LEU A 233 4.15 31.18 28.54
N ARG A 234 3.02 31.80 28.88
CA ARG A 234 2.21 31.28 29.98
C ARG A 234 1.55 29.99 29.54
N ILE A 235 1.65 28.95 30.36
CA ILE A 235 0.99 27.69 30.06
C ILE A 235 -0.42 27.79 30.59
N ASP A 236 -1.38 27.82 29.66
CA ASP A 236 -2.77 27.88 30.06
C ASP A 236 -3.28 26.51 30.48
N TRP A 237 -2.88 25.47 29.76
CA TRP A 237 -3.22 24.10 30.12
C TRP A 237 -2.40 23.14 29.26
N ILE A 238 -2.32 21.89 29.73
CA ILE A 238 -1.73 20.78 29.00
C ILE A 238 -2.70 19.62 29.18
N ASP A 239 -3.36 19.21 28.09
CA ASP A 239 -4.39 18.17 28.11
C ASP A 239 -3.88 16.97 27.31
N ILE A 240 -3.99 15.77 27.89
CA ILE A 240 -3.40 14.57 27.31
C ILE A 240 -4.42 13.46 27.38
N TYR A 241 -4.54 12.69 26.30
CA TYR A 241 -5.46 11.55 26.26
C TYR A 241 -4.79 10.34 25.63
N SER A 242 -5.01 9.18 26.26
CA SER A 242 -4.60 7.89 25.74
C SER A 242 -5.80 7.15 25.16
N PHE A 243 -5.64 6.56 23.98
CA PHE A 243 -6.66 5.71 23.38
C PHE A 243 -6.23 4.25 23.33
N ALA A 244 -5.29 3.86 24.19
CA ALA A 244 -4.81 2.49 24.25
C ALA A 244 -5.90 1.54 24.69
N ASN A 245 -6.96 2.06 25.29
CA ASN A 245 -8.06 1.22 25.74
C ASN A 245 -8.68 0.41 24.59
N GLU A 246 -8.66 0.93 23.36
CA GLU A 246 -9.17 0.20 22.19
C GLU A 246 -8.25 0.19 20.97
N GLN A 247 -7.13 0.93 20.97
CA GLN A 247 -6.18 0.88 19.86
C GLN A 247 -5.01 -0.02 20.21
N GLU A 248 -4.56 -0.79 19.22
CA GLU A 248 -3.40 -1.66 19.39
C GLU A 248 -2.10 -0.87 19.43
N THR A 249 -1.08 -1.49 20.01
CA THR A 249 0.28 -1.03 19.87
C THR A 249 0.66 -0.79 18.42
N CYS A 250 1.30 0.35 18.15
CA CYS A 250 1.59 0.69 16.76
C CYS A 250 3.06 0.98 16.51
N MET A 251 3.75 1.62 17.44
CA MET A 251 5.21 1.76 17.41
C MET A 251 5.75 1.03 18.63
N TYR A 252 6.77 0.18 18.43
CA TYR A 252 7.20 -0.65 19.55
C TYR A 252 8.65 -1.06 19.39
N SER A 253 9.30 -1.30 20.52
CA SER A 253 10.66 -1.79 20.52
C SER A 253 10.88 -2.52 21.83
N GLY A 254 11.82 -3.46 21.83
CA GLY A 254 11.90 -4.35 22.99
C GLY A 254 10.73 -5.30 23.07
N GLY A 255 10.20 -5.73 21.93
CA GLY A 255 9.09 -6.66 21.89
C GLY A 255 8.69 -6.89 20.45
N GLU A 256 7.75 -7.82 20.26
CA GLU A 256 7.21 -8.10 18.92
C GLU A 256 5.69 -8.07 18.92
N LYS A 257 5.12 -7.52 17.85
CA LYS A 257 3.66 -7.48 17.73
C LYS A 257 3.16 -8.81 17.18
N LEU A 258 2.23 -9.43 17.89
CA LEU A 258 1.69 -10.72 17.48
C LEU A 258 0.48 -10.55 16.58
N ALA A 259 0.06 -11.67 15.98
CA ALA A 259 -1.00 -11.62 14.98
C ALA A 259 -2.30 -11.16 15.60
N ASP A 260 -2.54 -11.47 16.87
CA ASP A 260 -3.73 -11.01 17.58
C ASP A 260 -3.64 -9.55 18.02
N GLY A 261 -2.63 -8.80 17.58
CA GLY A 261 -2.47 -7.40 17.92
C GLY A 261 -1.77 -7.09 19.22
N SER A 262 -1.52 -8.09 20.06
CA SER A 262 -0.88 -7.90 21.36
C SER A 262 0.62 -7.74 21.17
N LEU A 263 1.29 -7.26 22.21
CA LEU A 263 2.74 -7.09 22.18
C LEU A 263 3.38 -8.14 23.08
N LYS A 264 4.35 -8.87 22.54
CA LYS A 264 5.12 -9.79 23.36
C LYS A 264 6.41 -9.11 23.78
N GLY A 265 6.62 -8.96 25.09
CA GLY A 265 7.82 -8.31 25.58
C GLY A 265 9.08 -9.11 25.33
N TRP A 266 10.21 -8.40 25.28
CA TRP A 266 11.49 -9.01 24.88
C TRP A 266 11.89 -10.16 25.80
N ALA A 267 11.61 -10.05 27.11
CA ALA A 267 12.08 -11.06 28.06
C ALA A 267 11.27 -12.35 27.97
N GLN A 268 10.11 -12.33 27.31
CA GLN A 268 9.37 -13.56 27.02
C GLN A 268 9.88 -14.28 25.79
N MET A 269 10.86 -13.71 25.08
CA MET A 269 11.42 -14.30 23.89
C MET A 269 12.81 -14.85 24.21
N SER A 270 13.24 -15.85 23.45
CA SER A 270 14.55 -16.45 23.69
C SER A 270 15.65 -15.45 23.38
N GLN A 271 16.76 -15.57 24.11
CA GLN A 271 17.94 -14.76 23.82
C GLN A 271 18.34 -14.87 22.35
N ALA A 272 18.28 -16.09 21.79
CA ALA A 272 18.61 -16.26 20.38
C ALA A 272 17.65 -15.45 19.50
N ASP A 273 16.38 -15.34 19.89
CA ASP A 273 15.42 -14.61 19.06
C ASP A 273 15.60 -13.10 19.15
N TRP A 274 16.09 -12.58 20.27
CA TRP A 274 16.42 -11.16 20.35
C TRP A 274 17.27 -10.77 19.17
N LEU A 275 18.25 -11.61 18.83
CA LEU A 275 19.20 -11.31 17.77
C LEU A 275 18.64 -11.65 16.40
N ALA A 276 18.07 -12.84 16.28
CA ALA A 276 17.54 -13.33 15.01
C ALA A 276 16.47 -12.41 14.46
N TYR A 277 15.67 -11.78 15.33
CA TYR A 277 14.55 -10.97 14.88
C TYR A 277 14.66 -9.50 15.26
N SER A 278 15.82 -9.06 15.75
CA SER A 278 16.04 -7.64 16.04
C SER A 278 14.95 -7.08 16.97
N VAL A 279 14.64 -7.81 18.04
CA VAL A 279 13.55 -7.47 18.96
C VAL A 279 13.75 -6.09 19.58
N PHE A 280 15.00 -5.66 19.74
CA PHE A 280 15.25 -4.36 20.34
C PHE A 280 15.31 -3.21 19.34
N CYS A 281 15.07 -3.44 18.05
CA CYS A 281 14.95 -2.32 17.12
C CYS A 281 13.54 -1.73 17.18
N ILE A 282 13.40 -0.50 16.67
CA ILE A 282 12.10 0.19 16.70
C ILE A 282 11.30 -0.21 15.47
N LYS A 283 10.07 -0.65 15.69
CA LYS A 283 9.19 -1.12 14.63
C LYS A 283 7.92 -0.28 14.59
N GLN A 284 7.30 -0.23 13.41
CA GLN A 284 6.06 0.50 13.19
C GLN A 284 5.12 -0.45 12.46
N ASP A 285 3.88 -0.53 12.91
CA ASP A 285 2.80 -1.18 12.16
C ASP A 285 2.27 -0.12 11.20
N VAL A 286 2.86 -0.01 10.02
CA VAL A 286 2.62 1.16 9.17
C VAL A 286 1.17 1.20 8.67
N ARG A 287 0.57 0.04 8.38
CA ARG A 287 -0.81 0.07 7.91
C ARG A 287 -1.76 0.55 9.00
N TYR A 288 -1.51 0.12 10.24
CA TYR A 288 -2.30 0.59 11.38
C TYR A 288 -2.09 2.08 11.60
N LEU A 289 -0.84 2.53 11.52
CA LEU A 289 -0.51 3.94 11.67
C LEU A 289 -1.29 4.80 10.67
N ASN A 290 -1.21 4.46 9.38
CA ASN A 290 -1.89 5.24 8.34
C ASN A 290 -3.38 5.29 8.57
N GLU A 291 -3.95 4.17 9.00
CA GLU A 291 -5.39 4.08 9.15
C GLU A 291 -5.88 4.89 10.35
N ARG A 292 -5.10 4.92 11.44
CA ARG A 292 -5.64 5.34 12.74
C ARG A 292 -4.99 6.56 13.37
N VAL A 293 -3.87 7.06 12.85
CA VAL A 293 -3.11 8.05 13.60
C VAL A 293 -3.86 9.38 13.68
N VAL A 294 -4.54 9.79 12.61
CA VAL A 294 -5.19 11.10 12.65
C VAL A 294 -6.37 11.07 13.61
N LYS A 295 -7.18 10.01 13.56
CA LYS A 295 -8.35 9.95 14.43
C LYS A 295 -7.97 9.82 15.89
N PHE A 296 -6.99 8.98 16.20
CA PHE A 296 -6.77 8.60 17.59
C PHE A 296 -5.57 9.30 18.22
N THR A 297 -4.94 10.23 17.52
CA THR A 297 -4.05 11.17 18.18
C THR A 297 -4.50 12.61 18.02
N LEU A 298 -5.35 12.91 17.05
CA LEU A 298 -5.76 14.30 16.83
C LEU A 298 -7.25 14.47 17.06
N THR A 299 -8.12 13.90 16.21
CA THR A 299 -9.52 14.35 16.20
C THR A 299 -10.28 13.88 17.45
N GLU A 300 -10.06 12.63 17.90
CA GLU A 300 -10.77 12.18 19.11
C GLU A 300 -10.34 12.91 20.39
N PRO A 301 -9.04 13.16 20.65
CA PRO A 301 -8.74 13.93 21.86
C PRO A 301 -9.11 15.39 21.71
N LEU A 302 -8.85 15.99 20.54
CA LEU A 302 -9.09 17.42 20.41
C LEU A 302 -10.58 17.76 20.42
N ARG A 303 -11.44 16.89 19.89
CA ARG A 303 -12.86 17.23 19.95
C ARG A 303 -13.39 17.20 21.39
N ARG A 304 -12.80 16.38 22.27
CA ARG A 304 -13.14 16.44 23.68
C ARG A 304 -12.66 17.75 24.30
N ILE A 305 -11.40 18.13 24.04
CA ILE A 305 -10.81 19.35 24.59
C ILE A 305 -11.57 20.59 24.10
N VAL A 306 -11.84 20.64 22.79
CA VAL A 306 -12.59 21.75 22.19
C VAL A 306 -13.96 21.90 22.88
N ALA A 307 -14.64 20.78 23.11
CA ALA A 307 -15.95 20.79 23.75
C ALA A 307 -15.85 21.19 25.23
N ASP A 308 -14.93 20.58 25.96
CA ASP A 308 -14.78 20.86 27.39
C ASP A 308 -14.30 22.28 27.66
N ARG A 309 -13.45 22.85 26.80
CA ARG A 309 -12.91 24.19 27.02
C ARG A 309 -13.54 25.23 26.12
N ASN A 310 -14.56 24.87 25.35
CA ASN A 310 -15.24 25.75 24.41
C ASN A 310 -14.24 26.54 23.56
N LEU A 311 -13.36 25.81 22.87
CA LEU A 311 -12.34 26.43 22.04
C LEU A 311 -12.88 26.74 20.65
N SER A 312 -12.39 27.84 20.09
CA SER A 312 -12.64 28.19 18.70
C SER A 312 -11.30 28.36 18.00
N SER A 313 -11.15 27.71 16.83
CA SER A 313 -9.87 27.78 16.13
C SER A 313 -9.50 29.21 15.79
N GLU A 314 -10.52 30.07 15.61
CA GLU A 314 -10.26 31.48 15.29
C GLU A 314 -9.38 32.17 16.34
N SER A 315 -9.37 31.66 17.58
CA SER A 315 -8.60 32.29 18.65
C SER A 315 -7.13 31.92 18.64
N ILE A 316 -6.74 30.95 17.81
CA ILE A 316 -5.37 30.44 17.78
C ILE A 316 -4.57 31.26 16.79
N ASP A 317 -3.46 31.85 17.24
CA ASP A 317 -2.58 32.60 16.37
C ASP A 317 -1.47 31.75 15.77
N TRP A 318 -0.97 30.76 16.51
CA TRP A 318 0.03 29.83 16.03
C TRP A 318 -0.37 28.41 16.42
N PHE A 319 -0.33 27.50 15.44
CA PHE A 319 -0.51 26.08 15.64
C PHE A 319 0.86 25.42 15.49
N LEU A 320 1.32 24.71 16.53
CA LEU A 320 2.62 24.06 16.47
C LEU A 320 2.43 22.55 16.51
N PRO A 321 2.20 21.90 15.36
CA PRO A 321 1.94 20.46 15.37
C PRO A 321 3.19 19.65 15.06
N HIS A 322 3.40 18.56 15.80
CA HIS A 322 4.44 17.62 15.42
C HIS A 322 3.83 16.54 14.53
N TYR A 323 3.85 16.77 13.21
CA TYR A 323 3.17 15.85 12.29
C TYR A 323 4.10 14.83 11.66
N SER A 324 5.40 14.85 11.98
CA SER A 324 6.35 13.79 11.67
C SER A 324 6.69 13.63 10.20
N SER A 325 5.73 13.83 9.31
CA SER A 325 5.88 13.43 7.91
C SER A 325 5.02 14.32 7.02
N GLU A 326 5.57 14.73 5.88
CA GLU A 326 4.80 15.51 4.92
C GLU A 326 3.51 14.78 4.53
N TYR A 327 3.59 13.46 4.44
CA TYR A 327 2.44 12.62 4.13
C TYR A 327 1.26 12.85 5.06
N PHE A 328 1.51 13.21 6.31
CA PHE A 328 0.42 13.38 7.26
C PHE A 328 0.01 14.83 7.46
N ARG A 329 0.76 15.79 6.91
CA ARG A 329 0.53 17.20 7.20
C ARG A 329 -0.92 17.58 6.93
N MET A 330 -1.41 17.29 5.72
CA MET A 330 -2.76 17.67 5.35
C MET A 330 -3.78 16.61 5.69
N LYS A 331 -3.32 15.42 6.13
CA LYS A 331 -4.23 14.47 6.74
C LYS A 331 -4.61 14.92 8.14
N PHE A 332 -3.65 15.47 8.90
CA PHE A 332 -4.00 16.09 10.16
C PHE A 332 -4.85 17.35 9.92
N SER A 333 -4.56 18.09 8.86
CA SER A 333 -5.39 19.24 8.52
C SER A 333 -6.84 18.83 8.29
N GLU A 334 -7.07 17.78 7.49
CA GLU A 334 -8.43 17.29 7.28
C GLU A 334 -9.07 16.91 8.60
N GLY A 335 -8.27 16.37 9.53
CA GLY A 335 -8.79 16.04 10.84
C GLY A 335 -9.30 17.27 11.58
N LEU A 336 -8.54 18.36 11.53
CA LEU A 336 -9.05 19.61 12.09
C LEU A 336 -10.39 19.98 11.45
N ASP A 337 -10.48 19.86 10.12
CA ASP A 337 -11.71 20.19 9.40
C ASP A 337 -12.90 19.37 9.88
N ASP A 338 -12.70 18.08 10.12
CA ASP A 338 -13.79 17.18 10.48
C ASP A 338 -14.41 17.51 11.82
N ILE A 339 -13.66 18.16 12.72
CA ILE A 339 -14.16 18.54 14.02
C ILE A 339 -14.38 20.05 14.09
N ASN A 340 -14.48 20.71 12.93
CA ASN A 340 -14.80 22.14 12.87
C ASN A 340 -13.82 22.96 13.68
N PHE A 341 -12.54 22.62 13.56
CA PHE A 341 -11.45 23.35 14.17
C PHE A 341 -10.37 23.65 13.13
N SER A 342 -10.79 23.98 11.90
CA SER A 342 -9.88 24.25 10.80
C SER A 342 -8.87 25.35 11.12
N ILE A 343 -7.61 25.09 10.77
CA ILE A 343 -6.52 26.06 10.86
C ILE A 343 -5.72 26.01 9.57
N GLU A 344 -5.71 27.10 8.82
CA GLU A 344 -5.03 27.11 7.53
C GLU A 344 -3.51 27.17 7.73
N GLN A 345 -2.78 26.78 6.67
CA GLN A 345 -1.35 26.50 6.80
C GLN A 345 -0.51 27.71 7.18
N GLU A 346 -0.96 28.92 6.85
CA GLU A 346 -0.20 30.12 7.18
C GLU A 346 -0.10 30.34 8.68
N ARG A 347 -0.97 29.68 9.46
CA ARG A 347 -0.88 29.71 10.91
C ARG A 347 -0.13 28.52 11.49
N TRP A 348 0.31 27.57 10.66
CA TRP A 348 1.12 26.47 11.16
C TRP A 348 2.58 26.88 11.24
N PHE A 349 3.27 26.46 12.29
CA PHE A 349 4.70 26.62 12.38
C PHE A 349 5.36 25.25 12.47
N THR A 350 6.31 24.97 11.59
CA THR A 350 7.19 23.84 11.82
C THR A 350 8.54 24.08 11.16
N ASN A 351 9.53 23.33 11.66
CA ASN A 351 10.85 23.24 11.10
C ASN A 351 11.23 21.79 10.84
N LEU A 352 10.22 20.92 10.70
CA LEU A 352 10.44 19.50 10.50
C LEU A 352 11.39 19.21 9.34
N THR A 353 11.16 19.89 8.22
CA THR A 353 11.90 19.60 6.99
C THR A 353 13.41 19.78 7.16
N VAL A 354 13.82 20.71 8.00
CA VAL A 354 15.20 21.11 8.15
C VAL A 354 15.81 20.48 9.39
N LYS A 355 15.01 20.26 10.42
CA LYS A 355 15.50 19.73 11.69
C LYS A 355 15.40 18.22 11.79
N GLY A 356 14.52 17.60 10.99
CA GLY A 356 14.22 16.19 11.10
C GLY A 356 13.15 15.91 12.14
N ASN A 357 12.68 14.65 12.14
CA ASN A 357 11.70 14.19 13.14
C ASN A 357 12.47 13.68 14.36
N THR A 358 12.60 14.56 15.36
CA THR A 358 13.30 14.22 16.60
C THR A 358 12.35 13.70 17.68
N GLY A 359 11.17 13.23 17.31
CA GLY A 359 10.27 12.59 18.26
C GLY A 359 9.83 13.54 19.35
N SER A 360 10.09 13.15 20.60
CA SER A 360 9.67 13.93 21.77
C SER A 360 10.34 15.30 21.81
N ALA A 361 11.52 15.42 21.22
CA ALA A 361 12.21 16.71 21.20
C ALA A 361 11.59 17.70 20.22
N SER A 362 10.74 17.26 19.31
CA SER A 362 10.25 18.13 18.25
C SER A 362 9.58 19.38 18.78
N ILE A 363 8.78 19.25 19.84
CA ILE A 363 8.06 20.40 20.35
C ILE A 363 9.04 21.42 20.93
N TYR A 364 10.12 20.96 21.56
CA TYR A 364 11.12 21.88 22.09
C TYR A 364 11.84 22.58 20.96
N ILE A 365 12.12 21.86 19.88
CA ILE A 365 12.87 22.44 18.76
C ILE A 365 12.00 23.40 17.97
N MET A 366 10.68 23.15 17.91
CA MET A 366 9.75 24.12 17.31
C MET A 366 9.64 25.37 18.17
N LEU A 367 9.37 25.20 19.47
CA LEU A 367 9.20 26.34 20.35
C LEU A 367 10.48 27.16 20.45
N ASP A 368 11.65 26.52 20.39
CA ASP A 368 12.90 27.24 20.48
C ASP A 368 13.09 28.19 19.30
N GLU A 369 12.84 27.69 18.09
CA GLU A 369 12.95 28.56 16.92
C GLU A 369 11.96 29.71 16.99
N LEU A 370 10.73 29.43 17.42
CA LEU A 370 9.69 30.45 17.36
C LEU A 370 9.92 31.53 18.40
N MET A 371 10.35 31.16 19.60
CA MET A 371 10.63 32.16 20.63
C MET A 371 11.83 33.03 20.28
N LYS A 372 12.72 32.53 19.44
CA LYS A 372 13.90 33.27 19.02
C LYS A 372 13.70 33.99 17.70
N SER A 373 12.54 33.83 17.06
CA SER A 373 12.30 34.41 15.75
C SER A 373 12.01 35.91 15.81
N GLY A 374 11.52 36.42 16.94
CA GLY A 374 10.98 37.76 17.02
C GLY A 374 9.55 37.89 16.53
N LYS A 375 8.94 36.80 16.06
CA LYS A 375 7.59 36.88 15.49
C LYS A 375 6.49 36.81 16.54
N LEU A 376 6.80 36.51 17.79
CA LEU A 376 5.79 36.33 18.80
C LEU A 376 5.42 37.66 19.41
N LYS A 377 4.16 38.04 19.31
CA LYS A 377 3.64 39.28 19.87
C LYS A 377 2.83 38.98 21.12
N LYS A 378 2.87 39.91 22.07
CA LYS A 378 2.10 39.77 23.31
C LYS A 378 0.63 39.51 23.00
N ASP A 379 -0.01 38.66 23.82
CA ASP A 379 -1.40 38.21 23.77
C ASP A 379 -1.67 37.16 22.68
N GLN A 380 -0.69 36.82 21.86
CA GLN A 380 -0.86 35.72 20.92
C GLN A 380 -1.06 34.41 21.67
N ARG A 381 -1.91 33.55 21.11
CA ARG A 381 -2.23 32.24 21.67
C ARG A 381 -1.65 31.16 20.78
N LEU A 382 -0.98 30.18 21.39
CA LEU A 382 -0.33 29.08 20.67
C LEU A 382 -0.97 27.75 21.10
N LEU A 383 -1.29 26.91 20.12
CA LEU A 383 -1.77 25.56 20.37
C LEU A 383 -0.72 24.58 19.87
N CYS A 384 -0.14 23.81 20.78
CA CYS A 384 0.84 22.79 20.45
C CYS A 384 0.18 21.41 20.41
N PHE A 385 0.53 20.61 19.41
CA PHE A 385 -0.05 19.29 19.22
C PHE A 385 1.10 18.30 19.07
N ILE A 386 1.16 17.33 19.97
CA ILE A 386 2.19 16.30 19.95
C ILE A 386 1.49 14.94 19.98
N PRO A 387 1.35 14.31 18.82
CA PRO A 387 0.80 12.94 18.79
C PRO A 387 1.87 11.90 19.13
N GLU A 388 1.43 10.75 19.61
CA GLU A 388 2.33 9.62 19.82
C GLU A 388 1.66 8.39 19.23
N SER A 389 2.22 7.86 18.15
CA SER A 389 1.60 6.69 17.55
C SER A 389 1.81 5.42 18.37
N ALA A 390 2.79 5.40 19.29
CA ALA A 390 3.17 4.18 20.00
C ALA A 390 1.96 3.35 20.39
N ARG A 391 0.99 3.97 21.07
CA ARG A 391 -0.31 3.34 21.24
C ARG A 391 -1.37 4.42 21.32
N PHE A 392 -1.20 5.49 20.53
CA PHE A 392 -2.20 6.51 20.26
C PHE A 392 -2.54 7.39 21.46
N THR A 393 -1.61 8.26 21.79
CA THR A 393 -1.83 9.35 22.72
C THR A 393 -1.81 10.64 21.92
N GLY A 394 -2.65 11.60 22.31
CA GLY A 394 -2.52 12.97 21.82
C GLY A 394 -2.27 13.92 22.96
N ALA A 395 -1.19 14.72 22.89
CA ALA A 395 -0.90 15.74 23.90
C ALA A 395 -1.07 17.12 23.29
N PHE A 396 -1.68 18.02 24.05
CA PHE A 396 -2.01 19.37 23.55
C PHE A 396 -1.65 20.39 24.62
N MET A 397 -0.95 21.45 24.23
CA MET A 397 -0.62 22.51 25.18
C MET A 397 -1.06 23.86 24.62
N HIS A 398 -1.75 24.64 25.45
CA HIS A 398 -2.17 26.01 25.10
C HIS A 398 -1.29 27.04 25.79
N LEU A 399 -0.74 27.98 25.00
CA LEU A 399 0.19 28.98 25.47
C LEU A 399 -0.32 30.37 25.11
N THR A 400 0.02 31.35 25.96
CA THR A 400 -0.27 32.76 25.69
C THR A 400 0.99 33.58 25.91
N VAL A 401 1.34 34.42 24.93
CA VAL A 401 2.52 35.26 25.04
C VAL A 401 2.29 36.37 26.05
N VAL A 402 3.21 36.54 26.99
CA VAL A 402 3.13 37.62 27.98
C VAL A 402 4.42 38.44 27.97
N ASN B 24 -5.98 20.41 49.06
CA ASN B 24 -5.53 19.17 49.73
C ASN B 24 -5.69 17.92 48.89
N VAL B 25 -4.89 16.90 49.20
CA VAL B 25 -4.90 15.65 48.48
C VAL B 25 -4.90 14.50 49.49
N TYR B 26 -5.76 13.51 49.27
CA TYR B 26 -5.99 12.42 50.21
C TYR B 26 -5.87 11.10 49.47
N ILE B 27 -5.07 10.19 50.00
CA ILE B 27 -5.09 8.80 49.55
C ILE B 27 -6.30 8.14 50.18
N THR B 28 -7.32 7.83 49.37
CA THR B 28 -8.58 7.31 49.88
C THR B 28 -8.72 5.82 49.68
N LYS B 29 -7.83 5.22 48.90
CA LYS B 29 -7.86 3.79 48.65
C LYS B 29 -6.47 3.35 48.19
N VAL B 30 -6.01 2.23 48.72
CA VAL B 30 -4.78 1.58 48.29
C VAL B 30 -5.11 0.13 47.96
N SER B 31 -4.31 -0.46 47.08
CA SER B 31 -4.56 -1.83 46.63
C SER B 31 -3.20 -2.47 46.36
N ALA B 32 -3.03 -3.72 46.81
CA ALA B 32 -1.82 -4.48 46.56
C ALA B 32 -2.17 -5.73 45.78
N PHE B 33 -1.29 -6.16 44.88
CA PHE B 33 -1.54 -7.42 44.18
C PHE B 33 -0.27 -8.25 44.11
N MET B 34 -0.31 -9.43 44.74
CA MET B 34 0.83 -10.35 44.76
C MET B 34 0.51 -11.54 43.88
N PRO B 35 1.32 -11.83 42.86
CA PRO B 35 0.97 -12.91 41.92
C PRO B 35 1.21 -14.29 42.53
N GLY B 36 0.21 -15.17 42.43
CA GLY B 36 0.36 -16.54 42.89
C GLY B 36 0.54 -16.68 44.39
N ASN B 37 1.13 -17.85 44.78
CA ASN B 37 1.32 -18.17 46.19
C ASN B 37 2.69 -17.72 46.68
N PRO B 38 2.81 -17.46 47.98
CA PRO B 38 4.14 -17.18 48.54
C PRO B 38 5.05 -18.39 48.34
N ILE B 39 6.31 -18.12 48.03
CA ILE B 39 7.29 -19.15 47.73
C ILE B 39 8.41 -19.00 48.73
N ASP B 40 8.71 -20.09 49.46
CA ASP B 40 9.68 -20.04 50.54
C ASP B 40 11.09 -20.23 49.98
N ASN B 41 12.09 -20.14 50.88
CA ASN B 41 13.48 -20.11 50.47
C ASN B 41 13.92 -21.40 49.80
N ASN B 42 13.37 -22.53 50.20
CA ASN B 42 13.79 -23.80 49.65
C ASN B 42 13.19 -24.08 48.29
N THR B 43 12.14 -23.34 47.91
CA THR B 43 11.51 -23.53 46.61
C THR B 43 11.95 -22.50 45.58
N MET B 44 12.46 -21.34 46.02
CA MET B 44 12.61 -20.20 45.11
C MET B 44 13.60 -20.50 43.98
N GLU B 45 14.69 -21.25 44.27
CA GLU B 45 15.66 -21.53 43.21
C GLU B 45 15.10 -22.48 42.16
N SER B 46 14.24 -23.42 42.55
CA SER B 46 13.59 -24.25 41.55
C SER B 46 12.71 -23.39 40.64
N VAL B 47 12.13 -22.32 41.17
CA VAL B 47 11.29 -21.44 40.34
C VAL B 47 12.15 -20.66 39.36
N LEU B 48 13.29 -20.13 39.82
CA LEU B 48 14.11 -19.25 38.99
C LEU B 48 15.12 -19.99 38.13
N GLY B 49 15.31 -21.30 38.38
CA GLY B 49 16.14 -22.14 37.54
C GLY B 49 17.61 -22.12 37.93
N PHE B 50 18.34 -23.12 37.40
CA PHE B 50 19.79 -23.18 37.53
C PHE B 50 20.45 -22.59 36.29
N VAL B 51 21.55 -21.90 36.49
CA VAL B 51 22.41 -21.50 35.38
C VAL B 51 23.45 -22.59 35.18
N GLY B 52 23.56 -23.08 33.93
CA GLY B 52 24.51 -24.13 33.63
C GLY B 52 24.24 -25.44 34.34
N GLY B 53 22.98 -25.69 34.68
CA GLY B 53 22.62 -26.90 35.40
C GLY B 53 23.14 -26.99 36.81
N ARG B 54 23.72 -25.92 37.35
CA ARG B 54 24.24 -26.03 38.71
C ARG B 54 23.63 -24.97 39.61
N PRO B 55 23.43 -25.28 40.89
CA PRO B 55 22.76 -24.33 41.79
C PRO B 55 23.69 -23.17 42.15
N SER B 56 23.07 -22.11 42.65
CA SER B 56 23.81 -20.90 42.96
C SER B 56 24.64 -21.08 44.22
N ARG B 57 25.87 -20.61 44.17
CA ARG B 57 26.73 -20.75 45.35
C ARG B 57 26.42 -19.73 46.44
N SER B 58 25.80 -18.61 46.08
CA SER B 58 25.61 -17.51 47.01
C SER B 58 24.18 -17.38 47.51
N ARG B 59 23.23 -18.13 46.95
CA ARG B 59 21.84 -18.02 47.36
C ARG B 59 21.70 -18.12 48.87
N HIS B 60 22.42 -19.06 49.49
CA HIS B 60 22.27 -19.31 50.92
C HIS B 60 22.59 -18.05 51.74
N ILE B 61 23.77 -17.47 51.51
CA ILE B 61 24.19 -16.31 52.29
C ILE B 61 23.43 -15.04 51.89
N VAL B 62 23.09 -14.86 50.61
CA VAL B 62 22.23 -13.73 50.24
C VAL B 62 20.92 -13.78 51.01
N LEU B 63 20.31 -14.96 51.11
CA LEU B 63 19.05 -15.10 51.86
C LEU B 63 19.27 -14.88 53.35
N ARG B 64 20.37 -15.41 53.89
CA ARG B 64 20.65 -15.19 55.29
C ARG B 64 20.78 -13.69 55.59
N ASN B 65 21.42 -12.94 54.70
CA ASN B 65 21.63 -11.52 54.93
C ASN B 65 20.34 -10.71 54.76
N ASN B 66 19.51 -11.03 53.75
CA ASN B 66 18.34 -10.18 53.50
C ASN B 66 17.15 -10.52 54.38
N GLY B 67 17.06 -11.76 54.89
CA GLY B 67 16.05 -12.12 55.86
C GLY B 67 14.66 -12.39 55.29
N ILE B 68 14.49 -12.32 53.98
CA ILE B 68 13.20 -12.56 53.36
C ILE B 68 12.87 -14.05 53.43
N LYS B 69 11.67 -14.38 53.90
CA LYS B 69 11.27 -15.78 54.02
C LYS B 69 10.29 -16.22 52.96
N TYR B 70 9.49 -15.30 52.40
CA TYR B 70 8.53 -15.59 51.35
C TYR B 70 8.53 -14.46 50.33
N ARG B 71 8.14 -14.79 49.11
CA ARG B 71 8.05 -13.82 48.02
C ARG B 71 7.19 -14.44 46.92
N HIS B 72 6.77 -13.58 45.99
CA HIS B 72 5.89 -13.98 44.91
C HIS B 72 6.57 -13.76 43.57
N TYR B 73 6.27 -14.65 42.63
CA TYR B 73 6.73 -14.56 41.25
C TYR B 73 5.53 -14.77 40.33
N ALA B 74 5.41 -13.92 39.31
CA ALA B 74 4.42 -14.13 38.26
C ALA B 74 4.84 -15.27 37.33
N LEU B 75 5.09 -16.43 37.92
CA LEU B 75 5.51 -17.63 37.24
C LEU B 75 4.62 -18.79 37.66
N ASP B 76 4.23 -19.62 36.71
CA ASP B 76 3.34 -20.74 37.04
C ASP B 76 4.12 -21.82 37.78
N PRO B 77 3.59 -22.34 38.89
CA PRO B 77 4.35 -23.33 39.68
C PRO B 77 4.62 -24.64 38.93
N GLU B 78 3.71 -25.07 38.04
CA GLU B 78 3.93 -26.31 37.30
C GLU B 78 4.70 -26.05 36.00
N THR B 79 4.16 -25.20 35.13
CA THR B 79 4.73 -24.99 33.80
C THR B 79 5.85 -23.94 33.75
N GLY B 80 5.99 -23.09 34.76
CA GLY B 80 6.97 -22.04 34.69
C GLY B 80 6.66 -20.95 33.68
N GLU B 81 5.45 -20.95 33.13
CA GLU B 81 5.04 -19.90 32.21
C GLU B 81 4.72 -18.63 33.00
N ALA B 82 4.92 -17.49 32.35
CA ALA B 82 4.54 -16.23 32.98
C ALA B 82 3.04 -16.17 33.22
N THR B 83 2.64 -15.71 34.39
CA THR B 83 1.22 -15.63 34.72
C THR B 83 0.64 -14.23 34.57
N TYR B 84 1.49 -13.20 34.50
CA TYR B 84 1.07 -11.82 34.31
C TYR B 84 2.23 -11.08 33.68
N THR B 85 1.96 -10.29 32.65
CA THR B 85 2.92 -9.29 32.22
C THR B 85 3.04 -8.24 33.31
N SER B 86 4.01 -7.34 33.18
CA SER B 86 4.06 -6.20 34.10
C SER B 86 2.79 -5.34 33.97
N ALA B 87 2.34 -5.08 32.73
CA ALA B 87 1.10 -4.33 32.50
C ALA B 87 -0.12 -5.03 33.11
N GLN B 88 -0.19 -6.36 33.00
CA GLN B 88 -1.31 -7.07 33.61
C GLN B 88 -1.27 -7.00 35.13
N LEU B 89 -0.08 -7.08 35.71
CA LEU B 89 0.05 -7.02 37.16
C LEU B 89 -0.37 -5.65 37.71
N ALA B 90 0.04 -4.57 37.04
CA ALA B 90 -0.42 -3.23 37.42
C ALA B 90 -1.93 -3.11 37.29
N ALA B 91 -2.49 -3.67 36.22
CA ALA B 91 -3.93 -3.59 35.99
C ALA B 91 -4.70 -4.29 37.10
N GLU B 92 -4.20 -5.42 37.60
CA GLU B 92 -4.86 -6.09 38.71
C GLU B 92 -4.86 -5.21 39.96
N ALA B 93 -3.76 -4.52 40.23
CA ALA B 93 -3.71 -3.64 41.39
C ALA B 93 -4.66 -2.46 41.24
N VAL B 94 -4.78 -1.91 40.02
CA VAL B 94 -5.67 -0.79 39.78
C VAL B 94 -7.12 -1.22 39.95
N LYS B 95 -7.47 -2.40 39.44
CA LYS B 95 -8.83 -2.89 39.59
C LYS B 95 -9.22 -3.07 41.05
N GLY B 96 -8.24 -3.29 41.93
CA GLY B 96 -8.49 -3.38 43.35
C GLY B 96 -8.92 -2.08 44.00
N LEU B 97 -8.87 -0.96 43.27
CA LEU B 97 -9.33 0.32 43.80
C LEU B 97 -10.83 0.52 43.62
N VAL B 98 -11.46 -0.29 42.79
CA VAL B 98 -12.86 -0.07 42.42
C VAL B 98 -13.75 -0.47 43.58
N ASP B 99 -14.63 0.43 43.99
CA ASP B 99 -15.69 0.09 44.93
C ASP B 99 -16.92 0.89 44.52
N GLU B 100 -17.84 1.09 45.47
CA GLU B 100 -19.04 1.87 45.15
C GLU B 100 -18.71 3.33 44.89
N HIS B 101 -17.60 3.83 45.43
CA HIS B 101 -17.23 5.23 45.33
C HIS B 101 -16.36 5.53 44.12
N PHE B 102 -15.84 4.52 43.44
CA PHE B 102 -14.88 4.73 42.37
C PHE B 102 -14.96 3.58 41.39
N SER B 103 -15.18 3.91 40.13
CA SER B 103 -15.06 2.96 39.02
C SER B 103 -13.93 3.42 38.12
N LEU B 104 -13.42 2.51 37.31
CA LEU B 104 -12.25 2.83 36.47
C LEU B 104 -12.53 4.03 35.58
N ASP B 105 -13.75 4.15 35.05
CA ASP B 105 -14.05 5.25 34.16
C ASP B 105 -14.04 6.60 34.87
N ASP B 106 -14.05 6.60 36.20
CA ASP B 106 -13.96 7.83 36.98
C ASP B 106 -12.57 8.44 36.99
N MET B 107 -11.52 7.68 36.64
CA MET B 107 -10.17 8.19 36.88
C MET B 107 -9.84 9.31 35.89
N GLN B 108 -9.36 10.44 36.40
CA GLN B 108 -9.03 11.59 35.57
C GLN B 108 -7.59 11.60 35.12
N SER B 109 -6.74 10.76 35.73
CA SER B 109 -5.35 10.66 35.33
C SER B 109 -4.79 9.38 35.90
N LEU B 110 -3.98 8.69 35.09
CA LEU B 110 -3.31 7.47 35.51
C LEU B 110 -1.80 7.66 35.34
N ALA B 111 -1.06 7.51 36.43
CA ALA B 111 0.40 7.57 36.41
C ALA B 111 0.94 6.21 36.81
N ALA B 112 1.72 5.59 35.93
CA ALA B 112 2.18 4.22 36.12
C ALA B 112 3.69 4.12 35.93
N SER B 113 4.30 3.20 36.69
CA SER B 113 5.72 2.93 36.57
C SER B 113 6.00 1.43 36.67
N SER B 114 7.15 1.03 36.13
CA SER B 114 7.66 -0.32 36.33
C SER B 114 9.13 -0.31 35.98
N GLY B 115 9.99 -0.69 36.93
CA GLY B 115 11.39 -0.91 36.60
C GLY B 115 11.62 -2.11 35.72
N THR B 116 10.61 -2.97 35.59
CA THR B 116 10.64 -4.11 34.68
C THR B 116 9.48 -4.03 33.69
N SER B 117 9.40 -2.94 32.92
CA SER B 117 8.40 -2.83 31.87
C SER B 117 8.58 -3.96 30.86
N ASP B 118 7.45 -4.37 30.26
CA ASP B 118 7.47 -5.49 29.31
C ASP B 118 8.21 -5.16 28.03
N GLN B 119 8.28 -3.89 27.68
CA GLN B 119 8.86 -3.45 26.42
C GLN B 119 9.61 -2.15 26.68
N ILE B 120 10.33 -1.68 25.67
CA ILE B 120 10.99 -0.38 25.77
C ILE B 120 10.07 0.74 25.28
N ILE B 121 9.42 0.52 24.13
CA ILE B 121 8.35 1.37 23.60
C ILE B 121 7.20 0.42 23.29
N PRO B 122 5.94 0.81 23.60
CA PRO B 122 5.44 2.01 24.30
C PRO B 122 5.85 2.10 25.76
N GLY B 123 5.50 3.22 26.40
CA GLY B 123 5.64 3.33 27.83
C GLY B 123 4.72 2.38 28.56
N HIS B 124 5.13 2.02 29.77
CA HIS B 124 4.40 1.09 30.62
C HIS B 124 2.95 1.51 30.80
N GLY B 125 2.71 2.79 31.05
CA GLY B 125 1.38 3.24 31.44
C GLY B 125 0.33 3.01 30.36
N VAL B 126 0.67 3.23 29.10
CA VAL B 126 -0.34 3.03 28.06
C VAL B 126 -0.63 1.55 27.87
N MET B 127 0.34 0.68 28.16
CA MET B 127 0.09 -0.76 28.17
C MET B 127 -0.84 -1.16 29.31
N VAL B 128 -0.69 -0.55 30.50
CA VAL B 128 -1.65 -0.77 31.59
C VAL B 128 -3.04 -0.28 31.20
N HIS B 129 -3.12 0.90 30.55
CA HIS B 129 -4.39 1.38 30.02
C HIS B 129 -5.00 0.38 29.03
N GLY B 130 -4.18 -0.17 28.13
CA GLY B 130 -4.67 -1.19 27.20
C GLY B 130 -5.28 -2.38 27.91
N GLU B 131 -4.72 -2.77 29.05
CA GLU B 131 -5.25 -3.92 29.80
C GLU B 131 -6.53 -3.57 30.52
N LEU B 132 -6.60 -2.37 31.11
CA LEU B 132 -7.75 -1.96 31.90
C LEU B 132 -8.96 -1.64 31.04
N LYS B 133 -8.73 -1.11 29.84
CA LYS B 133 -9.75 -0.76 28.85
C LYS B 133 -10.77 0.27 29.37
N ASN B 134 -10.43 1.02 30.40
CA ASN B 134 -11.28 2.13 30.82
C ASN B 134 -11.26 3.21 29.75
N LYS B 135 -12.24 4.13 29.81
CA LYS B 135 -12.42 5.10 28.74
C LYS B 135 -11.18 5.99 28.58
N PRO B 136 -11.01 6.61 27.40
CA PRO B 136 -9.80 7.41 27.16
C PRO B 136 -9.56 8.44 28.25
N CYS B 137 -8.33 8.47 28.76
CA CYS B 137 -7.98 9.39 29.82
C CYS B 137 -6.49 9.72 29.70
N GLU B 138 -6.05 10.66 30.53
CA GLU B 138 -4.63 10.99 30.60
C GLU B 138 -3.84 9.82 31.17
N VAL B 139 -2.79 9.39 30.47
CA VAL B 139 -1.93 8.32 30.97
C VAL B 139 -0.48 8.80 30.90
N ILE B 140 0.22 8.73 32.02
CA ILE B 140 1.64 9.05 32.00
C ILE B 140 2.40 7.86 32.57
N SER B 141 3.63 7.68 32.11
CA SER B 141 4.51 6.65 32.66
C SER B 141 5.74 7.32 33.26
N THR B 142 6.14 6.87 34.45
CA THR B 142 7.45 7.24 34.98
C THR B 142 8.36 6.04 34.99
N SER B 143 9.66 6.33 35.05
CA SER B 143 10.65 5.30 34.89
C SER B 143 11.75 5.44 35.92
N GLY B 144 12.50 4.35 36.09
CA GLY B 144 13.52 4.25 37.10
C GLY B 144 13.36 2.93 37.81
N ALA B 145 13.69 2.87 39.10
CA ALA B 145 13.62 1.64 39.86
C ALA B 145 12.64 1.87 41.03
N CYS B 146 13.08 1.65 42.28
CA CYS B 146 12.15 1.74 43.41
C CYS B 146 11.50 3.12 43.55
N ALA B 147 12.21 4.19 43.21
CA ALA B 147 11.60 5.50 43.40
C ALA B 147 10.59 5.84 42.32
N ALA B 148 10.57 5.11 41.21
CA ALA B 148 9.64 5.42 40.14
C ALA B 148 8.20 5.26 40.59
N GLY B 149 7.93 4.37 41.54
CA GLY B 149 6.59 4.31 42.08
C GLY B 149 6.23 5.58 42.82
N MET B 150 7.21 6.24 43.42
CA MET B 150 6.93 7.47 44.13
C MET B 150 6.86 8.69 43.21
N THR B 151 7.58 8.68 42.08
CA THR B 151 7.46 9.80 41.16
C THR B 151 6.14 9.73 40.41
N ALA B 152 5.62 8.53 40.19
CA ALA B 152 4.27 8.37 39.67
C ALA B 152 3.25 8.86 40.69
N MET B 153 3.43 8.51 41.96
CA MET B 153 2.51 9.02 42.98
C MET B 153 2.60 10.52 43.11
N LYS B 154 3.81 11.09 42.99
CA LYS B 154 3.90 12.54 43.12
C LYS B 154 3.28 13.25 41.91
N TYR B 155 3.39 12.67 40.71
CA TYR B 155 2.64 13.21 39.58
C TYR B 155 1.15 13.26 39.88
N ALA B 156 0.59 12.14 40.35
CA ALA B 156 -0.82 12.08 40.69
C ALA B 156 -1.15 13.10 41.80
N TYR B 157 -0.25 13.23 42.77
CA TYR B 157 -0.42 14.19 43.84
C TYR B 157 -0.44 15.63 43.31
N LEU B 158 0.51 15.98 42.45
CA LEU B 158 0.54 17.36 41.94
C LEU B 158 -0.67 17.65 41.06
N SER B 159 -1.14 16.66 40.30
CA SER B 159 -2.33 16.82 39.47
C SER B 159 -3.51 17.26 40.32
N VAL B 160 -3.75 16.59 41.44
CA VAL B 160 -4.86 16.95 42.30
C VAL B 160 -4.55 18.23 43.09
N LEU B 161 -3.33 18.38 43.58
CA LEU B 161 -2.99 19.53 44.42
C LEU B 161 -3.10 20.83 43.64
N SER B 162 -2.74 20.81 42.35
CA SER B 162 -2.84 22.00 41.52
C SER B 162 -4.26 22.27 41.06
N GLY B 163 -5.19 21.34 41.28
CA GLY B 163 -6.53 21.48 40.77
C GLY B 163 -6.74 21.02 39.33
N ALA B 164 -5.69 20.54 38.66
CA ALA B 164 -5.84 20.07 37.29
C ALA B 164 -6.84 18.91 37.21
N THR B 165 -6.96 18.12 38.27
CA THR B 165 -7.94 17.05 38.35
C THR B 165 -8.50 16.97 39.76
N SER B 166 -9.65 16.30 39.91
CA SER B 166 -10.22 16.01 41.22
C SER B 166 -9.70 14.73 41.81
N ASN B 167 -9.30 13.78 40.97
CA ASN B 167 -8.70 12.55 41.44
C ASN B 167 -7.53 12.22 40.53
N ALA B 168 -6.82 11.16 40.87
CA ALA B 168 -5.75 10.61 40.05
C ALA B 168 -5.36 9.29 40.66
N VAL B 169 -4.95 8.36 39.80
CA VAL B 169 -4.49 7.04 40.21
C VAL B 169 -3.01 6.94 39.87
N SER B 170 -2.22 6.46 40.81
CA SER B 170 -0.86 6.05 40.54
C SER B 170 -0.74 4.55 40.79
N THR B 171 0.15 3.91 40.05
CA THR B 171 0.32 2.47 40.15
C THR B 171 1.74 2.12 39.73
N THR B 172 2.26 1.04 40.30
CA THR B 172 3.55 0.53 39.90
C THR B 172 3.50 -0.99 39.94
N SER B 173 4.36 -1.63 39.15
CA SER B 173 4.36 -3.08 39.14
C SER B 173 5.78 -3.54 38.92
N GLU B 174 6.13 -4.70 39.49
CA GLU B 174 7.45 -5.27 39.28
C GLU B 174 7.33 -6.77 39.01
N VAL B 175 7.88 -7.22 37.89
CA VAL B 175 8.00 -8.64 37.59
C VAL B 175 9.46 -8.97 37.24
N PRO B 176 10.40 -8.72 38.17
CA PRO B 176 11.80 -9.06 37.87
C PRO B 176 12.04 -10.55 37.65
N SER B 177 11.10 -11.42 38.04
CA SER B 177 11.16 -12.83 37.65
C SER B 177 11.49 -12.96 36.17
N THR B 178 10.92 -12.08 35.33
CA THR B 178 11.17 -12.15 33.89
C THR B 178 12.66 -12.15 33.56
N VAL B 179 13.46 -11.37 34.28
CA VAL B 179 14.85 -11.19 33.95
C VAL B 179 15.79 -11.90 34.90
N LEU B 180 15.32 -12.31 36.08
CA LEU B 180 16.12 -13.08 37.04
C LEU B 180 16.14 -14.58 36.73
N HIS B 181 15.22 -15.07 35.91
CA HIS B 181 15.21 -16.47 35.56
C HIS B 181 16.51 -16.88 34.87
N ALA B 182 16.98 -18.10 35.20
CA ALA B 182 18.27 -18.60 34.71
C ALA B 182 18.43 -18.43 33.20
N ARG B 183 17.33 -18.47 32.45
CA ARG B 183 17.44 -18.38 30.99
C ARG B 183 18.09 -17.07 30.55
N ASN B 184 18.05 -16.04 31.40
CA ASN B 184 18.66 -14.76 31.08
C ASN B 184 20.16 -14.79 31.15
N PHE B 185 20.74 -15.93 31.48
CA PHE B 185 22.18 -16.09 31.60
C PHE B 185 22.69 -17.25 30.76
N GLN B 186 21.80 -17.95 30.05
CA GLN B 186 22.18 -19.14 29.30
C GLN B 186 23.25 -18.85 28.25
N SER B 187 23.05 -17.80 27.42
CA SER B 187 24.03 -17.49 26.38
C SER B 187 25.38 -17.09 26.96
N GLU B 188 25.39 -16.47 28.14
CA GLU B 188 26.67 -16.17 28.77
C GLU B 188 27.36 -17.46 29.20
N ASN B 189 26.60 -18.40 29.78
CA ASN B 189 27.15 -19.70 30.13
C ASN B 189 27.72 -20.41 28.90
N GLU B 190 26.91 -20.53 27.84
CA GLU B 190 27.40 -21.16 26.62
C GLU B 190 28.63 -20.46 26.05
N ALA B 191 28.71 -19.13 26.21
CA ALA B 191 29.85 -18.39 25.67
C ALA B 191 31.14 -18.78 26.38
N ARG B 192 31.07 -18.93 27.71
CA ARG B 192 32.25 -19.31 28.48
C ARG B 192 32.58 -20.79 28.33
N VAL B 193 31.57 -21.63 28.07
CA VAL B 193 31.82 -23.02 27.72
C VAL B 193 32.58 -23.11 26.40
N ALA B 194 32.27 -22.22 25.45
CA ALA B 194 33.00 -22.21 24.18
C ALA B 194 34.41 -21.68 24.33
N GLU B 195 34.68 -20.92 25.41
CA GLU B 195 36.02 -20.54 25.81
C GLU B 195 36.67 -21.61 26.66
N LEU B 196 36.11 -22.81 26.59
CA LEU B 196 36.61 -24.02 27.23
C LEU B 196 36.59 -23.91 28.76
N GLU B 197 36.16 -22.76 29.29
CA GLU B 197 36.18 -22.58 30.74
C GLU B 197 35.40 -23.68 31.44
N ARG B 198 35.96 -24.14 32.57
CA ARG B 198 35.57 -25.40 33.18
C ARG B 198 34.19 -25.33 33.83
N ARG B 199 34.10 -24.61 34.94
CA ARG B 199 32.82 -24.38 35.61
C ARG B 199 32.58 -22.87 35.64
N PRO B 200 31.99 -22.33 34.58
CA PRO B 200 31.69 -20.90 34.59
C PRO B 200 30.53 -20.63 35.54
N GLU B 201 30.69 -19.59 36.34
CA GLU B 201 29.64 -19.08 37.20
C GLU B 201 29.42 -17.61 36.86
N ILE B 202 28.16 -17.19 36.79
CA ILE B 202 27.90 -15.77 36.59
C ILE B 202 28.41 -14.99 37.79
N ALA B 203 28.81 -13.75 37.54
CA ALA B 203 29.36 -12.89 38.57
C ALA B 203 28.36 -12.73 39.71
N PHE B 204 28.88 -12.47 40.91
CA PHE B 204 28.02 -12.20 42.06
C PHE B 204 27.15 -10.98 41.80
N GLU B 205 27.70 -9.98 41.10
CA GLU B 205 26.95 -8.80 40.71
C GLU B 205 25.70 -9.15 39.92
N LYS B 206 25.71 -10.29 39.22
CA LYS B 206 24.57 -10.75 38.43
C LYS B 206 23.70 -11.73 39.19
N ASP B 207 24.27 -12.54 40.08
CA ASP B 207 23.49 -13.53 40.81
C ASP B 207 22.79 -12.94 42.02
N PHE B 208 23.36 -11.88 42.58
CA PHE B 208 22.87 -11.28 43.84
C PHE B 208 21.39 -10.99 43.79
N LEU B 209 20.96 -10.24 42.76
CA LEU B 209 19.60 -9.74 42.78
C LEU B 209 18.59 -10.85 42.58
N ARG B 210 19.02 -12.01 42.07
CA ARG B 210 18.11 -13.12 41.84
C ARG B 210 17.45 -13.57 43.13
N TRP B 211 18.13 -13.39 44.26
CA TRP B 211 17.62 -13.80 45.56
C TRP B 211 17.09 -12.62 46.37
N MET B 212 17.12 -11.41 45.82
CA MET B 212 16.66 -10.19 46.47
C MET B 212 15.30 -9.72 45.98
N LEU B 213 15.11 -9.63 44.66
CA LEU B 213 13.95 -8.99 44.05
C LEU B 213 12.85 -10.01 43.70
N SER B 214 11.61 -9.60 43.86
CA SER B 214 10.49 -10.46 43.48
C SER B 214 9.33 -9.59 43.00
N ASP B 215 8.19 -10.25 42.76
CA ASP B 215 7.11 -9.68 41.98
C ASP B 215 5.95 -9.17 42.85
N GLY B 216 5.35 -8.06 42.42
CA GLY B 216 4.24 -7.46 43.13
C GLY B 216 3.80 -6.16 42.49
N ALA B 217 2.59 -5.70 42.79
CA ALA B 217 2.09 -4.47 42.21
C ALA B 217 1.19 -3.78 43.23
N GLY B 218 1.11 -2.45 43.11
CA GLY B 218 0.26 -1.66 43.98
C GLY B 218 -0.39 -0.53 43.20
N ALA B 219 -1.44 0.04 43.80
CA ALA B 219 -2.11 1.21 43.25
C ALA B 219 -2.70 2.05 44.37
N ALA B 220 -2.85 3.36 44.10
CA ALA B 220 -3.45 4.30 45.04
C ALA B 220 -4.41 5.21 44.31
N LEU B 221 -5.52 5.52 44.97
CA LEU B 221 -6.48 6.50 44.49
C LEU B 221 -6.31 7.76 45.32
N LEU B 222 -6.05 8.88 44.66
CA LEU B 222 -5.86 10.16 45.32
C LEU B 222 -7.03 11.07 44.96
N GLU B 223 -7.59 11.77 45.95
CA GLU B 223 -8.76 12.63 45.72
C GLU B 223 -8.59 13.93 46.48
N ASN B 224 -9.35 14.95 46.11
CA ASN B 224 -9.24 16.24 46.78
C ASN B 224 -10.11 16.34 48.02
N LYS B 225 -10.77 15.25 48.40
CA LYS B 225 -11.61 15.13 49.59
C LYS B 225 -11.39 13.75 50.20
N PRO B 226 -11.39 13.64 51.53
CA PRO B 226 -11.37 12.32 52.16
C PRO B 226 -12.72 11.62 51.98
N ARG B 227 -12.69 10.29 52.10
CA ARG B 227 -13.93 9.54 52.10
C ARG B 227 -14.77 9.95 53.30
N PRO B 228 -16.10 9.94 53.18
CA PRO B 228 -16.94 10.22 54.37
C PRO B 228 -16.79 9.16 55.44
N ASP B 229 -16.71 7.90 55.01
CA ASP B 229 -16.50 6.74 55.85
C ASP B 229 -15.01 6.44 55.96
N GLY B 230 -14.60 5.82 57.07
CA GLY B 230 -13.26 5.25 57.16
C GLY B 230 -12.11 6.22 56.98
N VAL B 231 -10.87 5.72 57.03
CA VAL B 231 -9.71 6.60 57.05
C VAL B 231 -9.25 6.94 55.64
N SER B 232 -8.71 8.15 55.53
CA SER B 232 -7.98 8.62 54.36
C SER B 232 -6.66 9.19 54.87
N LEU B 233 -5.62 9.10 54.06
CA LEU B 233 -4.30 9.55 54.45
C LEU B 233 -4.02 10.83 53.69
N ARG B 234 -3.97 11.95 54.39
CA ARG B 234 -3.70 13.19 53.71
C ARG B 234 -2.22 13.26 53.37
N ILE B 235 -1.91 13.61 52.13
CA ILE B 235 -0.53 13.77 51.72
C ILE B 235 -0.14 15.20 52.06
N ASP B 236 0.80 15.34 52.99
CA ASP B 236 1.26 16.67 53.38
C ASP B 236 2.33 17.17 52.43
N TRP B 237 3.22 16.28 52.00
CA TRP B 237 4.24 16.60 51.00
C TRP B 237 4.91 15.31 50.56
N ILE B 238 5.56 15.38 49.39
CA ILE B 238 6.43 14.33 48.87
C ILE B 238 7.71 15.02 48.41
N ASP B 239 8.82 14.71 49.06
CA ASP B 239 10.10 15.34 48.79
C ASP B 239 11.05 14.29 48.23
N ILE B 240 11.72 14.61 47.13
CA ILE B 240 12.57 13.66 46.43
C ILE B 240 13.90 14.35 46.10
N TYR B 241 15.01 13.64 46.32
CA TYR B 241 16.34 14.14 46.00
C TYR B 241 17.11 13.08 45.27
N SER B 242 17.75 13.46 44.17
CA SER B 242 18.74 12.63 43.50
C SER B 242 20.14 13.06 43.90
N PHE B 243 21.02 12.08 44.12
CA PHE B 243 22.42 12.37 44.39
C PHE B 243 23.31 11.84 43.27
N ALA B 244 22.74 11.67 42.08
CA ALA B 244 23.47 11.20 40.91
C ALA B 244 24.54 12.18 40.45
N ASN B 245 24.47 13.44 40.88
CA ASN B 245 25.51 14.42 40.51
C ASN B 245 26.91 13.95 40.93
N GLU B 246 27.02 13.20 42.02
CA GLU B 246 28.31 12.75 42.51
C GLU B 246 28.41 11.26 42.77
N GLN B 247 27.31 10.53 42.83
CA GLN B 247 27.34 9.09 43.04
C GLN B 247 27.27 8.38 41.70
N GLU B 248 27.98 7.25 41.61
CA GLU B 248 27.98 6.39 40.44
C GLU B 248 26.69 5.60 40.35
N THR B 249 26.40 5.12 39.13
CA THR B 249 25.37 4.11 38.91
C THR B 249 25.68 2.89 39.76
N CYS B 250 24.65 2.33 40.41
CA CYS B 250 24.86 1.25 41.37
C CYS B 250 24.00 0.03 41.07
N MET B 251 22.79 0.25 40.55
CA MET B 251 21.93 -0.81 40.05
C MET B 251 21.57 -0.47 38.61
N TYR B 252 21.67 -1.45 37.72
CA TYR B 252 21.62 -1.13 36.29
C TYR B 252 21.26 -2.38 35.48
N SER B 253 20.52 -2.16 34.39
CA SER B 253 20.23 -3.21 33.43
C SER B 253 20.19 -2.57 32.05
N GLY B 254 20.47 -3.39 31.04
CA GLY B 254 20.61 -2.87 29.70
C GLY B 254 21.84 -2.01 29.61
N GLY B 255 22.91 -2.43 30.28
CA GLY B 255 24.16 -1.72 30.19
C GLY B 255 25.17 -2.42 31.08
N GLU B 256 26.42 -1.95 31.01
CA GLU B 256 27.51 -2.46 31.83
C GLU B 256 28.26 -1.31 32.43
N LYS B 257 28.63 -1.46 33.69
CA LYS B 257 29.40 -0.43 34.41
C LYS B 257 30.87 -0.63 34.10
N LEU B 258 31.53 0.43 33.63
CA LEU B 258 32.92 0.35 33.20
C LEU B 258 33.84 0.62 34.38
N ALA B 259 35.15 0.54 34.11
CA ALA B 259 36.16 0.71 35.16
C ALA B 259 36.14 2.14 35.73
N ASP B 260 35.91 3.14 34.89
CA ASP B 260 35.84 4.51 35.37
C ASP B 260 34.54 4.84 36.11
N GLY B 261 33.66 3.85 36.31
CA GLY B 261 32.42 4.07 37.01
C GLY B 261 31.25 4.48 36.15
N SER B 262 31.49 4.85 34.91
CA SER B 262 30.43 5.22 34.00
C SER B 262 29.66 3.97 33.57
N LEU B 263 28.50 4.20 32.95
CA LEU B 263 27.64 3.13 32.46
C LEU B 263 27.65 3.17 30.94
N LYS B 264 28.00 2.03 30.32
CA LYS B 264 27.92 1.88 28.88
C LYS B 264 26.56 1.28 28.51
N GLY B 265 25.78 2.00 27.70
CA GLY B 265 24.47 1.52 27.33
C GLY B 265 24.52 0.38 26.34
N TRP B 266 23.44 -0.41 26.33
CA TRP B 266 23.41 -1.66 25.56
C TRP B 266 23.63 -1.42 24.08
N ALA B 267 22.94 -0.42 23.50
CA ALA B 267 23.09 -0.18 22.07
C ALA B 267 24.51 0.26 21.68
N GLN B 268 25.39 0.54 22.65
CA GLN B 268 26.80 0.79 22.36
C GLN B 268 27.63 -0.49 22.31
N MET B 269 27.03 -1.64 22.61
CA MET B 269 27.73 -2.91 22.58
C MET B 269 27.20 -3.77 21.44
N SER B 270 28.05 -4.66 20.94
CA SER B 270 27.67 -5.56 19.87
C SER B 270 26.55 -6.46 20.33
N GLN B 271 25.69 -6.86 19.39
CA GLN B 271 24.61 -7.80 19.70
C GLN B 271 25.16 -9.07 20.34
N ALA B 272 26.29 -9.56 19.85
CA ALA B 272 26.90 -10.75 20.44
C ALA B 272 27.23 -10.52 21.92
N ASP B 273 27.75 -9.33 22.25
CA ASP B 273 28.07 -9.01 23.64
C ASP B 273 26.83 -8.92 24.55
N TRP B 274 25.66 -8.54 24.02
CA TRP B 274 24.44 -8.58 24.82
C TRP B 274 24.20 -9.97 25.38
N LEU B 275 24.45 -11.01 24.58
CA LEU B 275 24.18 -12.37 25.01
C LEU B 275 25.34 -12.94 25.82
N ALA B 276 26.57 -12.66 25.39
CA ALA B 276 27.75 -13.20 26.07
C ALA B 276 27.93 -12.59 27.45
N TYR B 277 27.47 -11.37 27.67
CA TYR B 277 27.64 -10.74 28.98
C TYR B 277 26.34 -10.48 29.72
N SER B 278 25.21 -10.99 29.25
CA SER B 278 23.91 -10.81 29.90
C SER B 278 23.64 -9.33 30.18
N VAL B 279 23.83 -8.50 29.16
CA VAL B 279 23.70 -7.05 29.31
C VAL B 279 22.30 -6.64 29.79
N PHE B 280 21.26 -7.39 29.41
CA PHE B 280 19.92 -7.03 29.84
C PHE B 280 19.50 -7.64 31.18
N CYS B 281 20.40 -8.26 31.92
CA CYS B 281 20.06 -8.69 33.27
C CYS B 281 20.25 -7.52 34.24
N ILE B 282 19.63 -7.61 35.41
CA ILE B 282 19.80 -6.57 36.43
C ILE B 282 21.04 -6.87 37.25
N LYS B 283 21.91 -5.86 37.39
CA LYS B 283 23.17 -5.96 38.12
C LYS B 283 23.19 -4.96 39.25
N GLN B 284 23.97 -5.27 40.28
CA GLN B 284 24.15 -4.41 41.45
C GLN B 284 25.63 -4.31 41.79
N ASP B 285 26.15 -3.09 41.87
CA ASP B 285 27.49 -2.85 42.39
C ASP B 285 27.39 -2.92 43.91
N VAL B 286 27.56 -4.13 44.46
CA VAL B 286 27.18 -4.39 45.85
C VAL B 286 28.10 -3.67 46.84
N ARG B 287 29.41 -3.63 46.56
CA ARG B 287 30.32 -2.94 47.47
C ARG B 287 30.02 -1.44 47.52
N TYR B 288 29.69 -0.85 46.37
CA TYR B 288 29.34 0.57 46.33
C TYR B 288 28.01 0.83 47.03
N LEU B 289 27.02 -0.02 46.77
CA LEU B 289 25.77 0.00 47.53
C LEU B 289 26.04 0.03 49.03
N ASN B 290 26.77 -0.98 49.53
CA ASN B 290 27.06 -1.10 50.95
C ASN B 290 27.64 0.19 51.52
N GLU B 291 28.56 0.80 50.77
CA GLU B 291 29.29 1.96 51.24
C GLU B 291 28.47 3.24 51.23
N ARG B 292 27.55 3.41 50.26
CA ARG B 292 26.94 4.71 50.06
C ARG B 292 25.43 4.77 50.21
N VAL B 293 24.73 3.64 50.37
CA VAL B 293 23.27 3.68 50.28
C VAL B 293 22.66 4.44 51.46
N VAL B 294 23.20 4.28 52.68
CA VAL B 294 22.57 4.93 53.83
C VAL B 294 22.74 6.44 53.73
N LYS B 295 23.95 6.89 53.43
CA LYS B 295 24.21 8.33 53.37
C LYS B 295 23.45 9.00 52.22
N PHE B 296 23.45 8.40 51.04
CA PHE B 296 22.98 9.08 49.85
C PHE B 296 21.58 8.65 49.40
N THR B 297 20.89 7.80 50.17
CA THR B 297 19.45 7.70 50.00
C THR B 297 18.67 8.11 51.23
N LEU B 298 19.26 8.07 52.44
CA LEU B 298 18.55 8.45 53.65
C LEU B 298 19.07 9.74 54.29
N THR B 299 20.33 9.76 54.74
CA THR B 299 20.72 10.82 55.66
C THR B 299 20.94 12.14 54.94
N GLU B 300 21.53 12.13 53.75
CA GLU B 300 21.69 13.38 53.00
C GLU B 300 20.38 14.03 52.60
N PRO B 301 19.40 13.31 52.03
CA PRO B 301 18.12 13.99 51.71
C PRO B 301 17.30 14.29 52.96
N LEU B 302 17.29 13.39 53.94
CA LEU B 302 16.39 13.62 55.07
C LEU B 302 16.88 14.78 55.93
N ARG B 303 18.19 15.00 56.04
CA ARG B 303 18.61 16.13 56.83
C ARG B 303 18.23 17.45 56.15
N ARG B 304 18.24 17.48 54.82
CA ARG B 304 17.74 18.67 54.12
C ARG B 304 16.25 18.84 54.38
N ILE B 305 15.50 17.74 54.33
CA ILE B 305 14.06 17.79 54.53
C ILE B 305 13.73 18.20 55.96
N VAL B 306 14.37 17.57 56.96
CA VAL B 306 14.12 17.91 58.36
C VAL B 306 14.35 19.40 58.61
N ALA B 307 15.54 19.88 58.23
CA ALA B 307 15.85 21.29 58.43
C ALA B 307 14.90 22.20 57.64
N ASP B 308 14.61 21.87 56.38
CA ASP B 308 13.81 22.76 55.55
C ASP B 308 12.35 22.80 56.00
N ARG B 309 11.81 21.71 56.56
CA ARG B 309 10.44 21.64 57.02
C ARG B 309 10.32 21.58 58.55
N ASN B 310 11.44 21.78 59.26
CA ASN B 310 11.43 21.92 60.73
C ASN B 310 10.76 20.71 61.40
N LEU B 311 11.25 19.52 61.06
CA LEU B 311 10.63 18.26 61.48
C LEU B 311 11.12 17.79 62.84
N SER B 312 10.25 17.11 63.56
CA SER B 312 10.57 16.53 64.87
C SER B 312 10.46 15.02 64.77
N SER B 313 11.54 14.32 65.13
CA SER B 313 11.49 12.85 65.11
C SER B 313 10.31 12.31 65.91
N GLU B 314 9.92 12.99 66.99
CA GLU B 314 8.91 12.46 67.88
C GLU B 314 7.50 12.67 67.38
N SER B 315 7.30 13.55 66.39
CA SER B 315 5.96 13.72 65.83
C SER B 315 5.55 12.59 64.90
N ILE B 316 6.42 11.61 64.65
CA ILE B 316 6.17 10.55 63.68
C ILE B 316 5.63 9.33 64.43
N ASP B 317 4.38 8.94 64.12
CA ASP B 317 3.81 7.77 64.75
C ASP B 317 4.13 6.49 64.00
N TRP B 318 4.35 6.59 62.69
CA TRP B 318 4.60 5.45 61.82
C TRP B 318 5.70 5.79 60.83
N PHE B 319 6.75 4.97 60.81
CA PHE B 319 7.86 5.09 59.87
C PHE B 319 7.74 3.91 58.92
N LEU B 320 7.63 4.20 57.63
CA LEU B 320 7.41 3.18 56.61
C LEU B 320 8.65 3.13 55.72
N PRO B 321 9.66 2.34 56.07
CA PRO B 321 10.91 2.35 55.31
C PRO B 321 11.01 1.18 54.36
N HIS B 322 11.32 1.43 53.10
CA HIS B 322 11.66 0.34 52.20
C HIS B 322 13.17 0.13 52.26
N TYR B 323 13.62 -0.68 53.22
CA TYR B 323 15.03 -0.96 53.42
C TYR B 323 15.52 -2.23 52.72
N SER B 324 14.62 -2.98 52.06
CA SER B 324 14.97 -4.05 51.12
C SER B 324 15.59 -5.30 51.74
N SER B 325 16.41 -5.14 52.77
CA SER B 325 17.18 -6.28 53.25
C SER B 325 17.39 -6.14 54.74
N GLU B 326 17.19 -7.24 55.48
CA GLU B 326 17.43 -7.22 56.92
C GLU B 326 18.83 -6.68 57.23
N TYR B 327 19.78 -6.90 56.32
CA TYR B 327 21.14 -6.44 56.48
C TYR B 327 21.25 -4.93 56.62
N PHE B 328 20.30 -4.17 56.05
CA PHE B 328 20.39 -2.71 56.07
C PHE B 328 19.45 -2.06 57.08
N ARG B 329 18.55 -2.83 57.70
CA ARG B 329 17.54 -2.25 58.59
C ARG B 329 18.18 -1.37 59.67
N MET B 330 19.15 -1.93 60.39
CA MET B 330 19.78 -1.18 61.46
C MET B 330 20.86 -0.25 60.95
N LYS B 331 21.36 -0.48 59.72
CA LYS B 331 22.24 0.51 59.11
C LYS B 331 21.50 1.80 58.81
N PHE B 332 20.30 1.69 58.23
CA PHE B 332 19.48 2.88 58.04
C PHE B 332 19.14 3.52 59.38
N SER B 333 18.86 2.70 60.39
CA SER B 333 18.48 3.23 61.70
C SER B 333 19.60 4.06 62.31
N GLU B 334 20.85 3.60 62.15
CA GLU B 334 22.01 4.38 62.58
C GLU B 334 22.16 5.66 61.78
N GLY B 335 21.77 5.63 60.50
CA GLY B 335 21.73 6.87 59.75
C GLY B 335 20.77 7.87 60.33
N LEU B 336 19.60 7.39 60.76
CA LEU B 336 18.67 8.26 61.46
C LEU B 336 19.33 8.86 62.71
N ASP B 337 20.06 8.03 63.47
CA ASP B 337 20.75 8.52 64.66
C ASP B 337 21.75 9.60 64.31
N ASP B 338 22.56 9.38 63.27
CA ASP B 338 23.63 10.29 62.89
C ASP B 338 23.12 11.67 62.50
N ILE B 339 21.88 11.79 62.02
CA ILE B 339 21.30 13.09 61.71
C ILE B 339 20.36 13.56 62.81
N ASN B 340 20.39 12.91 63.99
CA ASN B 340 19.60 13.31 65.16
C ASN B 340 18.10 13.25 64.84
N PHE B 341 17.68 12.13 64.24
CA PHE B 341 16.29 11.90 63.86
C PHE B 341 15.88 10.49 64.20
N SER B 342 16.41 9.97 65.31
CA SER B 342 16.16 8.59 65.73
C SER B 342 14.67 8.28 65.76
N ILE B 343 14.33 7.11 65.25
CA ILE B 343 13.00 6.56 65.36
C ILE B 343 13.19 5.13 65.82
N GLU B 344 12.53 4.77 66.90
CA GLU B 344 12.76 3.46 67.49
C GLU B 344 12.02 2.42 66.70
N GLN B 345 12.52 1.18 66.77
CA GLN B 345 12.00 0.12 65.93
C GLN B 345 10.52 -0.12 66.16
N GLU B 346 9.99 0.22 67.35
CA GLU B 346 8.58 -0.02 67.65
C GLU B 346 7.64 0.77 66.76
N ARG B 347 8.14 1.84 66.14
CA ARG B 347 7.38 2.68 65.23
C ARG B 347 7.65 2.37 63.75
N TRP B 348 8.47 1.37 63.45
CA TRP B 348 8.73 0.95 62.07
C TRP B 348 7.73 -0.11 61.64
N PHE B 349 7.11 0.09 60.48
CA PHE B 349 6.19 -0.88 59.91
C PHE B 349 6.71 -1.40 58.57
N THR B 350 6.84 -2.71 58.44
CA THR B 350 7.11 -3.30 57.12
C THR B 350 6.67 -4.76 57.11
N ASN B 351 6.39 -5.24 55.90
CA ASN B 351 6.06 -6.64 55.67
C ASN B 351 7.03 -7.28 54.68
N LEU B 352 8.23 -6.70 54.58
CA LEU B 352 9.28 -7.18 53.68
C LEU B 352 9.52 -8.67 53.79
N THR B 353 9.62 -9.17 55.02
CA THR B 353 10.03 -10.56 55.26
C THR B 353 9.06 -11.54 54.65
N VAL B 354 7.78 -11.19 54.58
CA VAL B 354 6.75 -12.10 54.14
C VAL B 354 6.23 -11.81 52.72
N LYS B 355 6.34 -10.57 52.25
CA LYS B 355 5.88 -10.18 50.92
C LYS B 355 6.98 -10.21 49.87
N GLY B 356 8.23 -10.10 50.28
CA GLY B 356 9.35 -9.97 49.36
C GLY B 356 9.70 -8.51 49.13
N ASN B 357 10.89 -8.30 48.57
CA ASN B 357 11.28 -6.96 48.11
C ASN B 357 10.71 -6.77 46.71
N THR B 358 9.59 -6.07 46.63
CA THR B 358 8.95 -5.81 45.34
C THR B 358 9.35 -4.46 44.75
N GLY B 359 10.50 -3.92 45.18
CA GLY B 359 11.03 -2.71 44.56
C GLY B 359 10.08 -1.54 44.70
N SER B 360 9.76 -0.90 43.57
CA SER B 360 8.87 0.26 43.58
C SER B 360 7.50 -0.07 44.17
N ALA B 361 7.07 -1.32 44.12
CA ALA B 361 5.77 -1.64 44.68
C ALA B 361 5.79 -1.77 46.20
N SER B 362 6.96 -1.79 46.83
CA SER B 362 7.03 -2.11 48.26
C SER B 362 6.25 -1.12 49.10
N ILE B 363 6.34 0.17 48.79
CA ILE B 363 5.65 1.15 49.62
C ILE B 363 4.13 1.03 49.47
N TYR B 364 3.63 0.64 48.30
CA TYR B 364 2.19 0.40 48.18
C TYR B 364 1.78 -0.83 48.99
N ILE B 365 2.56 -1.91 48.88
CA ILE B 365 2.30 -3.13 49.63
C ILE B 365 2.37 -2.88 51.14
N MET B 366 3.25 -1.99 51.59
CA MET B 366 3.26 -1.62 53.01
C MET B 366 2.06 -0.77 53.37
N LEU B 367 1.77 0.25 52.56
CA LEU B 367 0.63 1.11 52.84
C LEU B 367 -0.68 0.34 52.82
N ASP B 368 -0.86 -0.57 51.85
CA ASP B 368 -2.08 -1.36 51.77
C ASP B 368 -2.37 -2.10 53.08
N GLU B 369 -1.35 -2.78 53.61
CA GLU B 369 -1.53 -3.56 54.83
C GLU B 369 -1.81 -2.65 56.02
N LEU B 370 -0.97 -1.65 56.23
CA LEU B 370 -1.16 -0.74 57.37
C LEU B 370 -2.54 -0.10 57.32
N MET B 371 -2.99 0.30 56.13
CA MET B 371 -4.23 1.04 56.00
C MET B 371 -5.45 0.15 56.25
N LYS B 372 -5.35 -1.14 55.90
CA LYS B 372 -6.45 -2.07 56.13
C LYS B 372 -6.36 -2.74 57.48
N SER B 373 -5.32 -2.45 58.25
CA SER B 373 -5.04 -3.22 59.46
C SER B 373 -5.95 -2.84 60.61
N GLY B 374 -6.41 -1.59 60.65
CA GLY B 374 -7.11 -1.07 61.80
C GLY B 374 -6.24 -0.47 62.88
N LYS B 375 -4.94 -0.34 62.63
CA LYS B 375 -4.01 0.22 63.58
C LYS B 375 -3.85 1.72 63.48
N LEU B 376 -4.30 2.32 62.39
CA LEU B 376 -4.16 3.77 62.23
C LEU B 376 -5.24 4.51 62.99
N LYS B 377 -4.87 5.69 63.51
CA LYS B 377 -5.78 6.54 64.27
C LYS B 377 -5.72 7.96 63.75
N LYS B 378 -6.84 8.66 63.84
CA LYS B 378 -6.89 10.03 63.32
C LYS B 378 -5.79 10.87 63.94
N ASP B 379 -5.16 11.69 63.11
CA ASP B 379 -4.09 12.64 63.44
C ASP B 379 -2.75 11.96 63.59
N GLN B 380 -2.65 10.65 63.49
CA GLN B 380 -1.35 10.01 63.42
C GLN B 380 -0.61 10.46 62.17
N ARG B 381 0.70 10.59 62.29
CA ARG B 381 1.55 11.06 61.22
C ARG B 381 2.47 9.93 60.78
N LEU B 382 2.53 9.71 59.47
CA LEU B 382 3.33 8.65 58.87
C LEU B 382 4.46 9.26 58.05
N LEU B 383 5.65 8.69 58.15
CA LEU B 383 6.76 9.09 57.30
C LEU B 383 7.16 7.90 56.44
N CYS B 384 7.00 8.04 55.13
CA CYS B 384 7.39 7.00 54.18
C CYS B 384 8.76 7.32 53.63
N PHE B 385 9.64 6.32 53.58
CA PHE B 385 11.01 6.45 53.05
C PHE B 385 11.22 5.40 51.96
N ILE B 386 11.43 5.86 50.73
CA ILE B 386 11.67 4.98 49.59
C ILE B 386 13.03 5.33 48.98
N PRO B 387 14.06 4.56 49.31
CA PRO B 387 15.35 4.74 48.65
C PRO B 387 15.37 4.04 47.30
N GLU B 388 16.24 4.54 46.43
CA GLU B 388 16.53 3.91 45.15
C GLU B 388 18.04 3.88 45.00
N SER B 389 18.62 2.68 45.05
CA SER B 389 20.05 2.55 44.88
C SER B 389 20.51 2.72 43.42
N ALA B 390 19.61 2.72 42.44
CA ALA B 390 19.99 2.80 41.03
C ALA B 390 21.09 3.85 40.79
N ARG B 391 20.82 5.09 41.18
CA ARG B 391 21.88 6.09 41.26
C ARG B 391 21.58 7.06 42.39
N PHE B 392 21.06 6.52 43.50
CA PHE B 392 20.99 7.17 44.81
C PHE B 392 19.99 8.30 44.86
N THR B 393 18.71 7.93 44.85
CA THR B 393 17.60 8.84 45.08
C THR B 393 16.97 8.47 46.41
N GLY B 394 16.59 9.47 47.18
CA GLY B 394 15.75 9.24 48.34
C GLY B 394 14.41 9.92 48.19
N ALA B 395 13.32 9.17 48.34
CA ALA B 395 11.97 9.72 48.24
C ALA B 395 11.29 9.61 49.60
N PHE B 396 10.65 10.69 50.04
CA PHE B 396 10.04 10.79 51.35
C PHE B 396 8.64 11.35 51.19
N MET B 397 7.69 10.76 51.92
CA MET B 397 6.30 11.21 51.91
C MET B 397 5.79 11.30 53.33
N HIS B 398 5.15 12.41 53.68
CA HIS B 398 4.55 12.58 55.00
C HIS B 398 3.03 12.52 54.86
N LEU B 399 2.39 11.65 55.64
CA LEU B 399 0.95 11.46 55.62
C LEU B 399 0.35 11.81 57.00
N THR B 400 -0.92 12.26 57.01
CA THR B 400 -1.69 12.45 58.24
C THR B 400 -3.03 11.73 58.12
N VAL B 401 -3.37 10.92 59.12
CA VAL B 401 -4.62 10.14 59.10
C VAL B 401 -5.80 11.06 59.42
N VAL B 402 -6.87 10.97 58.63
CA VAL B 402 -8.02 11.86 58.82
C VAL B 402 -9.35 11.10 58.85
N ASN C 24 -13.15 13.14 -13.21
CA ASN C 24 -13.24 11.91 -12.41
C ASN C 24 -14.13 10.83 -13.03
N VAL C 25 -13.76 9.56 -12.87
CA VAL C 25 -14.51 8.42 -13.41
C VAL C 25 -14.72 7.40 -12.29
N TYR C 26 -15.93 6.83 -12.21
CA TYR C 26 -16.28 5.89 -11.15
C TYR C 26 -16.98 4.69 -11.74
N ILE C 27 -16.65 3.50 -11.24
CA ILE C 27 -17.33 2.27 -11.61
C ILE C 27 -18.53 2.10 -10.69
N THR C 28 -19.74 2.28 -11.22
CA THR C 28 -20.93 2.28 -10.37
C THR C 28 -21.66 0.95 -10.36
N LYS C 29 -21.37 0.07 -11.31
CA LYS C 29 -22.06 -1.19 -11.40
C LYS C 29 -21.18 -2.15 -12.17
N VAL C 30 -21.17 -3.41 -11.75
CA VAL C 30 -20.41 -4.46 -12.40
C VAL C 30 -21.32 -5.67 -12.46
N SER C 31 -21.24 -6.44 -13.54
CA SER C 31 -21.92 -7.73 -13.57
C SER C 31 -21.02 -8.77 -14.21
N ALA C 32 -21.25 -10.01 -13.81
CA ALA C 32 -20.56 -11.16 -14.34
C ALA C 32 -21.61 -12.17 -14.78
N PHE C 33 -21.29 -12.93 -15.84
CA PHE C 33 -22.21 -13.95 -16.33
C PHE C 33 -21.43 -15.22 -16.66
N MET C 34 -21.83 -16.33 -16.05
CA MET C 34 -21.22 -17.61 -16.31
C MET C 34 -22.24 -18.52 -16.99
N PRO C 35 -21.86 -19.22 -18.06
CA PRO C 35 -22.84 -20.06 -18.77
C PRO C 35 -22.98 -21.44 -18.11
N GLY C 36 -24.23 -21.86 -17.92
CA GLY C 36 -24.47 -23.20 -17.40
C GLY C 36 -24.06 -23.37 -15.94
N ASN C 37 -23.81 -24.64 -15.59
CA ASN C 37 -23.49 -25.10 -14.24
C ASN C 37 -22.01 -25.35 -14.09
N PRO C 38 -21.48 -25.24 -12.87
CA PRO C 38 -20.08 -25.59 -12.63
C PRO C 38 -19.77 -27.02 -13.05
N ILE C 39 -18.65 -27.18 -13.72
CA ILE C 39 -18.16 -28.47 -14.19
C ILE C 39 -16.92 -28.81 -13.37
N ASP C 40 -16.88 -30.01 -12.79
CA ASP C 40 -15.73 -30.40 -12.00
C ASP C 40 -14.71 -31.15 -12.86
N ASN C 41 -13.52 -31.33 -12.29
CA ASN C 41 -12.40 -31.93 -13.02
C ASN C 41 -12.68 -33.31 -13.59
N ASN C 42 -13.66 -34.02 -13.03
CA ASN C 42 -13.98 -35.33 -13.57
C ASN C 42 -15.00 -35.25 -14.71
N THR C 43 -15.85 -34.23 -14.69
CA THR C 43 -16.84 -34.03 -15.74
C THR C 43 -16.26 -33.33 -16.96
N MET C 44 -15.21 -32.51 -16.78
CA MET C 44 -14.87 -31.54 -17.82
C MET C 44 -14.37 -32.21 -19.11
N GLU C 45 -13.50 -33.23 -19.01
CA GLU C 45 -13.00 -33.87 -20.25
C GLU C 45 -14.12 -34.52 -21.03
N SER C 46 -15.19 -34.94 -20.37
CA SER C 46 -16.33 -35.48 -21.10
C SER C 46 -17.06 -34.37 -21.85
N VAL C 47 -17.08 -33.17 -21.28
CA VAL C 47 -17.75 -32.05 -21.94
C VAL C 47 -16.94 -31.56 -23.15
N LEU C 48 -15.62 -31.50 -23.04
CA LEU C 48 -14.80 -31.01 -24.14
C LEU C 48 -14.46 -32.09 -25.16
N GLY C 49 -14.75 -33.36 -24.87
CA GLY C 49 -14.57 -34.42 -25.85
C GLY C 49 -13.18 -35.04 -25.82
N PHE C 50 -13.07 -36.20 -26.47
CA PHE C 50 -11.83 -36.97 -26.54
C PHE C 50 -11.26 -36.90 -27.95
N VAL C 51 -10.00 -36.51 -28.07
CA VAL C 51 -9.34 -36.47 -29.37
C VAL C 51 -9.02 -37.91 -29.77
N GLY C 52 -9.60 -38.36 -30.89
CA GLY C 52 -9.41 -39.71 -31.38
C GLY C 52 -9.87 -40.79 -30.44
N GLY C 53 -10.89 -40.51 -29.62
CA GLY C 53 -11.39 -41.46 -28.64
C GLY C 53 -10.42 -41.81 -27.53
N ARG C 54 -9.36 -41.03 -27.33
CA ARG C 54 -8.41 -41.32 -26.26
C ARG C 54 -8.30 -40.13 -25.29
N PRO C 55 -8.49 -40.39 -24.00
CA PRO C 55 -8.41 -39.30 -23.03
C PRO C 55 -7.03 -38.66 -23.00
N SER C 56 -7.02 -37.39 -22.63
CA SER C 56 -5.77 -36.63 -22.60
C SER C 56 -4.83 -37.21 -21.58
N ARG C 57 -3.58 -37.43 -22.01
CA ARG C 57 -2.56 -37.84 -21.06
C ARG C 57 -2.20 -36.72 -20.09
N SER C 58 -2.42 -35.45 -20.47
CA SER C 58 -1.90 -34.33 -19.71
C SER C 58 -2.94 -33.69 -18.79
N ARG C 59 -4.21 -34.04 -18.93
CA ARG C 59 -5.27 -33.34 -18.18
C ARG C 59 -5.00 -33.37 -16.68
N HIS C 60 -4.66 -34.54 -16.14
CA HIS C 60 -4.47 -34.64 -14.69
C HIS C 60 -3.28 -33.80 -14.23
N ILE C 61 -2.20 -33.81 -15.01
CA ILE C 61 -1.05 -32.97 -14.68
C ILE C 61 -1.44 -31.49 -14.67
N VAL C 62 -2.09 -31.04 -15.76
CA VAL C 62 -2.46 -29.63 -15.89
C VAL C 62 -3.44 -29.22 -14.78
N LEU C 63 -4.36 -30.12 -14.43
CA LEU C 63 -5.28 -29.82 -13.34
C LEU C 63 -4.55 -29.80 -12.00
N ARG C 64 -3.60 -30.72 -11.82
CA ARG C 64 -2.82 -30.74 -10.58
C ARG C 64 -2.07 -29.43 -10.40
N ASN C 65 -1.48 -28.90 -11.47
CA ASN C 65 -0.69 -27.69 -11.36
C ASN C 65 -1.56 -26.45 -11.29
N ASN C 66 -2.70 -26.41 -11.98
CA ASN C 66 -3.44 -25.15 -11.96
C ASN C 66 -4.42 -25.04 -10.81
N GLY C 67 -4.74 -26.15 -10.15
CA GLY C 67 -5.57 -26.09 -8.96
C GLY C 67 -6.99 -25.58 -9.16
N ILE C 68 -7.44 -25.43 -10.41
CA ILE C 68 -8.81 -25.01 -10.67
C ILE C 68 -9.73 -26.21 -10.43
N LYS C 69 -10.84 -25.98 -9.73
CA LYS C 69 -11.73 -27.08 -9.38
C LYS C 69 -13.07 -27.03 -10.09
N TYR C 70 -13.56 -25.85 -10.43
CA TYR C 70 -14.80 -25.73 -11.18
C TYR C 70 -14.63 -24.68 -12.27
N ARG C 71 -15.42 -24.83 -13.33
CA ARG C 71 -15.37 -23.91 -14.48
C ARG C 71 -16.62 -24.10 -15.30
N HIS C 72 -16.95 -23.06 -16.07
CA HIS C 72 -18.14 -23.05 -16.91
C HIS C 72 -17.79 -23.14 -18.38
N TYR C 73 -18.59 -23.90 -19.12
CA TYR C 73 -18.51 -23.98 -20.57
C TYR C 73 -19.86 -23.62 -21.15
N ALA C 74 -19.86 -22.84 -22.23
CA ALA C 74 -21.10 -22.49 -22.91
C ALA C 74 -21.48 -23.64 -23.84
N LEU C 75 -21.49 -24.85 -23.30
CA LEU C 75 -21.90 -26.06 -23.98
C LEU C 75 -23.08 -26.68 -23.23
N ASP C 76 -23.98 -27.32 -23.98
CA ASP C 76 -25.11 -28.05 -23.41
C ASP C 76 -24.63 -29.44 -23.02
N PRO C 77 -24.61 -29.79 -21.73
CA PRO C 77 -24.06 -31.10 -21.33
C PRO C 77 -24.75 -32.27 -22.02
N GLU C 78 -26.04 -32.12 -22.32
CA GLU C 78 -26.82 -33.16 -22.99
C GLU C 78 -26.48 -33.24 -24.48
N THR C 79 -26.86 -32.21 -25.25
CA THR C 79 -26.69 -32.24 -26.70
C THR C 79 -25.25 -31.98 -27.14
N GLY C 80 -24.51 -31.17 -26.40
CA GLY C 80 -23.19 -30.74 -26.84
C GLY C 80 -23.19 -29.48 -27.68
N GLU C 81 -24.36 -29.01 -28.10
CA GLU C 81 -24.48 -27.79 -28.89
C GLU C 81 -24.04 -26.59 -28.07
N ALA C 82 -23.73 -25.51 -28.77
CA ALA C 82 -23.36 -24.28 -28.09
C ALA C 82 -24.60 -23.64 -27.48
N THR C 83 -24.42 -23.04 -26.30
CA THR C 83 -25.52 -22.43 -25.56
C THR C 83 -25.51 -20.91 -25.64
N TYR C 84 -24.36 -20.30 -25.93
CA TYR C 84 -24.25 -18.85 -26.12
C TYR C 84 -23.12 -18.59 -27.10
N THR C 85 -23.33 -17.66 -28.03
CA THR C 85 -22.19 -17.17 -28.77
C THR C 85 -21.45 -16.17 -27.91
N SER C 86 -20.21 -15.88 -28.28
CA SER C 86 -19.46 -14.87 -27.55
C SER C 86 -20.25 -13.57 -27.48
N ALA C 87 -20.92 -13.22 -28.59
CA ALA C 87 -21.74 -12.02 -28.61
C ALA C 87 -22.89 -12.12 -27.61
N GLN C 88 -23.53 -13.28 -27.53
CA GLN C 88 -24.66 -13.43 -26.61
C GLN C 88 -24.20 -13.34 -25.16
N LEU C 89 -23.13 -14.08 -24.83
CA LEU C 89 -22.58 -14.09 -23.47
C LEU C 89 -22.27 -12.69 -22.98
N ALA C 90 -21.62 -11.88 -23.81
CA ALA C 90 -21.34 -10.50 -23.43
C ALA C 90 -22.63 -9.71 -23.26
N ALA C 91 -23.64 -9.99 -24.10
CA ALA C 91 -24.90 -9.28 -23.98
C ALA C 91 -25.58 -9.60 -22.66
N GLU C 92 -25.45 -10.85 -22.19
CA GLU C 92 -25.99 -11.23 -20.89
C GLU C 92 -25.37 -10.40 -19.77
N ALA C 93 -24.04 -10.28 -19.78
CA ALA C 93 -23.37 -9.49 -18.73
C ALA C 93 -23.75 -8.02 -18.80
N VAL C 94 -23.92 -7.46 -20.00
CA VAL C 94 -24.32 -6.06 -20.10
C VAL C 94 -25.72 -5.88 -19.55
N LYS C 95 -26.58 -6.89 -19.70
CA LYS C 95 -27.94 -6.76 -19.21
C LYS C 95 -27.99 -6.78 -17.68
N GLY C 96 -27.00 -7.41 -17.03
CA GLY C 96 -26.91 -7.40 -15.59
C GLY C 96 -26.54 -6.06 -15.00
N LEU C 97 -26.21 -5.08 -15.84
CA LEU C 97 -25.96 -3.74 -15.34
C LEU C 97 -27.23 -2.93 -15.22
N VAL C 98 -28.33 -3.43 -15.75
CA VAL C 98 -29.57 -2.65 -15.81
C VAL C 98 -30.25 -2.71 -14.46
N ASP C 99 -30.39 -1.55 -13.82
CA ASP C 99 -31.18 -1.42 -12.61
C ASP C 99 -31.88 -0.06 -12.65
N GLU C 100 -32.45 0.33 -11.51
CA GLU C 100 -33.23 1.57 -11.44
C GLU C 100 -32.42 2.82 -11.77
N HIS C 101 -31.09 2.72 -11.86
CA HIS C 101 -30.25 3.87 -12.18
C HIS C 101 -29.66 3.80 -13.58
N PHE C 102 -30.02 2.78 -14.38
CA PHE C 102 -29.43 2.61 -15.70
C PHE C 102 -30.22 1.62 -16.57
N SER C 103 -30.75 2.11 -17.68
CA SER C 103 -31.33 1.26 -18.70
C SER C 103 -30.33 1.11 -19.85
N LEU C 104 -30.49 0.04 -20.63
CA LEU C 104 -29.60 -0.17 -21.78
C LEU C 104 -29.49 1.08 -22.66
N ASP C 105 -30.62 1.76 -22.91
CA ASP C 105 -30.59 2.92 -23.79
C ASP C 105 -29.87 4.13 -23.21
N ASP C 106 -29.47 4.10 -21.93
CA ASP C 106 -28.73 5.23 -21.36
C ASP C 106 -27.30 5.34 -21.85
N MET C 107 -26.76 4.22 -22.33
CA MET C 107 -25.34 4.06 -22.68
C MET C 107 -24.89 5.05 -23.75
N GLN C 108 -23.81 5.78 -23.49
CA GLN C 108 -23.23 6.68 -24.47
C GLN C 108 -22.07 6.07 -25.24
N SER C 109 -21.54 4.92 -24.79
CA SER C 109 -20.42 4.27 -25.45
C SER C 109 -20.35 2.84 -24.97
N LEU C 110 -20.24 1.90 -25.89
CA LEU C 110 -20.07 0.49 -25.56
C LEU C 110 -18.71 0.03 -26.09
N ALA C 111 -17.85 -0.44 -25.19
CA ALA C 111 -16.54 -0.95 -25.57
C ALA C 111 -16.49 -2.43 -25.24
N ALA C 112 -16.34 -3.28 -26.26
CA ALA C 112 -16.42 -4.71 -26.06
C ALA C 112 -15.16 -5.39 -26.59
N SER C 113 -14.80 -6.48 -25.93
CA SER C 113 -13.65 -7.27 -26.34
C SER C 113 -13.99 -8.74 -26.21
N SER C 114 -13.26 -9.57 -26.93
CA SER C 114 -13.34 -11.02 -26.79
C SER C 114 -12.18 -11.68 -27.50
N GLY C 115 -11.34 -12.38 -26.74
CA GLY C 115 -10.28 -13.20 -27.32
C GLY C 115 -10.79 -14.37 -28.12
N THR C 116 -12.10 -14.61 -28.10
CA THR C 116 -12.77 -15.69 -28.83
C THR C 116 -14.01 -15.16 -29.53
N SER C 117 -13.84 -14.12 -30.34
CA SER C 117 -14.98 -13.58 -31.10
C SER C 117 -15.57 -14.66 -31.97
N ASP C 118 -16.85 -14.50 -32.30
CA ASP C 118 -17.51 -15.48 -33.15
C ASP C 118 -17.00 -15.44 -34.59
N GLN C 119 -16.48 -14.30 -35.02
CA GLN C 119 -16.10 -14.06 -36.40
C GLN C 119 -14.85 -13.17 -36.44
N ILE C 120 -14.32 -12.98 -37.63
CA ILE C 120 -13.22 -12.04 -37.83
C ILE C 120 -13.74 -10.64 -38.16
N ILE C 121 -14.69 -10.55 -39.09
CA ILE C 121 -15.44 -9.33 -39.39
C ILE C 121 -16.92 -9.72 -39.35
N PRO C 122 -17.78 -8.90 -38.74
CA PRO C 122 -17.55 -7.62 -38.05
C PRO C 122 -16.80 -7.75 -36.72
N GLY C 123 -16.51 -6.61 -36.10
CA GLY C 123 -15.93 -6.62 -34.77
C GLY C 123 -16.92 -7.12 -33.72
N HIS C 124 -16.34 -7.65 -32.64
CA HIS C 124 -17.15 -8.21 -31.55
C HIS C 124 -18.21 -7.24 -31.04
N GLY C 125 -17.83 -5.98 -30.84
CA GLY C 125 -18.74 -5.02 -30.23
C GLY C 125 -20.05 -4.86 -30.97
N VAL C 126 -20.00 -4.76 -32.31
CA VAL C 126 -21.24 -4.53 -33.06
C VAL C 126 -22.10 -5.78 -33.09
N MET C 127 -21.51 -6.97 -32.97
CA MET C 127 -22.33 -8.16 -32.79
C MET C 127 -23.01 -8.16 -31.42
N VAL C 128 -22.34 -7.63 -30.38
CA VAL C 128 -22.98 -7.54 -29.07
C VAL C 128 -24.10 -6.50 -29.11
N HIS C 129 -23.82 -5.32 -29.68
CA HIS C 129 -24.84 -4.29 -29.93
C HIS C 129 -26.05 -4.88 -30.66
N GLY C 130 -25.80 -5.74 -31.64
CA GLY C 130 -26.91 -6.37 -32.35
C GLY C 130 -27.73 -7.32 -31.50
N GLU C 131 -27.11 -7.90 -30.46
CA GLU C 131 -27.85 -8.77 -29.55
C GLU C 131 -28.62 -7.98 -28.51
N LEU C 132 -27.99 -6.93 -27.96
CA LEU C 132 -28.64 -6.10 -26.96
C LEU C 132 -29.81 -5.31 -27.56
N LYS C 133 -29.63 -4.79 -28.76
CA LYS C 133 -30.67 -4.07 -29.51
C LYS C 133 -31.01 -2.73 -28.88
N ASN C 134 -30.09 -2.16 -28.10
CA ASN C 134 -30.27 -0.81 -27.60
C ASN C 134 -30.08 0.22 -28.71
N LYS C 135 -30.57 1.43 -28.47
CA LYS C 135 -30.60 2.43 -29.52
C LYS C 135 -29.18 2.82 -29.97
N PRO C 136 -29.05 3.45 -31.14
CA PRO C 136 -27.72 3.79 -31.69
C PRO C 136 -26.81 4.54 -30.75
N CYS C 137 -25.66 3.92 -30.45
CA CYS C 137 -24.63 4.51 -29.63
C CYS C 137 -23.27 4.26 -30.28
N GLU C 138 -22.24 4.88 -29.70
CA GLU C 138 -20.89 4.57 -30.07
C GLU C 138 -20.56 3.14 -29.64
N VAL C 139 -20.08 2.32 -30.58
CA VAL C 139 -19.64 0.96 -30.28
C VAL C 139 -18.20 0.82 -30.75
N ILE C 140 -17.33 0.32 -29.88
CA ILE C 140 -15.96 0.06 -30.28
C ILE C 140 -15.59 -1.35 -29.82
N SER C 141 -14.66 -1.98 -30.53
CA SER C 141 -14.18 -3.31 -30.19
C SER C 141 -12.69 -3.27 -29.97
N THR C 142 -12.19 -3.86 -28.87
CA THR C 142 -10.77 -4.08 -28.75
C THR C 142 -10.47 -5.57 -28.89
N SER C 143 -9.21 -5.88 -29.22
CA SER C 143 -8.83 -7.25 -29.49
C SER C 143 -7.54 -7.61 -28.78
N GLY C 144 -7.32 -8.91 -28.65
CA GLY C 144 -6.20 -9.44 -27.92
C GLY C 144 -6.65 -10.65 -27.13
N ALA C 145 -6.04 -10.90 -25.98
CA ALA C 145 -6.48 -11.97 -25.10
C ALA C 145 -6.90 -11.34 -23.76
N CYS C 146 -6.24 -11.71 -22.66
CA CYS C 146 -6.67 -11.24 -21.31
C CYS C 146 -6.67 -9.72 -21.19
N ALA C 147 -5.69 -9.03 -21.74
CA ALA C 147 -5.63 -7.59 -21.54
C ALA C 147 -6.68 -6.85 -22.34
N ALA C 148 -7.30 -7.54 -23.30
CA ALA C 148 -8.27 -6.87 -24.17
C ALA C 148 -9.47 -6.36 -23.38
N GLY C 149 -9.84 -7.06 -22.31
CA GLY C 149 -10.92 -6.57 -21.46
C GLY C 149 -10.53 -5.30 -20.74
N MET C 150 -9.25 -5.13 -20.44
CA MET C 150 -8.79 -3.92 -19.77
C MET C 150 -8.54 -2.79 -20.76
N THR C 151 -8.17 -3.09 -22.01
CA THR C 151 -8.07 -2.00 -22.98
C THR C 151 -9.45 -1.46 -23.34
N ALA C 152 -10.47 -2.32 -23.31
CA ALA C 152 -11.83 -1.85 -23.51
C ALA C 152 -12.27 -0.98 -22.34
N MET C 153 -12.02 -1.44 -21.11
CA MET C 153 -12.38 -0.66 -19.93
C MET C 153 -11.62 0.66 -19.89
N LYS C 154 -10.36 0.66 -20.34
CA LYS C 154 -9.64 1.92 -20.39
C LYS C 154 -10.23 2.85 -21.44
N TYR C 155 -10.65 2.31 -22.60
CA TYR C 155 -11.33 3.15 -23.56
C TYR C 155 -12.51 3.85 -22.92
N ALA C 156 -13.38 3.06 -22.25
CA ALA C 156 -14.52 3.62 -21.55
C ALA C 156 -14.08 4.67 -20.51
N TYR C 157 -13.10 4.31 -19.68
CA TYR C 157 -12.55 5.23 -18.69
C TYR C 157 -12.03 6.50 -19.36
N LEU C 158 -11.26 6.37 -20.44
CA LEU C 158 -10.74 7.55 -21.12
C LEU C 158 -11.85 8.37 -21.77
N SER C 159 -13.01 7.77 -22.01
CA SER C 159 -14.10 8.50 -22.65
C SER C 159 -14.75 9.45 -21.65
N VAL C 160 -15.08 8.91 -20.47
CA VAL C 160 -15.63 9.71 -19.37
C VAL C 160 -14.61 10.72 -18.84
N LEU C 161 -13.34 10.32 -18.75
CA LEU C 161 -12.33 11.20 -18.17
C LEU C 161 -12.11 12.44 -19.02
N SER C 162 -12.10 12.28 -20.35
CA SER C 162 -11.93 13.41 -21.26
C SER C 162 -13.13 14.34 -21.25
N GLY C 163 -14.27 13.87 -20.74
CA GLY C 163 -15.53 14.56 -20.87
C GLY C 163 -16.25 14.32 -22.19
N ALA C 164 -15.71 13.45 -23.04
CA ALA C 164 -16.38 13.12 -24.28
C ALA C 164 -17.76 12.53 -24.02
N THR C 165 -17.88 11.67 -23.02
CA THR C 165 -19.19 11.21 -22.57
C THR C 165 -19.28 11.37 -21.06
N SER C 166 -20.48 11.14 -20.54
CA SER C 166 -20.71 11.14 -19.10
C SER C 166 -20.84 9.73 -18.56
N ASN C 167 -21.05 8.75 -19.43
CA ASN C 167 -20.93 7.37 -19.02
C ASN C 167 -20.35 6.55 -20.18
N ALA C 168 -20.19 5.25 -19.94
CA ALA C 168 -19.57 4.31 -20.87
C ALA C 168 -19.67 2.91 -20.29
N VAL C 169 -20.01 1.92 -21.11
CA VAL C 169 -20.00 0.52 -20.68
C VAL C 169 -18.77 -0.14 -21.28
N SER C 170 -18.11 -1.00 -20.50
CA SER C 170 -17.13 -1.91 -21.05
C SER C 170 -17.59 -3.33 -20.74
N THR C 171 -17.29 -4.26 -21.63
CA THR C 171 -17.70 -5.64 -21.45
C THR C 171 -16.71 -6.55 -22.18
N THR C 172 -16.67 -7.81 -21.77
CA THR C 172 -15.79 -8.78 -22.39
C THR C 172 -16.42 -10.16 -22.19
N SER C 173 -16.18 -11.06 -23.13
CA SER C 173 -16.73 -12.41 -23.06
C SER C 173 -15.71 -13.39 -23.63
N GLU C 174 -15.66 -14.58 -23.05
CA GLU C 174 -14.76 -15.62 -23.50
C GLU C 174 -15.53 -16.92 -23.61
N VAL C 175 -15.52 -17.51 -24.80
CA VAL C 175 -16.07 -18.84 -25.01
C VAL C 175 -15.00 -19.70 -25.66
N PRO C 176 -13.86 -19.94 -25.00
CA PRO C 176 -12.84 -20.81 -25.60
C PRO C 176 -13.30 -22.25 -25.83
N SER C 177 -14.45 -22.65 -25.25
CA SER C 177 -15.00 -23.98 -25.50
C SER C 177 -15.24 -24.24 -26.99
N THR C 178 -15.62 -23.20 -27.75
CA THR C 178 -15.78 -23.31 -29.20
C THR C 178 -14.55 -23.89 -29.87
N VAL C 179 -13.36 -23.51 -29.40
CA VAL C 179 -12.12 -23.95 -30.03
C VAL C 179 -11.37 -24.99 -29.20
N LEU C 180 -11.72 -25.15 -27.90
CA LEU C 180 -11.08 -26.16 -27.06
C LEU C 180 -11.69 -27.55 -27.23
N HIS C 181 -12.90 -27.61 -27.76
CA HIS C 181 -13.54 -28.88 -28.05
C HIS C 181 -12.64 -29.72 -28.96
N ALA C 182 -12.73 -31.05 -28.80
CA ALA C 182 -11.85 -31.97 -29.51
C ALA C 182 -12.07 -31.96 -31.02
N ARG C 183 -13.23 -31.48 -31.48
CA ARG C 183 -13.48 -31.39 -32.91
C ARG C 183 -12.48 -30.47 -33.61
N ASN C 184 -11.97 -29.46 -32.89
CA ASN C 184 -10.97 -28.56 -33.46
C ASN C 184 -9.64 -29.26 -33.73
N PHE C 185 -9.49 -30.51 -33.33
CA PHE C 185 -8.27 -31.27 -33.55
C PHE C 185 -8.50 -32.52 -34.37
N GLN C 186 -9.77 -32.82 -34.70
CA GLN C 186 -10.12 -34.08 -35.32
C GLN C 186 -9.38 -34.32 -36.63
N SER C 187 -9.26 -33.30 -37.48
CA SER C 187 -8.59 -33.49 -38.77
C SER C 187 -7.07 -33.63 -38.65
N GLU C 188 -6.47 -33.16 -37.55
CA GLU C 188 -5.05 -33.38 -37.33
C GLU C 188 -4.79 -34.79 -36.79
N ASN C 189 -5.68 -35.26 -35.92
CA ASN C 189 -5.57 -36.61 -35.36
C ASN C 189 -5.64 -37.65 -36.47
N GLU C 190 -6.60 -37.51 -37.39
CA GLU C 190 -6.67 -38.39 -38.55
C GLU C 190 -5.43 -38.26 -39.43
N ALA C 191 -4.90 -37.05 -39.56
CA ALA C 191 -3.73 -36.84 -40.42
C ALA C 191 -2.53 -37.58 -39.89
N ARG C 192 -2.44 -37.77 -38.58
CA ARG C 192 -1.32 -38.45 -37.96
C ARG C 192 -1.65 -39.89 -37.58
N VAL C 193 -2.94 -40.25 -37.57
CA VAL C 193 -3.34 -41.66 -37.62
C VAL C 193 -2.99 -42.27 -38.99
N ALA C 194 -3.25 -41.52 -40.07
CA ALA C 194 -2.90 -41.94 -41.42
C ALA C 194 -1.45 -41.70 -41.78
N GLU C 195 -0.69 -41.02 -40.91
CA GLU C 195 0.74 -40.83 -41.13
C GLU C 195 1.57 -41.86 -40.40
N LEU C 196 0.95 -42.68 -39.54
CA LEU C 196 1.61 -43.72 -38.75
C LEU C 196 2.64 -43.11 -37.79
N GLU C 197 2.17 -42.19 -36.93
CA GLU C 197 3.01 -41.55 -35.94
C GLU C 197 3.03 -42.37 -34.65
N ARG C 198 4.23 -42.51 -34.07
CA ARG C 198 4.41 -43.29 -32.84
C ARG C 198 3.47 -42.83 -31.73
N ARG C 199 3.22 -41.52 -31.64
CA ARG C 199 2.29 -40.94 -30.67
C ARG C 199 1.34 -40.01 -31.42
N PRO C 200 0.20 -40.51 -31.88
CA PRO C 200 -0.74 -39.69 -32.66
C PRO C 200 -1.43 -38.61 -31.85
N GLU C 201 -1.19 -38.53 -30.54
CA GLU C 201 -1.80 -37.49 -29.71
C GLU C 201 -1.32 -36.11 -30.14
N ILE C 202 -2.22 -35.14 -30.03
CA ILE C 202 -1.85 -33.78 -30.41
C ILE C 202 -0.75 -33.29 -29.49
N ALA C 203 -0.05 -32.25 -29.95
CA ALA C 203 1.04 -31.68 -29.18
C ALA C 203 0.52 -31.15 -27.84
N PHE C 204 1.41 -31.19 -26.84
CA PHE C 204 1.08 -30.65 -25.53
C PHE C 204 0.69 -29.18 -25.62
N GLU C 205 1.37 -28.43 -26.49
CA GLU C 205 1.07 -27.02 -26.70
C GLU C 205 -0.33 -26.78 -27.24
N LYS C 206 -0.91 -27.76 -27.95
CA LYS C 206 -2.31 -27.66 -28.35
C LYS C 206 -3.28 -28.22 -27.30
N ASP C 207 -2.84 -29.19 -26.50
CA ASP C 207 -3.73 -29.81 -25.53
C ASP C 207 -3.69 -29.11 -24.15
N PHE C 208 -2.58 -28.46 -23.82
CA PHE C 208 -2.41 -27.80 -22.52
C PHE C 208 -3.58 -26.88 -22.19
N LEU C 209 -3.90 -25.94 -23.06
CA LEU C 209 -4.94 -24.95 -22.76
C LEU C 209 -6.34 -25.55 -22.69
N ARG C 210 -6.53 -26.79 -23.16
CA ARG C 210 -7.87 -27.39 -23.08
C ARG C 210 -8.30 -27.54 -21.63
N TRP C 211 -7.34 -27.64 -20.71
CA TRP C 211 -7.63 -27.80 -19.29
C TRP C 211 -7.38 -26.53 -18.50
N MET C 212 -7.05 -25.43 -19.18
CA MET C 212 -6.74 -24.15 -18.55
C MET C 212 -7.86 -23.13 -18.69
N LEU C 213 -8.39 -22.96 -19.90
CA LEU C 213 -9.27 -21.84 -20.23
C LEU C 213 -10.72 -22.27 -20.23
N SER C 214 -11.61 -21.36 -19.81
CA SER C 214 -13.03 -21.67 -19.74
C SER C 214 -13.84 -20.40 -19.95
N ASP C 215 -15.16 -20.52 -19.87
CA ASP C 215 -16.06 -19.51 -20.44
C ASP C 215 -16.65 -18.58 -19.39
N GLY C 216 -16.93 -17.34 -19.80
CA GLY C 216 -17.57 -16.38 -18.93
C GLY C 216 -17.54 -14.98 -19.51
N ALA C 217 -18.38 -14.08 -18.99
CA ALA C 217 -18.46 -12.71 -19.47
C ALA C 217 -18.59 -11.76 -18.28
N GLY C 218 -18.38 -10.48 -18.55
CA GLY C 218 -18.59 -9.47 -17.52
C GLY C 218 -18.78 -8.13 -18.18
N ALA C 219 -19.43 -7.22 -17.46
CA ALA C 219 -19.64 -5.86 -17.92
C ALA C 219 -19.50 -4.88 -16.77
N ALA C 220 -19.19 -3.64 -17.11
CA ALA C 220 -18.95 -2.61 -16.11
C ALA C 220 -19.49 -1.28 -16.59
N LEU C 221 -20.18 -0.57 -15.71
CA LEU C 221 -20.70 0.75 -16.03
C LEU C 221 -19.86 1.81 -15.33
N LEU C 222 -19.44 2.81 -16.09
CA LEU C 222 -18.57 3.89 -15.63
C LEU C 222 -19.25 5.23 -15.86
N GLU C 223 -19.34 6.05 -14.82
CA GLU C 223 -19.99 7.37 -14.93
C GLU C 223 -19.08 8.44 -14.32
N ASN C 224 -19.43 9.70 -14.56
CA ASN C 224 -18.60 10.81 -14.11
C ASN C 224 -18.96 11.28 -12.70
N LYS C 225 -19.90 10.61 -12.05
CA LYS C 225 -20.31 10.83 -10.68
C LYS C 225 -20.61 9.48 -10.05
N PRO C 226 -20.35 9.33 -8.75
CA PRO C 226 -20.71 8.08 -8.05
C PRO C 226 -22.22 7.91 -7.94
N ARG C 227 -22.61 6.73 -7.47
CA ARG C 227 -24.03 6.41 -7.26
C ARG C 227 -24.57 7.28 -6.13
N PRO C 228 -25.91 7.29 -5.85
CA PRO C 228 -26.36 7.94 -4.61
C PRO C 228 -25.96 7.10 -3.42
N ASP C 229 -26.55 5.90 -3.40
CA ASP C 229 -26.34 4.89 -2.40
C ASP C 229 -25.15 4.01 -2.79
N GLY C 230 -24.95 2.92 -2.04
CA GLY C 230 -23.91 1.95 -2.24
C GLY C 230 -22.55 2.60 -2.38
N VAL C 231 -21.65 1.88 -3.03
CA VAL C 231 -20.30 2.40 -3.23
C VAL C 231 -19.99 2.43 -4.72
N SER C 232 -19.18 3.41 -5.11
CA SER C 232 -18.52 3.47 -6.41
C SER C 232 -17.02 3.25 -6.24
N LEU C 233 -16.38 2.69 -7.25
CA LEU C 233 -14.93 2.52 -7.24
C LEU C 233 -14.32 3.57 -8.16
N ARG C 234 -13.75 4.62 -7.56
CA ARG C 234 -13.08 5.62 -8.39
C ARG C 234 -11.88 5.00 -9.08
N ILE C 235 -11.85 5.08 -10.41
CA ILE C 235 -10.67 4.65 -11.15
C ILE C 235 -9.62 5.75 -11.01
N ASP C 236 -8.51 5.43 -10.35
CA ASP C 236 -7.46 6.44 -10.23
C ASP C 236 -6.56 6.46 -11.43
N TRP C 237 -6.25 5.28 -11.98
CA TRP C 237 -5.52 5.17 -13.25
C TRP C 237 -5.65 3.75 -13.77
N ILE C 238 -5.27 3.58 -15.05
CA ILE C 238 -5.09 2.28 -15.66
C ILE C 238 -3.81 2.33 -16.49
N ASP C 239 -2.78 1.61 -16.07
CA ASP C 239 -1.49 1.64 -16.73
C ASP C 239 -1.27 0.31 -17.42
N ILE C 240 -0.83 0.36 -18.68
CA ILE C 240 -0.68 -0.84 -19.50
C ILE C 240 0.66 -0.80 -20.21
N TYR C 241 1.36 -1.94 -20.24
CA TYR C 241 2.65 -2.04 -20.90
C TYR C 241 2.72 -3.29 -21.75
N SER C 242 3.28 -3.16 -22.95
CA SER C 242 3.57 -4.28 -23.82
C SER C 242 5.08 -4.51 -23.86
N PHE C 243 5.50 -5.76 -23.73
CA PHE C 243 6.91 -6.15 -23.88
C PHE C 243 7.11 -7.01 -25.11
N ALA C 244 6.23 -6.84 -26.11
CA ALA C 244 6.36 -7.53 -27.38
C ALA C 244 7.59 -7.07 -28.18
N ASN C 245 8.13 -5.89 -27.88
CA ASN C 245 9.36 -5.42 -28.50
C ASN C 245 10.50 -6.40 -28.35
N GLU C 246 10.54 -7.17 -27.26
CA GLU C 246 11.65 -8.08 -27.02
C GLU C 246 11.23 -9.50 -26.70
N GLN C 247 9.95 -9.77 -26.52
CA GLN C 247 9.46 -11.11 -26.24
C GLN C 247 8.78 -11.67 -27.49
N GLU C 248 9.00 -12.95 -27.74
CA GLU C 248 8.31 -13.64 -28.82
C GLU C 248 6.85 -13.89 -28.47
N THR C 249 6.05 -14.15 -29.52
CA THR C 249 4.69 -14.59 -29.33
C THR C 249 4.67 -15.86 -28.50
N CYS C 250 3.77 -15.90 -27.52
CA CYS C 250 3.70 -16.99 -26.55
C CYS C 250 2.37 -17.71 -26.55
N MET C 251 1.25 -17.01 -26.73
CA MET C 251 -0.07 -17.62 -26.87
C MET C 251 -0.68 -17.12 -28.16
N TYR C 252 -1.24 -18.02 -28.96
CA TYR C 252 -1.55 -17.65 -30.34
C TYR C 252 -2.57 -18.62 -30.94
N SER C 253 -3.38 -18.11 -31.86
CA SER C 253 -4.30 -18.95 -32.60
C SER C 253 -4.47 -18.33 -33.97
N GLY C 254 -4.96 -19.13 -34.92
CA GLY C 254 -4.95 -18.68 -36.31
C GLY C 254 -3.55 -18.41 -36.81
N GLY C 255 -2.60 -19.28 -36.48
CA GLY C 255 -1.21 -19.11 -36.85
C GLY C 255 -0.41 -20.28 -36.33
N GLU C 256 0.83 -20.38 -36.80
CA GLU C 256 1.78 -21.34 -36.26
C GLU C 256 3.07 -20.61 -35.93
N LYS C 257 3.71 -20.99 -34.82
CA LYS C 257 4.97 -20.39 -34.41
C LYS C 257 6.13 -21.15 -35.05
N LEU C 258 6.94 -20.44 -35.82
CA LEU C 258 8.06 -21.01 -36.54
C LEU C 258 9.29 -21.16 -35.63
N ALA C 259 10.28 -21.90 -36.14
CA ALA C 259 11.47 -22.19 -35.34
C ALA C 259 12.18 -20.92 -34.90
N ASP C 260 12.12 -19.87 -35.71
CA ASP C 260 12.77 -18.60 -35.39
C ASP C 260 11.98 -17.76 -34.39
N GLY C 261 10.86 -18.28 -33.89
CA GLY C 261 10.05 -17.54 -32.94
C GLY C 261 8.99 -16.64 -33.56
N SER C 262 9.00 -16.47 -34.87
CA SER C 262 8.00 -15.65 -35.54
C SER C 262 6.69 -16.42 -35.66
N LEU C 263 5.63 -15.70 -36.00
CA LEU C 263 4.30 -16.26 -36.17
C LEU C 263 3.89 -16.17 -37.63
N LYS C 264 3.45 -17.30 -38.18
CA LYS C 264 2.96 -17.35 -39.55
C LYS C 264 1.44 -17.35 -39.53
N GLY C 265 0.83 -16.32 -40.13
CA GLY C 265 -0.62 -16.21 -40.10
C GLY C 265 -1.31 -17.33 -40.85
N TRP C 266 -2.57 -17.60 -40.48
CA TRP C 266 -3.32 -18.69 -41.10
C TRP C 266 -3.49 -18.50 -42.60
N ALA C 267 -3.62 -17.26 -43.08
CA ALA C 267 -3.91 -17.04 -44.51
C ALA C 267 -2.68 -17.24 -45.38
N GLN C 268 -1.51 -17.33 -44.77
CA GLN C 268 -0.29 -17.74 -45.46
C GLN C 268 -0.18 -19.24 -45.60
N MET C 269 -1.19 -19.99 -45.17
CA MET C 269 -1.16 -21.43 -45.24
C MET C 269 -2.30 -21.93 -46.11
N SER C 270 -2.14 -23.14 -46.61
CA SER C 270 -3.19 -23.79 -47.37
C SER C 270 -4.30 -24.25 -46.44
N GLN C 271 -5.49 -24.40 -47.02
CA GLN C 271 -6.63 -24.91 -46.26
C GLN C 271 -6.36 -26.28 -45.70
N ALA C 272 -5.59 -27.10 -46.43
CA ALA C 272 -5.22 -28.41 -45.91
C ALA C 272 -4.41 -28.28 -44.63
N ASP C 273 -3.51 -27.30 -44.61
CA ASP C 273 -2.65 -27.09 -43.46
C ASP C 273 -3.43 -26.57 -42.26
N TRP C 274 -4.44 -25.73 -42.48
CA TRP C 274 -5.31 -25.33 -41.38
C TRP C 274 -5.77 -26.54 -40.61
N LEU C 275 -6.17 -27.58 -41.34
CA LEU C 275 -6.79 -28.75 -40.72
C LEU C 275 -5.75 -29.77 -40.27
N ALA C 276 -4.69 -29.95 -41.06
CA ALA C 276 -3.64 -30.90 -40.72
C ALA C 276 -2.98 -30.54 -39.39
N TYR C 277 -2.89 -29.25 -39.08
CA TYR C 277 -2.10 -28.73 -37.98
C TYR C 277 -2.92 -27.99 -36.96
N SER C 278 -4.25 -28.09 -37.04
CA SER C 278 -5.17 -27.39 -36.15
C SER C 278 -4.74 -25.93 -35.96
N VAL C 279 -4.61 -25.25 -37.08
CA VAL C 279 -4.04 -23.90 -37.08
C VAL C 279 -4.93 -22.94 -36.29
N PHE C 280 -6.24 -23.13 -36.32
CA PHE C 280 -7.16 -22.22 -35.63
C PHE C 280 -7.40 -22.58 -34.17
N CYS C 281 -6.72 -23.57 -33.62
CA CYS C 281 -6.82 -23.81 -32.18
C CYS C 281 -5.87 -22.87 -31.45
N ILE C 282 -6.09 -22.71 -30.15
CA ILE C 282 -5.22 -21.85 -29.34
C ILE C 282 -4.06 -22.69 -28.83
N LYS C 283 -2.85 -22.19 -29.04
CA LYS C 283 -1.62 -22.86 -28.64
C LYS C 283 -0.88 -22.02 -27.61
N GLN C 284 -0.02 -22.66 -26.84
CA GLN C 284 0.77 -21.95 -25.85
C GLN C 284 2.18 -22.50 -25.89
N ASP C 285 3.15 -21.60 -26.04
CA ASP C 285 4.56 -21.96 -25.89
C ASP C 285 4.81 -22.07 -24.40
N VAL C 286 4.57 -23.26 -23.85
CA VAL C 286 4.48 -23.40 -22.40
C VAL C 286 5.83 -23.14 -21.74
N ARG C 287 6.92 -23.55 -22.39
CA ARG C 287 8.25 -23.34 -21.80
C ARG C 287 8.63 -21.86 -21.83
N TYR C 288 8.25 -21.15 -22.90
CA TYR C 288 8.50 -19.71 -22.95
C TYR C 288 7.66 -18.97 -21.93
N LEU C 289 6.40 -19.41 -21.76
CA LEU C 289 5.49 -18.82 -20.77
C LEU C 289 6.07 -18.91 -19.37
N ASN C 290 6.39 -20.15 -18.93
CA ASN C 290 6.89 -20.37 -17.57
C ASN C 290 8.11 -19.51 -17.27
N GLU C 291 9.01 -19.37 -18.25
CA GLU C 291 10.27 -18.66 -18.09
C GLU C 291 10.10 -17.16 -17.94
N ARG C 292 9.10 -16.56 -18.60
CA ARG C 292 9.05 -15.11 -18.72
C ARG C 292 7.77 -14.44 -18.23
N VAL C 293 6.75 -15.19 -17.83
CA VAL C 293 5.47 -14.55 -17.55
C VAL C 293 5.55 -13.63 -16.34
N VAL C 294 6.33 -13.99 -15.31
CA VAL C 294 6.33 -13.17 -14.11
C VAL C 294 7.09 -11.87 -14.36
N LYS C 295 8.22 -11.94 -15.05
CA LYS C 295 8.99 -10.73 -15.28
C LYS C 295 8.31 -9.81 -16.27
N PHE C 296 7.74 -10.37 -17.35
CA PHE C 296 7.33 -9.52 -18.45
C PHE C 296 5.84 -9.29 -18.51
N THR C 297 5.09 -9.73 -17.51
CA THR C 297 3.76 -9.19 -17.31
C THR C 297 3.57 -8.49 -15.97
N LEU C 298 4.43 -8.79 -14.96
CA LEU C 298 4.28 -8.20 -13.63
C LEU C 298 5.48 -7.32 -13.25
N THR C 299 6.68 -7.87 -13.06
CA THR C 299 7.69 -7.09 -12.34
C THR C 299 8.25 -5.96 -13.19
N GLU C 300 8.45 -6.19 -14.51
CA GLU C 300 8.93 -5.15 -15.41
C GLU C 300 7.93 -4.00 -15.58
N PRO C 301 6.64 -4.26 -15.78
CA PRO C 301 5.71 -3.12 -15.82
C PRO C 301 5.44 -2.54 -14.44
N LEU C 302 5.27 -3.36 -13.41
CA LEU C 302 4.88 -2.81 -12.11
C LEU C 302 6.02 -2.00 -11.49
N ARG C 303 7.28 -2.41 -11.68
CA ARG C 303 8.35 -1.59 -11.13
C ARG C 303 8.40 -0.24 -11.81
N ARG C 304 8.02 -0.17 -13.10
CA ARG C 304 7.91 1.11 -13.81
C ARG C 304 6.80 1.96 -13.22
N ILE C 305 5.65 1.36 -12.92
CA ILE C 305 4.50 2.09 -12.41
C ILE C 305 4.73 2.56 -10.98
N VAL C 306 5.27 1.69 -10.14
CA VAL C 306 5.56 2.04 -8.75
C VAL C 306 6.49 3.24 -8.70
N ALA C 307 7.48 3.27 -9.58
CA ALA C 307 8.45 4.36 -9.58
C ALA C 307 7.84 5.65 -10.10
N ASP C 308 7.14 5.59 -11.25
CA ASP C 308 6.60 6.79 -11.85
C ASP C 308 5.44 7.36 -11.04
N ARG C 309 4.73 6.51 -10.30
CA ARG C 309 3.62 6.95 -9.47
C ARG C 309 3.97 6.97 -7.99
N ASN C 310 5.23 6.73 -7.65
CA ASN C 310 5.73 6.81 -6.27
C ASN C 310 4.82 6.08 -5.29
N LEU C 311 4.57 4.80 -5.59
CA LEU C 311 3.63 3.98 -4.85
C LEU C 311 4.30 3.21 -3.71
N SER C 312 3.47 2.79 -2.76
CA SER C 312 3.94 2.01 -1.62
C SER C 312 3.00 0.82 -1.43
N SER C 313 3.60 -0.35 -1.32
CA SER C 313 2.85 -1.60 -1.14
C SER C 313 1.87 -1.53 0.04
N GLU C 314 2.26 -0.90 1.15
CA GLU C 314 1.40 -0.85 2.34
C GLU C 314 0.13 -0.05 2.14
N SER C 315 0.03 0.74 1.06
CA SER C 315 -1.18 1.50 0.77
C SER C 315 -2.24 0.71 0.02
N ILE C 316 -1.94 -0.52 -0.41
CA ILE C 316 -2.88 -1.34 -1.17
C ILE C 316 -3.67 -2.21 -0.21
N ASP C 317 -4.98 -1.99 -0.15
CA ASP C 317 -5.80 -2.79 0.76
C ASP C 317 -6.30 -4.07 0.11
N TRP C 318 -6.63 -4.02 -1.19
CA TRP C 318 -7.05 -5.20 -1.95
C TRP C 318 -6.16 -5.35 -3.19
N PHE C 319 -5.64 -6.55 -3.40
CA PHE C 319 -4.88 -6.88 -4.60
C PHE C 319 -5.70 -7.88 -5.38
N LEU C 320 -6.03 -7.55 -6.63
CA LEU C 320 -6.91 -8.37 -7.46
C LEU C 320 -6.12 -8.90 -8.66
N PRO C 321 -5.36 -9.99 -8.48
CA PRO C 321 -4.51 -10.51 -9.56
C PRO C 321 -5.20 -11.60 -10.37
N HIS C 322 -5.21 -11.48 -11.70
CA HIS C 322 -5.63 -12.60 -12.53
C HIS C 322 -4.40 -13.45 -12.83
N TYR C 323 -4.18 -14.50 -12.03
CA TYR C 323 -2.93 -15.23 -12.13
C TYR C 323 -3.10 -16.60 -12.79
N SER C 324 -4.32 -16.94 -13.23
CA SER C 324 -4.57 -18.04 -14.17
C SER C 324 -4.38 -19.45 -13.60
N SER C 325 -3.37 -19.64 -12.75
CA SER C 325 -2.96 -20.98 -12.36
C SER C 325 -2.33 -20.93 -10.98
N GLU C 326 -2.72 -21.88 -10.11
CA GLU C 326 -2.11 -21.99 -8.79
C GLU C 326 -0.60 -22.04 -8.88
N TYR C 327 -0.10 -22.69 -9.95
CA TYR C 327 1.33 -22.76 -10.21
C TYR C 327 2.01 -21.38 -10.16
N PHE C 328 1.33 -20.33 -10.60
CA PHE C 328 1.94 -19.01 -10.69
C PHE C 328 1.66 -18.13 -9.50
N ARG C 329 0.70 -18.53 -8.64
CA ARG C 329 0.23 -17.66 -7.56
C ARG C 329 1.39 -17.09 -6.75
N MET C 330 2.19 -17.96 -6.15
CA MET C 330 3.30 -17.49 -5.34
C MET C 330 4.48 -17.06 -6.20
N LYS C 331 4.55 -17.50 -7.45
CA LYS C 331 5.60 -17.00 -8.34
C LYS C 331 5.40 -15.52 -8.65
N PHE C 332 4.14 -15.10 -8.85
CA PHE C 332 3.86 -13.67 -8.95
C PHE C 332 4.12 -12.94 -7.63
N SER C 333 3.81 -13.59 -6.50
CA SER C 333 4.06 -12.98 -5.19
C SER C 333 5.56 -12.77 -4.97
N GLU C 334 6.39 -13.75 -5.34
CA GLU C 334 7.82 -13.57 -5.33
C GLU C 334 8.26 -12.46 -6.25
N GLY C 335 7.57 -12.28 -7.37
CA GLY C 335 7.85 -11.15 -8.23
C GLY C 335 7.57 -9.83 -7.55
N LEU C 336 6.46 -9.75 -6.81
CA LEU C 336 6.20 -8.58 -5.98
C LEU C 336 7.33 -8.35 -4.97
N ASP C 337 7.78 -9.42 -4.29
CA ASP C 337 8.88 -9.27 -3.34
C ASP C 337 10.14 -8.75 -4.03
N ASP C 338 10.44 -9.28 -5.22
CA ASP C 338 11.64 -8.87 -5.96
C ASP C 338 11.61 -7.41 -6.39
N ILE C 339 10.45 -6.77 -6.43
CA ILE C 339 10.41 -5.35 -6.76
C ILE C 339 10.04 -4.49 -5.55
N ASN C 340 10.23 -5.02 -4.34
CA ASN C 340 10.00 -4.28 -3.11
C ASN C 340 8.57 -3.79 -3.05
N PHE C 341 7.64 -4.70 -3.33
CA PHE C 341 6.22 -4.36 -3.39
C PHE C 341 5.41 -5.56 -2.92
N SER C 342 5.89 -6.22 -1.88
CA SER C 342 5.22 -7.38 -1.32
C SER C 342 3.79 -7.06 -0.90
N ILE C 343 2.88 -7.98 -1.16
CA ILE C 343 1.51 -7.90 -0.68
C ILE C 343 1.18 -9.29 -0.19
N GLU C 344 0.90 -9.41 1.11
CA GLU C 344 0.67 -10.73 1.69
C GLU C 344 -0.64 -11.30 1.17
N GLN C 345 -0.73 -12.64 1.16
CA GLN C 345 -1.89 -13.32 0.60
C GLN C 345 -3.19 -12.83 1.19
N GLU C 346 -3.13 -12.34 2.43
CA GLU C 346 -4.34 -11.96 3.15
C GLU C 346 -5.11 -10.88 2.40
N ARG C 347 -4.41 -9.89 1.87
CA ARG C 347 -5.04 -8.83 1.10
C ARG C 347 -5.28 -9.23 -0.36
N TRP C 348 -4.93 -10.46 -0.77
CA TRP C 348 -5.23 -10.91 -2.12
C TRP C 348 -6.66 -11.43 -2.20
N PHE C 349 -7.28 -11.24 -3.37
CA PHE C 349 -8.61 -11.78 -3.61
C PHE C 349 -8.74 -12.35 -5.01
N THR C 350 -9.27 -13.57 -5.11
CA THR C 350 -9.61 -14.15 -6.40
C THR C 350 -10.66 -15.23 -6.21
N ASN C 351 -11.38 -15.51 -7.30
CA ASN C 351 -12.35 -16.60 -7.37
C ASN C 351 -11.97 -17.59 -8.47
N LEU C 352 -10.68 -17.69 -8.76
CA LEU C 352 -10.19 -18.47 -9.89
C LEU C 352 -10.53 -19.95 -9.76
N THR C 353 -10.29 -20.51 -8.57
CA THR C 353 -10.47 -21.94 -8.36
C THR C 353 -11.91 -22.38 -8.57
N VAL C 354 -12.86 -21.45 -8.41
CA VAL C 354 -14.28 -21.76 -8.43
C VAL C 354 -14.95 -21.30 -9.72
N LYS C 355 -14.55 -20.14 -10.26
CA LYS C 355 -15.11 -19.66 -11.51
C LYS C 355 -14.33 -20.12 -12.74
N GLY C 356 -13.10 -20.59 -12.57
CA GLY C 356 -12.24 -20.95 -13.68
C GLY C 356 -11.46 -19.76 -14.22
N ASN C 357 -10.47 -20.07 -15.06
CA ASN C 357 -9.72 -19.05 -15.78
C ASN C 357 -10.56 -18.62 -16.98
N THR C 358 -11.25 -17.48 -16.84
CA THR C 358 -12.10 -16.94 -17.90
C THR C 358 -11.40 -15.85 -18.71
N GLY C 359 -10.08 -15.87 -18.77
CA GLY C 359 -9.35 -14.98 -19.63
C GLY C 359 -9.66 -13.53 -19.29
N SER C 360 -10.04 -12.76 -20.32
CA SER C 360 -10.31 -11.34 -20.15
C SER C 360 -11.48 -11.08 -19.21
N ALA C 361 -12.35 -12.05 -18.98
CA ALA C 361 -13.48 -11.84 -18.09
C ALA C 361 -13.09 -11.91 -16.61
N SER C 362 -11.93 -12.49 -16.31
CA SER C 362 -11.54 -12.76 -14.93
C SER C 362 -11.65 -11.53 -14.05
N ILE C 363 -11.11 -10.41 -14.53
CA ILE C 363 -11.12 -9.23 -13.68
C ILE C 363 -12.55 -8.76 -13.42
N TYR C 364 -13.48 -8.98 -14.36
CA TYR C 364 -14.88 -8.61 -14.13
C TYR C 364 -15.52 -9.53 -13.10
N ILE C 365 -15.24 -10.82 -13.17
CA ILE C 365 -15.82 -11.80 -12.26
C ILE C 365 -15.22 -11.67 -10.87
N MET C 366 -13.98 -11.20 -10.75
CA MET C 366 -13.41 -10.87 -9.46
C MET C 366 -14.05 -9.61 -8.88
N LEU C 367 -14.05 -8.51 -9.64
CA LEU C 367 -14.70 -7.27 -9.17
C LEU C 367 -16.16 -7.50 -8.82
N ASP C 368 -16.87 -8.28 -9.63
CA ASP C 368 -18.31 -8.53 -9.41
C ASP C 368 -18.55 -9.12 -8.03
N GLU C 369 -17.85 -10.20 -7.71
CA GLU C 369 -18.07 -10.86 -6.43
C GLU C 369 -17.60 -9.98 -5.27
N LEU C 370 -16.46 -9.30 -5.42
CA LEU C 370 -15.98 -8.43 -4.35
C LEU C 370 -16.95 -7.29 -4.07
N MET C 371 -17.51 -6.67 -5.12
CA MET C 371 -18.46 -5.59 -4.92
C MET C 371 -19.73 -6.08 -4.22
N LYS C 372 -20.19 -7.29 -4.58
CA LYS C 372 -21.37 -7.86 -3.97
C LYS C 372 -21.08 -8.52 -2.63
N SER C 373 -19.84 -8.47 -2.17
CA SER C 373 -19.48 -9.10 -0.91
C SER C 373 -19.84 -8.24 0.30
N GLY C 374 -19.90 -6.92 0.13
CA GLY C 374 -20.04 -6.02 1.26
C GLY C 374 -18.77 -5.79 2.05
N LYS C 375 -17.69 -6.51 1.73
CA LYS C 375 -16.42 -6.36 2.44
C LYS C 375 -15.68 -5.08 2.09
N LEU C 376 -16.05 -4.39 1.02
CA LEU C 376 -15.35 -3.16 0.67
C LEU C 376 -15.75 -2.04 1.62
N LYS C 377 -14.78 -1.20 1.99
CA LYS C 377 -15.03 -0.05 2.85
C LYS C 377 -14.48 1.22 2.20
N LYS C 378 -15.09 2.34 2.56
CA LYS C 378 -14.75 3.62 1.95
C LYS C 378 -13.32 4.01 2.28
N ASP C 379 -12.66 4.68 1.32
CA ASP C 379 -11.26 5.09 1.30
C ASP C 379 -10.30 3.92 1.00
N GLN C 380 -10.78 2.67 0.97
CA GLN C 380 -9.93 1.52 0.68
C GLN C 380 -9.37 1.57 -0.74
N ARG C 381 -8.14 1.09 -0.90
CA ARG C 381 -7.45 1.13 -2.17
C ARG C 381 -7.23 -0.27 -2.72
N LEU C 382 -7.60 -0.46 -4.00
CA LEU C 382 -7.53 -1.73 -4.73
C LEU C 382 -6.55 -1.59 -5.90
N LEU C 383 -5.70 -2.61 -6.06
CA LEU C 383 -4.84 -2.74 -7.22
C LEU C 383 -5.25 -4.00 -7.96
N CYS C 384 -5.60 -3.85 -9.24
CA CYS C 384 -5.97 -4.97 -10.10
C CYS C 384 -4.83 -5.24 -11.05
N PHE C 385 -4.53 -6.52 -11.27
CA PHE C 385 -3.42 -6.95 -12.10
C PHE C 385 -3.91 -7.98 -13.12
N ILE C 386 -3.84 -7.63 -14.39
CA ILE C 386 -4.31 -8.49 -15.47
C ILE C 386 -3.16 -8.69 -16.44
N PRO C 387 -2.50 -9.86 -16.38
CA PRO C 387 -1.43 -10.17 -17.34
C PRO C 387 -1.99 -10.79 -18.61
N GLU C 388 -1.22 -10.65 -19.69
CA GLU C 388 -1.55 -11.30 -20.95
C GLU C 388 -0.31 -11.96 -21.52
N SER C 389 -0.29 -13.29 -21.54
CA SER C 389 0.89 -13.97 -22.06
C SER C 389 0.99 -13.92 -23.56
N ALA C 390 -0.12 -13.64 -24.27
CA ALA C 390 -0.14 -13.70 -25.73
C ALA C 390 1.17 -13.15 -26.32
N ARG C 391 1.55 -11.93 -25.93
CA ARG C 391 2.90 -11.46 -26.20
C ARG C 391 3.36 -10.51 -25.10
N PHE C 392 3.01 -10.83 -23.85
CA PHE C 392 3.55 -10.19 -22.66
C PHE C 392 3.15 -8.74 -22.49
N THR C 393 1.87 -8.54 -22.20
CA THR C 393 1.34 -7.30 -21.71
C THR C 393 0.96 -7.48 -20.23
N GLY C 394 1.21 -6.44 -19.42
CA GLY C 394 0.64 -6.36 -18.09
C GLY C 394 -0.25 -5.14 -17.99
N ALA C 395 -1.47 -5.31 -17.49
CA ALA C 395 -2.40 -4.20 -17.28
C ALA C 395 -2.69 -4.05 -15.80
N PHE C 396 -2.65 -2.81 -15.31
CA PHE C 396 -2.88 -2.55 -13.89
C PHE C 396 -3.90 -1.44 -13.73
N MET C 397 -4.82 -1.62 -12.78
CA MET C 397 -5.84 -0.61 -12.49
C MET C 397 -5.95 -0.37 -10.99
N HIS C 398 -5.79 0.89 -10.58
CA HIS C 398 -5.92 1.28 -9.19
C HIS C 398 -7.31 1.87 -8.95
N LEU C 399 -8.03 1.32 -7.97
CA LEU C 399 -9.35 1.81 -7.58
C LEU C 399 -9.31 2.34 -6.15
N THR C 400 -9.84 3.54 -5.94
CA THR C 400 -10.13 4.06 -4.60
C THR C 400 -11.64 4.02 -4.35
N VAL C 401 -12.05 3.28 -3.31
CA VAL C 401 -13.46 3.22 -2.91
C VAL C 401 -13.95 4.60 -2.44
N VAL C 402 -15.13 5.02 -2.92
CA VAL C 402 -15.73 6.32 -2.53
C VAL C 402 -17.20 6.22 -2.13
N ASN D 24 -6.44 20.12 -25.37
CA ASN D 24 -6.46 19.96 -26.83
C ASN D 24 -5.57 18.83 -27.36
N VAL D 25 -5.88 18.38 -28.58
CA VAL D 25 -5.15 17.33 -29.28
C VAL D 25 -4.89 17.80 -30.72
N TYR D 26 -3.70 17.48 -31.24
CA TYR D 26 -3.26 17.98 -32.54
C TYR D 26 -2.62 16.85 -33.33
N ILE D 27 -3.24 16.48 -34.45
CA ILE D 27 -2.56 15.62 -35.41
C ILE D 27 -1.36 16.40 -35.94
N THR D 28 -0.16 16.00 -35.55
CA THR D 28 1.03 16.74 -35.93
C THR D 28 1.80 16.07 -37.06
N LYS D 29 1.50 14.81 -37.34
CA LYS D 29 2.17 14.13 -38.44
C LYS D 29 1.28 12.98 -38.88
N VAL D 30 1.38 12.66 -40.18
CA VAL D 30 0.65 11.55 -40.79
C VAL D 30 1.55 10.91 -41.84
N SER D 31 1.51 9.58 -41.92
CA SER D 31 2.23 8.88 -42.98
C SER D 31 1.32 7.84 -43.60
N ALA D 32 1.73 7.38 -44.78
CA ALA D 32 1.00 6.34 -45.48
C ALA D 32 2.01 5.42 -46.14
N PHE D 33 1.75 4.13 -46.07
CA PHE D 33 2.59 3.17 -46.75
C PHE D 33 1.75 2.37 -47.72
N MET D 34 2.20 2.31 -48.97
CA MET D 34 1.54 1.53 -50.00
C MET D 34 2.50 0.46 -50.46
N PRO D 35 2.13 -0.82 -50.40
CA PRO D 35 3.07 -1.90 -50.75
C PRO D 35 3.30 -2.00 -52.26
N GLY D 36 4.57 -2.09 -52.66
CA GLY D 36 4.96 -2.26 -54.06
C GLY D 36 4.39 -1.17 -54.95
N ASN D 37 4.28 -1.50 -56.24
CA ASN D 37 3.90 -0.54 -57.25
C ASN D 37 2.39 -0.52 -57.48
N PRO D 38 1.85 0.60 -57.94
CA PRO D 38 0.42 0.62 -58.30
C PRO D 38 0.13 -0.35 -59.44
N ILE D 39 -1.02 -1.01 -59.35
CA ILE D 39 -1.40 -2.10 -60.24
C ILE D 39 -2.67 -1.69 -60.95
N ASP D 40 -2.65 -1.75 -62.28
CA ASP D 40 -3.79 -1.26 -63.05
C ASP D 40 -4.84 -2.34 -63.21
N ASN D 41 -5.97 -1.95 -63.81
CA ASN D 41 -7.11 -2.83 -63.93
C ASN D 41 -6.77 -4.08 -64.75
N ASN D 42 -5.90 -3.95 -65.75
CA ASN D 42 -5.60 -5.10 -66.60
C ASN D 42 -4.63 -6.08 -65.94
N THR D 43 -3.94 -5.66 -64.87
CA THR D 43 -2.95 -6.49 -64.21
C THR D 43 -3.47 -7.18 -62.95
N MET D 44 -4.41 -6.55 -62.24
CA MET D 44 -4.77 -6.97 -60.89
C MET D 44 -5.12 -8.44 -60.80
N GLU D 45 -5.79 -8.98 -61.83
CA GLU D 45 -6.22 -10.37 -61.75
C GLU D 45 -5.03 -11.33 -61.79
N SER D 46 -3.97 -10.98 -62.54
CA SER D 46 -2.80 -11.84 -62.56
C SER D 46 -2.05 -11.82 -61.23
N VAL D 47 -2.06 -10.67 -60.54
CA VAL D 47 -1.43 -10.58 -59.22
C VAL D 47 -2.19 -11.40 -58.19
N LEU D 48 -3.51 -11.18 -58.10
CA LEU D 48 -4.33 -11.93 -57.16
C LEU D 48 -4.38 -13.41 -57.53
N GLY D 49 -4.27 -13.73 -58.80
CA GLY D 49 -4.27 -15.09 -59.29
C GLY D 49 -5.60 -15.47 -59.91
N PHE D 50 -5.56 -16.43 -60.83
CA PHE D 50 -6.77 -16.91 -61.47
C PHE D 50 -7.38 -18.01 -60.63
N VAL D 51 -8.71 -18.01 -60.54
CA VAL D 51 -9.46 -18.98 -59.75
C VAL D 51 -10.04 -20.03 -60.69
N GLY D 52 -9.82 -21.30 -60.38
CA GLY D 52 -10.40 -22.37 -61.17
C GLY D 52 -10.00 -22.32 -62.61
N GLY D 53 -8.84 -21.73 -62.90
CA GLY D 53 -8.28 -21.72 -64.23
C GLY D 53 -9.17 -21.07 -65.27
N ARG D 54 -9.97 -20.09 -64.87
CA ARG D 54 -10.80 -19.34 -65.79
C ARG D 54 -10.71 -17.88 -65.40
N PRO D 55 -10.75 -16.97 -66.37
CA PRO D 55 -10.77 -15.54 -66.04
C PRO D 55 -12.12 -15.13 -65.46
N SER D 56 -12.09 -14.06 -64.68
CA SER D 56 -13.31 -13.58 -64.03
C SER D 56 -14.21 -12.91 -65.05
N ARG D 57 -15.48 -13.31 -65.09
CA ARG D 57 -16.44 -12.60 -65.93
C ARG D 57 -17.09 -11.42 -65.20
N SER D 58 -16.95 -11.33 -63.89
CA SER D 58 -17.48 -10.19 -63.15
C SER D 58 -16.52 -9.01 -63.09
N ARG D 59 -15.20 -9.27 -63.20
CA ARG D 59 -14.21 -8.27 -62.86
C ARG D 59 -14.43 -6.94 -63.59
N HIS D 60 -14.59 -6.99 -64.91
CA HIS D 60 -14.68 -5.72 -65.64
C HIS D 60 -15.93 -4.93 -65.25
N ILE D 61 -17.02 -5.62 -64.92
CA ILE D 61 -18.25 -4.93 -64.51
C ILE D 61 -18.07 -4.29 -63.14
N VAL D 62 -17.52 -5.05 -62.18
CA VAL D 62 -17.27 -4.51 -60.85
C VAL D 62 -16.37 -3.29 -60.94
N LEU D 63 -15.32 -3.39 -61.76
CA LEU D 63 -14.39 -2.28 -61.95
C LEU D 63 -15.08 -1.10 -62.62
N ARG D 64 -15.95 -1.38 -63.57
CA ARG D 64 -16.67 -0.33 -64.28
C ARG D 64 -17.51 0.51 -63.33
N ASN D 65 -18.09 -0.13 -62.32
CA ASN D 65 -18.94 0.58 -61.38
C ASN D 65 -18.19 1.16 -60.18
N ASN D 66 -17.08 0.58 -59.72
CA ASN D 66 -16.40 1.20 -58.58
C ASN D 66 -15.42 2.30 -58.97
N GLY D 67 -15.03 2.37 -60.24
CA GLY D 67 -14.24 3.48 -60.73
C GLY D 67 -12.78 3.46 -60.32
N ILE D 68 -12.32 2.42 -59.63
CA ILE D 68 -10.93 2.38 -59.16
C ILE D 68 -10.02 1.95 -60.30
N LYS D 69 -8.96 2.73 -60.54
CA LYS D 69 -8.09 2.46 -61.68
C LYS D 69 -6.73 1.91 -61.30
N TYR D 70 -6.27 2.15 -60.08
CA TYR D 70 -5.01 1.60 -59.57
C TYR D 70 -5.21 1.18 -58.11
N ARG D 71 -4.34 0.27 -57.65
CA ARG D 71 -4.38 -0.21 -56.27
C ARG D 71 -3.07 -0.94 -55.99
N HIS D 72 -2.83 -1.21 -54.70
CA HIS D 72 -1.62 -1.89 -54.28
C HIS D 72 -1.95 -3.18 -53.57
N TYR D 73 -1.06 -4.16 -53.71
CA TYR D 73 -1.15 -5.41 -53.00
C TYR D 73 0.20 -5.69 -52.36
N ALA D 74 0.18 -6.14 -51.11
CA ALA D 74 1.39 -6.64 -50.48
C ALA D 74 1.73 -8.03 -51.02
N LEU D 75 1.92 -8.09 -52.34
CA LEU D 75 2.19 -9.32 -53.04
C LEU D 75 3.30 -9.06 -54.05
N ASP D 76 4.09 -10.08 -54.33
CA ASP D 76 5.05 -10.03 -55.42
C ASP D 76 4.28 -10.22 -56.73
N PRO D 77 4.33 -9.25 -57.65
CA PRO D 77 3.47 -9.34 -58.84
C PRO D 77 3.68 -10.60 -59.67
N GLU D 78 4.88 -11.18 -59.64
CA GLU D 78 5.13 -12.40 -60.39
C GLU D 78 4.73 -13.63 -59.59
N THR D 79 5.36 -13.80 -58.42
CA THR D 79 5.19 -15.00 -57.61
C THR D 79 3.91 -15.01 -56.77
N GLY D 80 3.31 -13.85 -56.50
CA GLY D 80 2.17 -13.84 -55.60
C GLY D 80 2.55 -14.09 -54.15
N GLU D 81 3.84 -14.14 -53.85
CA GLU D 81 4.29 -14.26 -52.47
C GLU D 81 4.02 -12.96 -51.72
N ALA D 82 3.57 -13.09 -50.47
CA ALA D 82 3.35 -11.90 -49.67
C ALA D 82 4.67 -11.17 -49.45
N THR D 83 4.61 -9.85 -49.55
CA THR D 83 5.79 -9.02 -49.33
C THR D 83 5.80 -8.39 -47.96
N TYR D 84 4.63 -8.21 -47.34
CA TYR D 84 4.49 -7.69 -45.99
C TYR D 84 3.34 -8.40 -45.29
N THR D 85 3.53 -8.74 -44.02
CA THR D 85 2.39 -9.07 -43.16
C THR D 85 1.63 -7.79 -42.82
N SER D 86 0.42 -7.94 -42.28
CA SER D 86 -0.31 -6.74 -41.87
C SER D 86 0.47 -6.00 -40.80
N ALA D 87 1.11 -6.74 -39.90
CA ALA D 87 1.89 -6.11 -38.82
C ALA D 87 3.10 -5.35 -39.38
N GLN D 88 3.80 -5.92 -40.36
CA GLN D 88 4.90 -5.21 -41.02
C GLN D 88 4.40 -3.99 -41.79
N LEU D 89 3.27 -4.11 -42.49
CA LEU D 89 2.72 -2.96 -43.21
C LEU D 89 2.41 -1.81 -42.25
N ALA D 90 1.77 -2.11 -41.12
CA ALA D 90 1.47 -1.09 -40.13
C ALA D 90 2.74 -0.47 -39.56
N ALA D 91 3.77 -1.30 -39.37
CA ALA D 91 5.03 -0.80 -38.80
C ALA D 91 5.72 0.16 -39.76
N GLU D 92 5.64 -0.12 -41.07
CA GLU D 92 6.20 0.81 -42.06
C GLU D 92 5.48 2.15 -42.02
N ALA D 93 4.17 2.16 -41.76
CA ALA D 93 3.45 3.42 -41.65
C ALA D 93 3.83 4.18 -40.39
N VAL D 94 4.00 3.47 -39.25
CA VAL D 94 4.41 4.14 -38.02
C VAL D 94 5.79 4.76 -38.18
N LYS D 95 6.72 4.03 -38.80
CA LYS D 95 8.08 4.50 -38.96
C LYS D 95 8.17 5.79 -39.77
N GLY D 96 7.21 6.03 -40.66
CA GLY D 96 7.18 7.29 -41.39
C GLY D 96 6.65 8.44 -40.56
N LEU D 97 6.47 8.24 -39.26
CA LEU D 97 6.18 9.36 -38.38
C LEU D 97 7.43 9.93 -37.75
N VAL D 98 8.56 9.27 -37.94
CA VAL D 98 9.80 9.66 -37.27
C VAL D 98 10.40 10.88 -38.00
N ASP D 99 10.24 12.06 -37.39
CA ASP D 99 10.93 13.31 -37.70
C ASP D 99 11.96 13.58 -36.62
N GLU D 100 12.60 14.76 -36.71
CA GLU D 100 13.48 15.13 -35.60
C GLU D 100 12.68 15.56 -34.38
N HIS D 101 11.35 15.70 -34.49
CA HIS D 101 10.49 16.01 -33.35
C HIS D 101 9.92 14.77 -32.68
N PHE D 102 10.17 13.57 -33.23
CA PHE D 102 9.52 12.36 -32.75
C PHE D 102 10.33 11.14 -33.13
N SER D 103 10.78 10.38 -32.14
CA SER D 103 11.33 9.06 -32.41
C SER D 103 10.37 8.01 -31.86
N LEU D 104 10.60 6.75 -32.26
CA LEU D 104 9.67 5.68 -31.90
C LEU D 104 9.55 5.50 -30.41
N ASP D 105 10.65 5.71 -29.67
CA ASP D 105 10.62 5.55 -28.21
C ASP D 105 9.81 6.63 -27.52
N ASP D 106 9.60 7.77 -28.18
CA ASP D 106 8.83 8.85 -27.56
C ASP D 106 7.36 8.53 -27.44
N MET D 107 6.87 7.47 -28.07
CA MET D 107 5.44 7.24 -28.11
C MET D 107 4.95 6.70 -26.77
N GLN D 108 3.93 7.35 -26.22
CA GLN D 108 3.38 7.02 -24.91
C GLN D 108 2.26 6.01 -24.99
N SER D 109 1.70 5.80 -26.18
CA SER D 109 0.63 4.84 -26.39
C SER D 109 0.59 4.52 -27.87
N LEU D 110 0.21 3.29 -28.20
CA LEU D 110 0.03 2.86 -29.58
C LEU D 110 -1.32 2.17 -29.71
N ALA D 111 -2.14 2.66 -30.63
CA ALA D 111 -3.46 2.07 -30.90
C ALA D 111 -3.44 1.57 -32.34
N ALA D 112 -3.48 0.25 -32.52
CA ALA D 112 -3.42 -0.33 -33.87
C ALA D 112 -4.70 -1.09 -34.21
N SER D 113 -5.01 -1.13 -35.50
CA SER D 113 -6.14 -1.91 -35.97
C SER D 113 -5.81 -2.53 -37.32
N SER D 114 -6.57 -3.57 -37.66
CA SER D 114 -6.53 -4.18 -38.99
C SER D 114 -7.76 -5.06 -39.14
N GLY D 115 -8.58 -4.79 -40.16
CA GLY D 115 -9.62 -5.76 -40.50
C GLY D 115 -9.07 -7.06 -41.03
N THR D 116 -7.78 -7.10 -41.36
CA THR D 116 -7.11 -8.27 -41.91
C THR D 116 -5.85 -8.55 -41.09
N SER D 117 -6.01 -8.69 -39.77
CA SER D 117 -4.89 -9.08 -38.92
C SER D 117 -4.33 -10.43 -39.34
N ASP D 118 -3.04 -10.62 -39.07
CA ASP D 118 -2.35 -11.82 -39.51
C ASP D 118 -2.82 -13.05 -38.77
N GLN D 119 -3.34 -12.89 -37.55
CA GLN D 119 -3.68 -14.00 -36.69
C GLN D 119 -4.91 -13.63 -35.86
N ILE D 120 -5.44 -14.61 -35.13
CA ILE D 120 -6.59 -14.32 -34.27
C ILE D 120 -6.15 -13.80 -32.91
N ILE D 121 -5.15 -14.47 -32.32
CA ILE D 121 -4.47 -14.09 -31.08
C ILE D 121 -2.99 -14.25 -31.39
N PRO D 122 -2.13 -13.31 -30.94
CA PRO D 122 -2.36 -12.03 -30.25
C PRO D 122 -3.10 -10.98 -31.08
N GLY D 123 -3.47 -9.89 -30.43
CA GLY D 123 -4.05 -8.77 -31.15
C GLY D 123 -3.03 -8.12 -32.06
N HIS D 124 -3.55 -7.44 -33.08
CA HIS D 124 -2.71 -6.82 -34.10
C HIS D 124 -1.66 -5.89 -33.51
N GLY D 125 -2.06 -5.09 -32.52
CA GLY D 125 -1.20 -4.03 -32.00
C GLY D 125 0.11 -4.55 -31.44
N VAL D 126 0.06 -5.61 -30.64
CA VAL D 126 1.29 -6.09 -30.03
C VAL D 126 2.18 -6.77 -31.07
N MET D 127 1.62 -7.19 -32.21
CA MET D 127 2.46 -7.68 -33.30
C MET D 127 3.13 -6.54 -34.07
N VAL D 128 2.42 -5.41 -34.21
CA VAL D 128 3.03 -4.18 -34.70
C VAL D 128 4.17 -3.75 -33.78
N HIS D 129 3.91 -3.76 -32.46
CA HIS D 129 4.95 -3.47 -31.47
C HIS D 129 6.14 -4.40 -31.65
N GLY D 130 5.87 -5.69 -31.82
CA GLY D 130 6.96 -6.64 -32.03
C GLY D 130 7.78 -6.33 -33.27
N GLU D 131 7.17 -5.70 -34.27
CA GLU D 131 7.92 -5.35 -35.46
C GLU D 131 8.72 -4.08 -35.25
N LEU D 132 8.14 -3.10 -34.55
CA LEU D 132 8.77 -1.80 -34.38
C LEU D 132 9.93 -1.86 -33.39
N LYS D 133 9.78 -2.66 -32.33
CA LYS D 133 10.81 -2.91 -31.33
C LYS D 133 11.18 -1.67 -30.54
N ASN D 134 10.33 -0.64 -30.54
CA ASN D 134 10.52 0.48 -29.64
C ASN D 134 10.41 0.01 -28.19
N LYS D 135 10.85 0.84 -27.25
CA LYS D 135 10.87 0.44 -25.84
C LYS D 135 9.44 0.17 -25.34
N PRO D 136 9.30 -0.66 -24.31
CA PRO D 136 7.96 -1.02 -23.82
C PRO D 136 7.06 0.19 -23.61
N CYS D 137 5.82 0.08 -24.06
CA CYS D 137 4.85 1.16 -23.95
C CYS D 137 3.45 0.55 -23.96
N GLU D 138 2.45 1.41 -23.76
CA GLU D 138 1.07 0.99 -23.87
C GLU D 138 0.72 0.64 -25.31
N VAL D 139 0.12 -0.53 -25.51
CA VAL D 139 -0.29 -0.95 -26.85
C VAL D 139 -1.73 -1.46 -26.76
N ILE D 140 -2.62 -0.87 -27.56
CA ILE D 140 -3.99 -1.38 -27.64
C ILE D 140 -4.30 -1.72 -29.10
N SER D 141 -5.22 -2.66 -29.29
CA SER D 141 -5.69 -3.04 -30.63
C SER D 141 -7.19 -2.87 -30.67
N THR D 142 -7.71 -2.26 -31.74
CA THR D 142 -9.14 -2.28 -32.01
C THR D 142 -9.41 -3.17 -33.21
N SER D 143 -10.66 -3.62 -33.32
CA SER D 143 -11.01 -4.55 -34.37
C SER D 143 -12.32 -4.13 -35.02
N GLY D 144 -12.55 -4.66 -36.21
CA GLY D 144 -13.65 -4.26 -37.05
C GLY D 144 -13.16 -4.14 -38.48
N ALA D 145 -13.77 -3.24 -39.27
CA ALA D 145 -13.37 -3.05 -40.65
C ALA D 145 -12.96 -1.59 -40.83
N CYS D 146 -13.63 -0.84 -41.73
CA CYS D 146 -13.21 0.53 -42.06
C CYS D 146 -13.22 1.43 -40.82
N ALA D 147 -14.22 1.26 -39.93
CA ALA D 147 -14.28 2.15 -38.78
C ALA D 147 -13.21 1.85 -37.73
N ALA D 148 -12.60 0.66 -37.75
CA ALA D 148 -11.62 0.31 -36.72
C ALA D 148 -10.45 1.25 -36.74
N GLY D 149 -10.10 1.79 -37.91
CA GLY D 149 -9.02 2.76 -37.97
C GLY D 149 -9.34 4.03 -37.23
N MET D 150 -10.64 4.36 -37.14
CA MET D 150 -11.08 5.56 -36.46
C MET D 150 -11.33 5.34 -34.98
N THR D 151 -11.72 4.14 -34.56
CA THR D 151 -11.79 3.89 -33.13
C THR D 151 -10.40 3.78 -32.52
N ALA D 152 -9.42 3.28 -33.29
CA ALA D 152 -8.05 3.32 -32.83
C ALA D 152 -7.56 4.75 -32.70
N MET D 153 -7.93 5.60 -33.66
CA MET D 153 -7.54 7.00 -33.57
C MET D 153 -8.27 7.70 -32.44
N LYS D 154 -9.55 7.39 -32.24
CA LYS D 154 -10.26 8.07 -31.16
C LYS D 154 -9.67 7.69 -29.80
N TYR D 155 -9.18 6.46 -29.64
CA TYR D 155 -8.50 6.10 -28.40
C TYR D 155 -7.29 6.99 -28.18
N ALA D 156 -6.42 7.09 -29.19
CA ALA D 156 -5.26 8.00 -29.11
C ALA D 156 -5.69 9.43 -28.84
N TYR D 157 -6.82 9.84 -29.42
CA TYR D 157 -7.36 11.18 -29.19
C TYR D 157 -7.75 11.37 -27.73
N LEU D 158 -8.48 10.41 -27.18
CA LEU D 158 -8.93 10.52 -25.78
C LEU D 158 -7.77 10.37 -24.81
N SER D 159 -6.81 9.51 -25.14
CA SER D 159 -5.61 9.39 -24.32
C SER D 159 -4.93 10.75 -24.18
N VAL D 160 -4.80 11.49 -25.28
CA VAL D 160 -4.20 12.82 -25.21
C VAL D 160 -5.19 13.83 -24.65
N LEU D 161 -6.46 13.75 -25.06
CA LEU D 161 -7.47 14.67 -24.55
C LEU D 161 -7.62 14.56 -23.04
N SER D 162 -7.61 13.34 -22.51
CA SER D 162 -7.81 13.14 -21.07
C SER D 162 -6.60 13.56 -20.25
N GLY D 163 -5.49 13.91 -20.91
CA GLY D 163 -4.26 14.10 -20.17
C GLY D 163 -3.72 12.84 -19.56
N ALA D 164 -4.11 11.67 -20.08
CA ALA D 164 -3.41 10.45 -19.69
C ALA D 164 -2.05 10.38 -20.36
N THR D 165 -1.93 10.95 -21.55
CA THR D 165 -0.66 11.09 -22.23
C THR D 165 -0.63 12.45 -22.93
N SER D 166 0.55 12.80 -23.40
CA SER D 166 0.75 14.02 -24.15
C SER D 166 1.01 13.74 -25.62
N ASN D 167 1.31 12.48 -25.96
CA ASN D 167 1.30 12.05 -27.34
C ASN D 167 0.66 10.67 -27.40
N ALA D 168 0.29 10.26 -28.61
CA ALA D 168 -0.30 8.95 -28.85
C ALA D 168 -0.24 8.69 -30.35
N VAL D 169 0.19 7.50 -30.76
CA VAL D 169 0.26 7.12 -32.17
C VAL D 169 -0.90 6.17 -32.46
N SER D 170 -1.60 6.42 -33.57
CA SER D 170 -2.63 5.50 -34.05
C SER D 170 -2.23 5.01 -35.44
N THR D 171 -2.55 3.75 -35.73
CA THR D 171 -2.14 3.14 -36.99
C THR D 171 -3.18 2.10 -37.37
N THR D 172 -3.26 1.83 -38.68
CA THR D 172 -4.16 0.81 -39.20
C THR D 172 -3.55 0.29 -40.48
N SER D 173 -3.76 -1.01 -40.74
CA SER D 173 -3.18 -1.66 -41.91
C SER D 173 -4.20 -2.62 -42.50
N GLU D 174 -4.24 -2.70 -43.83
CA GLU D 174 -5.13 -3.63 -44.52
C GLU D 174 -4.34 -4.41 -45.54
N VAL D 175 -4.36 -5.74 -45.42
CA VAL D 175 -3.83 -6.60 -46.47
C VAL D 175 -4.90 -7.58 -46.93
N PRO D 176 -6.04 -7.12 -47.46
CA PRO D 176 -7.03 -8.08 -47.96
C PRO D 176 -6.50 -9.00 -49.06
N SER D 177 -5.40 -8.63 -49.72
CA SER D 177 -4.75 -9.54 -50.66
C SER D 177 -4.50 -10.92 -50.07
N THR D 178 -4.29 -11.00 -48.74
CA THR D 178 -4.11 -12.29 -48.09
C THR D 178 -5.27 -13.24 -48.37
N VAL D 179 -6.50 -12.71 -48.38
CA VAL D 179 -7.69 -13.52 -48.57
C VAL D 179 -8.39 -13.26 -49.89
N LEU D 180 -7.93 -12.29 -50.69
CA LEU D 180 -8.38 -12.19 -52.07
C LEU D 180 -7.55 -13.04 -53.02
N HIS D 181 -6.34 -13.41 -52.62
CA HIS D 181 -5.49 -14.35 -53.36
C HIS D 181 -6.26 -15.63 -53.70
N ALA D 182 -6.01 -16.16 -54.89
CA ALA D 182 -6.80 -17.32 -55.35
C ALA D 182 -6.59 -18.55 -54.48
N ARG D 183 -5.50 -18.59 -53.70
CA ARG D 183 -5.06 -19.76 -52.94
C ARG D 183 -6.20 -20.55 -52.30
N ASN D 184 -6.99 -19.89 -51.46
CA ASN D 184 -8.07 -20.52 -50.73
C ASN D 184 -9.40 -19.89 -51.11
N PHE D 185 -9.41 -19.21 -52.23
CA PHE D 185 -10.52 -18.31 -52.53
C PHE D 185 -11.76 -19.06 -53.02
N GLN D 186 -11.57 -20.15 -53.76
CA GLN D 186 -12.70 -20.95 -54.25
C GLN D 186 -13.04 -22.06 -53.27
N SER D 187 -14.31 -22.16 -52.93
CA SER D 187 -14.76 -23.22 -52.05
C SER D 187 -14.75 -24.54 -52.81
N GLU D 188 -14.66 -25.65 -52.05
CA GLU D 188 -14.77 -26.98 -52.63
C GLU D 188 -16.14 -27.19 -53.29
N ASN D 189 -17.21 -26.68 -52.66
CA ASN D 189 -18.55 -26.78 -53.22
C ASN D 189 -18.68 -26.00 -54.53
N GLU D 190 -18.14 -24.77 -54.57
CA GLU D 190 -18.10 -24.01 -55.82
C GLU D 190 -17.32 -24.75 -56.90
N ALA D 191 -16.13 -25.27 -56.55
CA ALA D 191 -15.33 -26.03 -57.52
C ALA D 191 -16.08 -27.25 -58.03
N ARG D 192 -16.87 -27.89 -57.14
CA ARG D 192 -17.67 -29.05 -57.53
C ARG D 192 -18.75 -28.66 -58.56
N VAL D 193 -19.37 -27.48 -58.39
CA VAL D 193 -20.36 -27.01 -59.36
C VAL D 193 -19.71 -26.61 -60.67
N ALA D 194 -18.53 -25.98 -60.60
CA ALA D 194 -17.80 -25.55 -61.80
C ALA D 194 -17.33 -26.74 -62.63
N GLU D 195 -16.92 -27.83 -61.97
CA GLU D 195 -16.54 -29.04 -62.69
C GLU D 195 -17.77 -29.68 -63.35
N LEU D 196 -18.93 -29.60 -62.70
CA LEU D 196 -20.14 -30.27 -63.17
C LEU D 196 -20.80 -29.49 -64.30
N GLU D 197 -20.96 -28.18 -64.13
CA GLU D 197 -21.66 -27.36 -65.10
C GLU D 197 -20.72 -26.75 -66.14
N ARG D 198 -19.42 -27.07 -66.09
CA ARG D 198 -18.40 -26.55 -66.99
C ARG D 198 -18.52 -25.03 -67.19
N ARG D 199 -18.44 -24.32 -66.07
CA ARG D 199 -18.62 -22.87 -66.04
C ARG D 199 -18.05 -22.35 -64.73
N PRO D 200 -17.53 -21.12 -64.72
CA PRO D 200 -17.01 -20.56 -63.46
C PRO D 200 -18.10 -20.43 -62.40
N GLU D 201 -17.71 -20.69 -61.15
CA GLU D 201 -18.59 -20.58 -59.97
C GLU D 201 -17.83 -19.89 -58.85
N ILE D 202 -18.09 -18.60 -58.66
CA ILE D 202 -17.63 -17.84 -57.50
C ILE D 202 -18.78 -16.95 -57.07
N ALA D 203 -19.18 -17.07 -55.81
CA ALA D 203 -20.27 -16.23 -55.30
C ALA D 203 -19.93 -14.76 -55.51
N PHE D 204 -20.90 -14.00 -56.02
CA PHE D 204 -20.68 -12.57 -56.18
C PHE D 204 -20.46 -11.88 -54.83
N GLU D 205 -20.95 -12.50 -53.74
CA GLU D 205 -20.60 -12.04 -52.40
C GLU D 205 -19.09 -11.88 -52.22
N LYS D 206 -18.32 -12.76 -52.84
CA LYS D 206 -16.86 -12.69 -52.77
C LYS D 206 -16.27 -11.75 -53.82
N ASP D 207 -16.65 -11.92 -55.09
CA ASP D 207 -15.97 -11.22 -56.17
C ASP D 207 -16.19 -9.72 -56.11
N PHE D 208 -17.32 -9.28 -55.54
CA PHE D 208 -17.56 -7.85 -55.42
C PHE D 208 -16.44 -7.18 -54.63
N LEU D 209 -15.93 -7.86 -53.63
CA LEU D 209 -14.84 -7.30 -52.84
C LEU D 209 -13.50 -7.59 -53.48
N ARG D 210 -13.41 -8.67 -54.25
CA ARG D 210 -12.11 -9.05 -54.80
C ARG D 210 -11.57 -8.03 -55.78
N TRP D 211 -12.43 -7.27 -56.44
CA TRP D 211 -12.01 -6.22 -57.35
C TRP D 211 -12.17 -4.83 -56.73
N MET D 212 -12.41 -4.77 -55.42
CA MET D 212 -12.58 -3.48 -54.75
C MET D 212 -11.60 -3.24 -53.60
N LEU D 213 -11.32 -4.25 -52.78
CA LEU D 213 -10.46 -4.05 -51.62
C LEU D 213 -9.00 -4.29 -51.97
N SER D 214 -8.14 -3.40 -51.48
CA SER D 214 -6.70 -3.55 -51.69
C SER D 214 -5.94 -3.11 -50.44
N ASP D 215 -4.61 -3.13 -50.54
CA ASP D 215 -3.71 -3.03 -49.41
C ASP D 215 -3.17 -1.62 -49.21
N GLY D 216 -2.88 -1.28 -47.95
CA GLY D 216 -2.34 0.01 -47.55
C GLY D 216 -2.29 0.14 -46.04
N ALA D 217 -1.40 1.00 -45.53
CA ALA D 217 -1.32 1.25 -44.11
C ALA D 217 -1.15 2.75 -43.86
N GLY D 218 -1.67 3.22 -42.72
CA GLY D 218 -1.48 4.59 -42.33
C GLY D 218 -1.20 4.69 -40.84
N ALA D 219 -0.62 5.83 -40.44
CA ALA D 219 -0.34 6.11 -39.04
C ALA D 219 -0.48 7.61 -38.80
N ALA D 220 -0.76 7.98 -37.56
CA ALA D 220 -0.96 9.38 -37.18
C ALA D 220 -0.39 9.65 -35.80
N LEU D 221 0.38 10.74 -35.67
CA LEU D 221 0.90 11.18 -34.39
C LEU D 221 -0.01 12.26 -33.84
N LEU D 222 -0.52 12.05 -32.63
CA LEU D 222 -1.37 13.02 -31.95
C LEU D 222 -0.61 13.56 -30.74
N GLU D 223 -0.73 14.87 -30.50
CA GLU D 223 0.00 15.56 -29.44
C GLU D 223 -0.92 16.56 -28.76
N ASN D 224 -0.50 17.03 -27.57
CA ASN D 224 -1.23 18.03 -26.78
C ASN D 224 -0.96 19.46 -27.22
N LYS D 225 0.05 19.69 -28.05
CA LYS D 225 0.37 21.00 -28.58
C LYS D 225 0.74 20.87 -30.04
N PRO D 226 0.27 21.78 -30.90
CA PRO D 226 0.65 21.72 -32.31
C PRO D 226 2.16 21.87 -32.45
N ARG D 227 2.67 21.38 -33.56
CA ARG D 227 4.08 21.60 -33.82
C ARG D 227 4.35 23.10 -33.95
N PRO D 228 5.57 23.54 -33.68
CA PRO D 228 5.88 24.97 -33.88
C PRO D 228 5.85 25.35 -35.36
N ASP D 229 6.47 24.54 -36.20
CA ASP D 229 6.48 24.72 -37.64
C ASP D 229 5.41 23.84 -38.29
N GLY D 230 5.16 24.11 -39.57
CA GLY D 230 4.18 23.35 -40.32
C GLY D 230 2.76 23.56 -39.80
N VAL D 231 1.85 22.82 -40.42
CA VAL D 231 0.46 22.82 -40.01
C VAL D 231 0.23 21.65 -39.07
N SER D 232 -0.87 21.71 -38.34
CA SER D 232 -1.21 20.70 -37.35
C SER D 232 -2.72 20.65 -37.27
N LEU D 233 -3.30 19.50 -37.60
CA LEU D 233 -4.75 19.38 -37.63
C LEU D 233 -5.26 19.19 -36.21
N ARG D 234 -5.86 20.24 -35.66
CA ARG D 234 -6.42 20.13 -34.34
C ARG D 234 -7.69 19.30 -34.40
N ILE D 235 -7.68 18.15 -33.72
CA ILE D 235 -8.87 17.30 -33.67
C ILE D 235 -9.92 18.02 -32.82
N ASP D 236 -10.98 18.50 -33.46
CA ASP D 236 -12.03 19.17 -32.72
C ASP D 236 -12.97 18.17 -32.06
N TRP D 237 -13.31 17.08 -32.74
CA TRP D 237 -14.13 16.02 -32.15
C TRP D 237 -14.10 14.80 -33.07
N ILE D 238 -14.56 13.67 -32.52
CA ILE D 238 -14.73 12.42 -33.26
C ILE D 238 -15.98 11.72 -32.74
N ASP D 239 -17.05 11.75 -33.53
CA ASP D 239 -18.32 11.10 -33.17
C ASP D 239 -18.52 9.82 -33.96
N ILE D 240 -19.10 8.80 -33.34
CA ILE D 240 -19.21 7.47 -33.95
C ILE D 240 -20.53 6.84 -33.54
N TYR D 241 -21.26 6.25 -34.50
CA TYR D 241 -22.54 5.61 -34.21
C TYR D 241 -22.64 4.24 -34.87
N SER D 242 -23.12 3.26 -34.11
CA SER D 242 -23.41 1.95 -34.63
C SER D 242 -24.92 1.77 -34.74
N PHE D 243 -25.36 1.22 -35.87
CA PHE D 243 -26.77 0.91 -36.07
C PHE D 243 -27.01 -0.59 -36.14
N ALA D 244 -26.07 -1.37 -35.61
CA ALA D 244 -26.23 -2.81 -35.58
C ALA D 244 -27.43 -3.25 -34.76
N ASN D 245 -28.09 -2.33 -34.05
CA ASN D 245 -29.25 -2.71 -33.25
C ASN D 245 -30.37 -3.22 -34.12
N GLU D 246 -30.51 -2.65 -35.33
CA GLU D 246 -31.57 -3.06 -36.24
C GLU D 246 -31.08 -3.47 -37.62
N GLN D 247 -29.80 -3.35 -37.92
CA GLN D 247 -29.27 -3.74 -39.22
C GLN D 247 -28.58 -5.08 -39.10
N GLU D 248 -28.79 -5.94 -40.11
CA GLU D 248 -28.09 -7.22 -40.20
C GLU D 248 -26.61 -7.00 -40.50
N THR D 249 -25.83 -8.04 -40.21
CA THR D 249 -24.45 -8.11 -40.67
C THR D 249 -24.43 -7.98 -42.19
N CYS D 250 -23.54 -7.12 -42.70
CA CYS D 250 -23.48 -6.83 -44.12
C CYS D 250 -22.15 -7.22 -44.77
N MET D 251 -21.03 -7.00 -44.08
CA MET D 251 -19.72 -7.46 -44.54
C MET D 251 -19.16 -8.38 -43.45
N TYR D 252 -18.65 -9.53 -43.85
CA TYR D 252 -18.32 -10.53 -42.84
C TYR D 252 -17.24 -11.48 -43.34
N SER D 253 -16.46 -12.00 -42.41
CA SER D 253 -15.49 -13.05 -42.73
C SER D 253 -15.25 -13.85 -41.47
N GLY D 254 -14.81 -15.09 -41.64
CA GLY D 254 -14.75 -15.98 -40.49
C GLY D 254 -16.13 -16.39 -40.03
N GLY D 255 -17.03 -16.64 -40.98
CA GLY D 255 -18.40 -16.99 -40.68
C GLY D 255 -19.24 -16.91 -41.93
N GLU D 256 -20.50 -17.34 -41.78
CA GLU D 256 -21.43 -17.39 -42.90
C GLU D 256 -22.74 -16.71 -42.54
N LYS D 257 -23.27 -15.89 -43.44
CA LYS D 257 -24.56 -15.27 -43.18
C LYS D 257 -25.68 -16.24 -43.58
N LEU D 258 -26.57 -16.53 -42.64
CA LEU D 258 -27.62 -17.53 -42.85
C LEU D 258 -28.88 -16.89 -43.41
N ALA D 259 -29.82 -17.75 -43.81
CA ALA D 259 -31.04 -17.26 -44.46
C ALA D 259 -31.82 -16.28 -43.58
N ASP D 260 -31.82 -16.49 -42.27
CA ASP D 260 -32.54 -15.57 -41.38
C ASP D 260 -31.81 -14.27 -41.14
N GLY D 261 -30.66 -14.05 -41.77
CA GLY D 261 -29.93 -12.81 -41.62
C GLY D 261 -28.86 -12.83 -40.57
N SER D 262 -28.79 -13.89 -39.75
CA SER D 262 -27.82 -13.98 -38.66
C SER D 262 -26.49 -14.50 -39.20
N LEU D 263 -25.44 -14.35 -38.40
CA LEU D 263 -24.11 -14.79 -38.80
C LEU D 263 -23.69 -16.00 -37.97
N LYS D 264 -23.45 -17.11 -38.64
CA LYS D 264 -22.90 -18.30 -38.01
C LYS D 264 -21.37 -18.24 -38.03
N GLY D 265 -20.76 -18.17 -36.84
CA GLY D 265 -19.33 -18.01 -36.76
C GLY D 265 -18.56 -19.26 -37.16
N TRP D 266 -17.30 -19.05 -37.58
CA TRP D 266 -16.51 -20.12 -38.17
C TRP D 266 -16.39 -21.32 -37.24
N ALA D 267 -16.27 -21.08 -35.94
CA ALA D 267 -16.06 -22.20 -35.02
C ALA D 267 -17.35 -23.00 -34.81
N GLN D 268 -18.49 -22.43 -35.12
CA GLN D 268 -19.75 -23.15 -35.09
C GLN D 268 -19.94 -24.04 -36.30
N MET D 269 -18.91 -24.17 -37.13
CA MET D 269 -18.97 -24.94 -38.36
C MET D 269 -17.85 -25.96 -38.35
N SER D 270 -18.04 -27.01 -39.14
CA SER D 270 -17.12 -28.14 -39.12
C SER D 270 -15.86 -27.81 -39.89
N GLN D 271 -14.75 -28.43 -39.47
CA GLN D 271 -13.48 -28.24 -40.16
C GLN D 271 -13.64 -28.46 -41.66
N ALA D 272 -14.55 -29.34 -42.06
CA ALA D 272 -14.79 -29.58 -43.48
C ALA D 272 -15.56 -28.43 -44.11
N ASP D 273 -16.55 -27.90 -43.39
CA ASP D 273 -17.27 -26.71 -43.86
C ASP D 273 -16.34 -25.55 -44.13
N TRP D 274 -15.27 -25.41 -43.33
CA TRP D 274 -14.30 -24.35 -43.58
C TRP D 274 -13.73 -24.43 -44.97
N LEU D 275 -13.64 -25.64 -45.52
CA LEU D 275 -13.07 -25.85 -46.85
C LEU D 275 -14.14 -25.89 -47.94
N ALA D 276 -15.34 -26.35 -47.61
CA ALA D 276 -16.41 -26.42 -48.60
C ALA D 276 -17.14 -25.09 -48.80
N TYR D 277 -16.97 -24.12 -47.89
CA TYR D 277 -17.87 -22.97 -47.85
C TYR D 277 -17.25 -21.58 -47.91
N SER D 278 -15.92 -21.43 -47.98
CA SER D 278 -15.32 -20.08 -48.00
C SER D 278 -15.63 -19.30 -46.74
N VAL D 279 -15.59 -20.00 -45.60
CA VAL D 279 -15.92 -19.37 -44.32
C VAL D 279 -14.96 -18.23 -44.04
N PHE D 280 -13.68 -18.41 -44.40
CA PHE D 280 -12.63 -17.48 -44.03
C PHE D 280 -12.28 -16.46 -45.11
N CYS D 281 -13.06 -16.36 -46.18
CA CYS D 281 -12.88 -15.23 -47.08
C CYS D 281 -13.90 -14.15 -46.72
N ILE D 282 -13.70 -12.94 -47.25
CA ILE D 282 -14.55 -11.80 -46.91
C ILE D 282 -15.69 -11.75 -47.90
N LYS D 283 -16.92 -11.64 -47.38
CA LYS D 283 -18.11 -11.60 -48.21
C LYS D 283 -18.86 -10.29 -47.98
N GLN D 284 -19.67 -9.89 -48.97
CA GLN D 284 -20.52 -8.71 -48.81
C GLN D 284 -21.93 -9.09 -49.26
N ASP D 285 -22.92 -8.80 -48.41
CA ASP D 285 -24.33 -8.90 -48.79
C ASP D 285 -24.63 -7.64 -49.59
N VAL D 286 -24.46 -7.75 -50.93
CA VAL D 286 -24.34 -6.56 -51.77
C VAL D 286 -25.65 -5.79 -51.87
N ARG D 287 -26.78 -6.50 -52.03
CA ARG D 287 -28.07 -5.81 -52.12
C ARG D 287 -28.42 -5.09 -50.82
N TYR D 288 -28.22 -5.78 -49.69
CA TYR D 288 -28.35 -5.14 -48.39
C TYR D 288 -27.46 -3.90 -48.29
N LEU D 289 -26.21 -4.03 -48.74
CA LEU D 289 -25.29 -2.90 -48.77
C LEU D 289 -25.89 -1.74 -49.56
N ASN D 290 -26.31 -2.00 -50.80
CA ASN D 290 -26.79 -0.94 -51.67
C ASN D 290 -28.04 -0.29 -51.12
N GLU D 291 -28.91 -1.08 -50.49
CA GLU D 291 -30.18 -0.55 -49.99
C GLU D 291 -30.01 0.34 -48.76
N ARG D 292 -29.03 0.05 -47.88
CA ARG D 292 -29.00 0.63 -46.53
C ARG D 292 -27.76 1.43 -46.17
N VAL D 293 -26.70 1.43 -46.99
CA VAL D 293 -25.44 2.00 -46.52
C VAL D 293 -25.52 3.52 -46.38
N VAL D 294 -26.28 4.21 -47.23
CA VAL D 294 -26.31 5.68 -47.12
C VAL D 294 -27.05 6.10 -45.87
N LYS D 295 -28.15 5.41 -45.55
CA LYS D 295 -28.99 5.86 -44.44
C LYS D 295 -28.36 5.52 -43.10
N PHE D 296 -27.87 4.30 -42.95
CA PHE D 296 -27.38 3.81 -41.68
C PHE D 296 -25.86 3.91 -41.56
N THR D 297 -25.19 4.61 -42.48
CA THR D 297 -23.82 5.07 -42.19
C THR D 297 -23.62 6.55 -42.45
N LEU D 298 -24.52 7.26 -43.13
CA LEU D 298 -24.34 8.69 -43.35
C LEU D 298 -25.47 9.50 -42.75
N THR D 299 -26.69 9.41 -43.27
CA THR D 299 -27.72 10.38 -42.90
C THR D 299 -28.16 10.22 -41.45
N GLU D 300 -28.38 8.99 -40.99
CA GLU D 300 -28.83 8.79 -39.61
C GLU D 300 -27.81 9.25 -38.58
N PRO D 301 -26.52 8.90 -38.65
CA PRO D 301 -25.58 9.47 -37.69
C PRO D 301 -25.34 10.96 -37.86
N LEU D 302 -25.27 11.46 -39.11
CA LEU D 302 -24.88 12.86 -39.32
C LEU D 302 -25.99 13.85 -38.96
N ARG D 303 -27.25 13.47 -39.10
CA ARG D 303 -28.31 14.39 -38.67
C ARG D 303 -28.31 14.54 -37.15
N ARG D 304 -27.96 13.47 -36.41
CA ARG D 304 -27.75 13.60 -34.97
C ARG D 304 -26.60 14.54 -34.66
N ILE D 305 -25.44 14.32 -35.31
CA ILE D 305 -24.27 15.14 -35.05
C ILE D 305 -24.51 16.58 -35.44
N VAL D 306 -25.14 16.80 -36.61
CA VAL D 306 -25.39 18.16 -37.08
C VAL D 306 -26.24 18.93 -36.07
N ALA D 307 -27.32 18.30 -35.62
CA ALA D 307 -28.15 18.88 -34.55
C ALA D 307 -27.33 19.17 -33.31
N ASP D 308 -26.76 18.12 -32.71
CA ASP D 308 -26.16 18.21 -31.38
C ASP D 308 -24.98 19.16 -31.32
N ARG D 309 -24.30 19.40 -32.43
CA ARG D 309 -23.16 20.31 -32.44
C ARG D 309 -23.46 21.59 -33.21
N ASN D 310 -24.73 21.82 -33.58
CA ASN D 310 -25.14 22.93 -34.44
C ASN D 310 -24.18 23.11 -35.60
N LEU D 311 -24.27 22.24 -36.60
CA LEU D 311 -23.31 22.22 -37.69
C LEU D 311 -23.90 22.92 -38.92
N SER D 312 -23.11 23.80 -39.51
CA SER D 312 -23.46 24.41 -40.79
C SER D 312 -22.59 23.80 -41.87
N SER D 313 -23.22 23.34 -42.95
CA SER D 313 -22.49 22.69 -44.03
C SER D 313 -21.59 23.67 -44.79
N GLU D 314 -21.87 24.96 -44.67
CA GLU D 314 -21.02 25.97 -45.30
C GLU D 314 -19.73 26.20 -44.52
N SER D 315 -19.75 25.91 -43.22
CA SER D 315 -18.53 26.04 -42.41
C SER D 315 -17.46 25.05 -42.84
N ILE D 316 -17.82 24.03 -43.63
CA ILE D 316 -16.90 22.98 -44.01
C ILE D 316 -16.10 23.42 -45.24
N ASP D 317 -14.77 23.43 -45.12
CA ASP D 317 -13.91 23.78 -46.23
C ASP D 317 -13.49 22.56 -47.03
N TRP D 318 -13.18 21.46 -46.35
CA TRP D 318 -12.84 20.20 -47.00
C TRP D 318 -13.76 19.10 -46.50
N PHE D 319 -14.16 18.21 -47.39
CA PHE D 319 -14.88 17.00 -47.03
C PHE D 319 -14.03 15.83 -47.47
N LEU D 320 -13.77 14.90 -46.56
CA LEU D 320 -12.91 13.75 -46.82
C LEU D 320 -13.72 12.48 -46.56
N PRO D 321 -14.56 12.06 -47.54
CA PRO D 321 -15.34 10.83 -47.38
C PRO D 321 -14.65 9.60 -47.94
N HIS D 322 -14.79 8.50 -47.21
CA HIS D 322 -14.40 7.19 -47.72
C HIS D 322 -15.65 6.54 -48.29
N TYR D 323 -15.95 6.81 -49.55
CA TYR D 323 -17.16 6.29 -50.16
C TYR D 323 -16.93 4.97 -50.88
N SER D 324 -15.68 4.49 -50.94
CA SER D 324 -15.31 3.13 -51.31
C SER D 324 -15.44 2.82 -52.80
N SER D 325 -16.49 3.33 -53.44
CA SER D 325 -16.82 2.97 -54.81
C SER D 325 -17.46 4.16 -55.50
N GLU D 326 -17.06 4.38 -56.76
CA GLU D 326 -17.67 5.42 -57.57
C GLU D 326 -19.19 5.29 -57.56
N TYR D 327 -19.71 4.07 -57.49
CA TYR D 327 -21.14 3.85 -57.43
C TYR D 327 -21.79 4.63 -56.30
N PHE D 328 -21.05 4.90 -55.23
CA PHE D 328 -21.62 5.48 -54.02
C PHE D 328 -21.35 6.96 -53.85
N ARG D 329 -20.46 7.54 -54.66
CA ARG D 329 -20.07 8.93 -54.48
C ARG D 329 -21.28 9.86 -54.42
N MET D 330 -22.13 9.81 -55.44
CA MET D 330 -23.27 10.72 -55.53
C MET D 330 -24.49 10.22 -54.77
N LYS D 331 -24.56 8.92 -54.45
CA LYS D 331 -25.58 8.45 -53.52
C LYS D 331 -25.33 8.98 -52.12
N PHE D 332 -24.06 9.08 -51.72
CA PHE D 332 -23.74 9.70 -50.43
C PHE D 332 -24.02 11.20 -50.47
N SER D 333 -23.63 11.88 -51.56
CA SER D 333 -23.94 13.30 -51.70
C SER D 333 -25.45 13.53 -51.62
N GLU D 334 -26.23 12.64 -52.23
CA GLU D 334 -27.68 12.69 -52.08
C GLU D 334 -28.09 12.58 -50.62
N GLY D 335 -27.33 11.82 -49.83
CA GLY D 335 -27.64 11.70 -48.42
C GLY D 335 -27.48 13.01 -47.67
N LEU D 336 -26.39 13.73 -47.94
CA LEU D 336 -26.20 15.08 -47.40
C LEU D 336 -27.38 15.99 -47.75
N ASP D 337 -27.92 15.86 -48.96
CA ASP D 337 -29.06 16.69 -49.35
C ASP D 337 -30.27 16.40 -48.48
N ASP D 338 -30.59 15.12 -48.25
CA ASP D 338 -31.79 14.78 -47.49
C ASP D 338 -31.79 15.39 -46.10
N ILE D 339 -30.62 15.51 -45.47
CA ILE D 339 -30.52 16.04 -44.11
C ILE D 339 -30.04 17.50 -44.13
N ASN D 340 -30.08 18.16 -45.28
CA ASN D 340 -29.80 19.59 -45.40
C ASN D 340 -28.34 19.92 -45.07
N PHE D 341 -27.42 19.01 -45.39
CA PHE D 341 -26.01 19.26 -45.17
C PHE D 341 -25.24 19.15 -46.48
N SER D 342 -25.73 19.79 -47.53
CA SER D 342 -25.13 19.63 -48.86
C SER D 342 -23.70 20.14 -48.90
N ILE D 343 -22.86 19.43 -49.62
CA ILE D 343 -21.47 19.82 -49.87
C ILE D 343 -21.17 19.55 -51.33
N GLU D 344 -20.71 20.56 -52.05
CA GLU D 344 -20.44 20.43 -53.47
C GLU D 344 -19.14 19.66 -53.71
N GLN D 345 -19.08 18.99 -54.86
CA GLN D 345 -17.94 18.17 -55.22
C GLN D 345 -16.61 18.92 -55.25
N GLU D 346 -16.62 20.25 -55.24
CA GLU D 346 -15.35 20.95 -55.28
C GLU D 346 -14.65 20.92 -53.93
N ARG D 347 -15.42 20.72 -52.86
CA ARG D 347 -14.87 20.62 -51.51
C ARG D 347 -14.70 19.19 -51.03
N TRP D 348 -14.98 18.20 -51.89
CA TRP D 348 -14.65 16.81 -51.61
C TRP D 348 -13.22 16.52 -52.02
N PHE D 349 -12.49 15.83 -51.16
CA PHE D 349 -11.14 15.40 -51.48
C PHE D 349 -11.05 13.89 -51.32
N THR D 350 -10.58 13.20 -52.36
CA THR D 350 -10.26 11.78 -52.23
C THR D 350 -9.16 11.41 -53.20
N ASN D 351 -8.57 10.23 -52.96
CA ASN D 351 -7.58 9.64 -53.84
C ASN D 351 -7.88 8.16 -54.08
N LEU D 352 -9.16 7.79 -53.95
CA LEU D 352 -9.61 6.42 -54.09
C LEU D 352 -9.24 5.82 -55.45
N THR D 353 -9.43 6.58 -56.54
CA THR D 353 -9.23 6.02 -57.88
C THR D 353 -7.78 5.61 -58.12
N VAL D 354 -6.85 6.33 -57.50
CA VAL D 354 -5.42 6.11 -57.71
C VAL D 354 -4.81 5.23 -56.65
N LYS D 355 -5.27 5.36 -55.40
CA LYS D 355 -4.68 4.66 -54.27
C LYS D 355 -5.30 3.29 -54.05
N GLY D 356 -6.58 3.12 -54.40
CA GLY D 356 -7.33 1.94 -54.06
C GLY D 356 -8.23 2.17 -52.87
N ASN D 357 -9.18 1.26 -52.70
CA ASN D 357 -9.98 1.21 -51.47
C ASN D 357 -9.18 0.40 -50.47
N THR D 358 -8.45 1.09 -49.60
CA THR D 358 -7.65 0.46 -48.56
C THR D 358 -8.41 0.34 -47.24
N GLY D 359 -9.73 0.50 -47.25
CA GLY D 359 -10.52 0.24 -46.07
C GLY D 359 -10.28 1.17 -44.90
N SER D 360 -9.90 0.60 -43.75
CA SER D 360 -9.63 1.42 -42.56
C SER D 360 -8.49 2.40 -42.79
N ALA D 361 -7.54 2.07 -43.67
CA ALA D 361 -6.42 2.95 -43.96
C ALA D 361 -6.77 4.12 -44.85
N SER D 362 -8.00 4.18 -45.38
CA SER D 362 -8.32 5.15 -46.42
C SER D 362 -8.22 6.58 -45.91
N ILE D 363 -8.67 6.84 -44.68
CA ILE D 363 -8.67 8.21 -44.17
C ILE D 363 -7.25 8.65 -43.83
N TYR D 364 -6.37 7.72 -43.47
CA TYR D 364 -4.97 8.09 -43.28
C TYR D 364 -4.31 8.48 -44.59
N ILE D 365 -4.61 7.73 -45.66
CA ILE D 365 -4.01 7.97 -46.96
C ILE D 365 -4.51 9.26 -47.59
N MET D 366 -5.77 9.61 -47.33
CA MET D 366 -6.30 10.90 -47.76
C MET D 366 -5.64 12.05 -47.01
N LEU D 367 -5.54 11.94 -45.69
CA LEU D 367 -4.95 13.01 -44.88
C LEU D 367 -3.45 13.15 -45.11
N ASP D 368 -2.77 12.06 -45.50
CA ASP D 368 -1.34 12.13 -45.77
C ASP D 368 -1.04 12.89 -47.06
N GLU D 369 -1.91 12.72 -48.07
CA GLU D 369 -1.75 13.45 -49.32
C GLU D 369 -2.15 14.90 -49.16
N LEU D 370 -3.26 15.14 -48.45
CA LEU D 370 -3.77 16.51 -48.24
C LEU D 370 -2.85 17.33 -47.35
N MET D 371 -2.34 16.73 -46.26
CA MET D 371 -1.42 17.45 -45.39
C MET D 371 -0.12 17.79 -46.09
N LYS D 372 0.28 17.01 -47.08
CA LYS D 372 1.49 17.27 -47.85
C LYS D 372 1.21 18.06 -49.13
N SER D 373 -0.04 18.46 -49.36
CA SER D 373 -0.36 19.15 -50.61
C SER D 373 0.08 20.60 -50.58
N GLY D 374 0.13 21.20 -49.39
CA GLY D 374 0.24 22.64 -49.27
C GLY D 374 -1.07 23.38 -49.46
N LYS D 375 -2.14 22.66 -49.84
CA LYS D 375 -3.44 23.26 -50.09
C LYS D 375 -4.23 23.48 -48.82
N LEU D 376 -3.68 23.10 -47.66
CA LEU D 376 -4.33 23.35 -46.39
C LEU D 376 -3.90 24.71 -45.87
N LYS D 377 -4.88 25.53 -45.48
CA LYS D 377 -4.66 26.87 -44.95
C LYS D 377 -5.22 26.96 -43.54
N LYS D 378 -4.56 27.76 -42.69
CA LYS D 378 -4.98 27.89 -41.29
C LYS D 378 -6.45 28.31 -41.19
N ASP D 379 -7.12 27.81 -40.17
CA ASP D 379 -8.54 27.98 -39.82
C ASP D 379 -9.47 27.20 -40.77
N GLN D 380 -8.98 26.68 -41.90
CA GLN D 380 -9.79 25.80 -42.75
C GLN D 380 -10.28 24.61 -41.96
N ARG D 381 -11.56 24.32 -42.08
CA ARG D 381 -12.19 23.19 -41.39
C ARG D 381 -12.32 22.00 -42.33
N LEU D 382 -11.83 20.84 -41.89
CA LEU D 382 -12.04 19.59 -42.59
C LEU D 382 -13.06 18.75 -41.83
N LEU D 383 -13.92 18.05 -42.56
CA LEU D 383 -14.84 17.08 -41.97
C LEU D 383 -14.58 15.72 -42.61
N CYS D 384 -14.33 14.72 -41.78
CA CYS D 384 -13.93 13.39 -42.22
C CYS D 384 -15.08 12.40 -42.03
N PHE D 385 -15.37 11.60 -43.05
CA PHE D 385 -16.47 10.62 -43.00
C PHE D 385 -15.94 9.24 -43.36
N ILE D 386 -16.07 8.30 -42.42
CA ILE D 386 -15.60 6.92 -42.58
C ILE D 386 -16.74 5.96 -42.30
N PRO D 387 -17.47 5.49 -43.31
CA PRO D 387 -18.53 4.51 -43.06
C PRO D 387 -17.94 3.11 -42.96
N GLU D 388 -18.66 2.26 -42.24
CA GLU D 388 -18.29 0.85 -42.13
C GLU D 388 -19.56 0.04 -42.36
N SER D 389 -19.58 -0.74 -43.43
CA SER D 389 -20.80 -1.46 -43.78
C SER D 389 -20.94 -2.76 -43.01
N ALA D 390 -19.84 -3.29 -42.47
CA ALA D 390 -19.80 -4.54 -41.71
C ALA D 390 -21.08 -4.81 -40.92
N ARG D 391 -21.48 -3.87 -40.07
CA ARG D 391 -22.83 -3.86 -39.56
C ARG D 391 -23.27 -2.43 -39.32
N PHE D 392 -22.88 -1.54 -40.23
CA PHE D 392 -23.37 -0.18 -40.36
C PHE D 392 -22.97 0.70 -39.20
N THR D 393 -21.73 1.18 -39.25
CA THR D 393 -21.23 2.21 -38.36
C THR D 393 -20.84 3.42 -39.19
N GLY D 394 -21.17 4.61 -38.70
CA GLY D 394 -20.65 5.84 -39.24
C GLY D 394 -19.71 6.56 -38.28
N ALA D 395 -18.49 6.88 -38.72
CA ALA D 395 -17.53 7.63 -37.92
C ALA D 395 -17.24 8.97 -38.57
N PHE D 396 -17.18 10.02 -37.76
CA PHE D 396 -17.01 11.39 -38.24
C PHE D 396 -15.92 12.11 -37.46
N MET D 397 -15.04 12.83 -38.15
CA MET D 397 -13.99 13.58 -37.46
C MET D 397 -13.82 15.00 -38.02
N HIS D 398 -13.85 15.99 -37.11
CA HIS D 398 -13.65 17.39 -37.46
C HIS D 398 -12.21 17.82 -37.17
N LEU D 399 -11.61 18.50 -38.13
CA LEU D 399 -10.29 19.08 -37.94
C LEU D 399 -10.33 20.57 -38.23
N THR D 400 -9.33 21.29 -37.71
CA THR D 400 -9.17 22.73 -37.94
C THR D 400 -7.69 23.01 -38.10
N VAL D 401 -7.27 23.48 -39.28
CA VAL D 401 -5.85 23.69 -39.52
C VAL D 401 -5.31 24.77 -38.59
N VAL D 402 -4.08 24.59 -38.10
CA VAL D 402 -3.42 25.57 -37.26
C VAL D 402 -1.93 25.67 -37.61
CAH 2K3 E . 6.59 9.88 18.24
OAE 2K3 E . 5.89 9.17 18.95
CAF 2K3 E . 7.19 9.37 16.94
CAI 2K3 E . 6.09 8.91 16.00
CAG 2K3 E . 6.50 8.94 14.50
CAJ 2K3 E . 5.64 8.04 13.60
CAB 2K3 E . 6.38 7.83 12.25
CAA 2K3 E . 4.28 8.69 13.36
OAD 2K3 E . 4.98 8.54 16.41
CAH 2K3 F . -4.88 -14.24 -20.77
OAE 2K3 F . -4.10 -13.60 -21.45
CAF 2K3 F . -4.78 -15.77 -20.63
CAI 2K3 F . -3.35 -16.28 -20.50
CAG 2K3 F . -3.25 -17.65 -19.80
CAJ 2K3 F . -1.78 -17.99 -19.49
CAB 2K3 F . -1.71 -19.48 -19.12
CAA 2K3 F . -1.21 -17.10 -18.35
OAD 2K3 F . -2.36 -15.68 -20.94
#